data_1XEP
# 
_entry.id   1XEP 
# 
_audit_conform.dict_name       mmcif_pdbx.dic 
_audit_conform.dict_version    5.386 
_audit_conform.dict_location   http://mmcif.pdb.org/dictionaries/ascii/mmcif_pdbx.dic 
# 
loop_
_database_2.database_id 
_database_2.database_code 
_database_2.pdbx_database_accession 
_database_2.pdbx_DOI 
PDB   1XEP         pdb_00001xep 10.2210/pdb1xep/pdb 
RCSB  RCSB030275   ?            ?                   
WWPDB D_1000030275 ?            ?                   
# 
loop_
_pdbx_audit_revision_history.ordinal 
_pdbx_audit_revision_history.data_content_type 
_pdbx_audit_revision_history.major_revision 
_pdbx_audit_revision_history.minor_revision 
_pdbx_audit_revision_history.revision_date 
1 'Structure model' 1 0 2005-05-31 
2 'Structure model' 1 1 2008-04-30 
3 'Structure model' 1 2 2011-07-13 
4 'Structure model' 1 3 2021-10-20 
5 'Structure model' 1 4 2024-02-14 
# 
_pdbx_audit_revision_details.ordinal             1 
_pdbx_audit_revision_details.revision_ordinal    1 
_pdbx_audit_revision_details.data_content_type   'Structure model' 
_pdbx_audit_revision_details.provider            repository 
_pdbx_audit_revision_details.type                'Initial release' 
_pdbx_audit_revision_details.description         ? 
_pdbx_audit_revision_details.details             ? 
# 
loop_
_pdbx_audit_revision_group.ordinal 
_pdbx_audit_revision_group.revision_ordinal 
_pdbx_audit_revision_group.data_content_type 
_pdbx_audit_revision_group.group 
1 2 'Structure model' 'Version format compliance' 
2 3 'Structure model' 'Version format compliance' 
3 4 'Structure model' 'Database references'       
4 4 'Structure model' 'Derived calculations'      
5 5 'Structure model' 'Data collection'           
# 
loop_
_pdbx_audit_revision_category.ordinal 
_pdbx_audit_revision_category.revision_ordinal 
_pdbx_audit_revision_category.data_content_type 
_pdbx_audit_revision_category.category 
1 4 'Structure model' database_2         
2 4 'Structure model' struct_ref_seq_dif 
3 4 'Structure model' struct_site        
4 5 'Structure model' chem_comp_atom     
5 5 'Structure model' chem_comp_bond     
# 
loop_
_pdbx_audit_revision_item.ordinal 
_pdbx_audit_revision_item.revision_ordinal 
_pdbx_audit_revision_item.data_content_type 
_pdbx_audit_revision_item.item 
1 4 'Structure model' '_database_2.pdbx_DOI'                
2 4 'Structure model' '_database_2.pdbx_database_accession' 
3 4 'Structure model' '_struct_ref_seq_dif.details'         
4 4 'Structure model' '_struct_site.pdbx_auth_asym_id'      
5 4 'Structure model' '_struct_site.pdbx_auth_comp_id'      
6 4 'Structure model' '_struct_site.pdbx_auth_seq_id'       
# 
_pdbx_database_status.status_code                     REL 
_pdbx_database_status.entry_id                        1XEP 
_pdbx_database_status.recvd_initial_deposition_date   2004-09-10 
_pdbx_database_status.deposit_site                    RCSB 
_pdbx_database_status.process_site                    RCSB 
_pdbx_database_status.status_code_sf                  REL 
_pdbx_database_status.status_code_mr                  ? 
_pdbx_database_status.SG_entry                        ? 
_pdbx_database_status.pdb_format_compatible           Y 
_pdbx_database_status.status_code_cs                  ? 
_pdbx_database_status.status_code_nmr_data            ? 
_pdbx_database_status.methods_development_category    ? 
# 
loop_
_pdbx_database_related.db_name 
_pdbx_database_related.db_id 
_pdbx_database_related.details 
_pdbx_database_related.content_type 
PDB 1LGU 'apo structure'                      unspecified 
PDB 1LI2 'same enyzme in complex with phenol' unspecified 
# 
loop_
_audit_author.name 
_audit_author.pdbx_ordinal 
'Graves, A.P.'   1 
'Brenk, R.'      2 
'Shoichet, B.K.' 3 
# 
_citation.id                        primary 
_citation.title                     'Decoys for docking.' 
_citation.journal_abbrev            J.Med.Chem. 
_citation.journal_volume            48 
_citation.page_first                3714 
_citation.page_last                 3728 
_citation.year                      2005 
_citation.journal_id_ASTM           JMCMAR 
_citation.country                   US 
_citation.journal_id_ISSN           0022-2623 
_citation.journal_id_CSD            0151 
_citation.book_publisher            ? 
_citation.pdbx_database_id_PubMed   15916423 
_citation.pdbx_database_id_DOI      10.1021/jm0491187 
# 
loop_
_citation_author.citation_id 
_citation_author.name 
_citation_author.ordinal 
_citation_author.identifier_ORCID 
primary 'Graves, A.P.'   1 ? 
primary 'Brenk, R.'      2 ? 
primary 'Shoichet, B.K.' 3 ? 
# 
loop_
_entity.id 
_entity.type 
_entity.src_method 
_entity.pdbx_description 
_entity.formula_weight 
_entity.pdbx_number_of_molecules 
_entity.pdbx_ec 
_entity.pdbx_mutation 
_entity.pdbx_fragment 
_entity.details 
1 polymer     man Lysozyme             18617.320 1   3.2.1.17 'L99A, M102Q' ? ? 
2 non-polymer syn 'PHOSPHATE ION'      94.971    1   ?        ?             ? ? 
3 non-polymer syn CATECHOL             110.111   1   ?        ?             ? ? 
4 non-polymer syn BETA-MERCAPTOETHANOL 78.133    1   ?        ?             ? ? 
5 water       nat water                18.015    276 ?        ?             ? ? 
# 
_entity_name_com.entity_id   1 
_entity_name_com.name        'Lysis protein, Muramidase, Endolysin' 
# 
_entity_poly.entity_id                      1 
_entity_poly.type                           'polypeptide(L)' 
_entity_poly.nstd_linkage                   no 
_entity_poly.nstd_monomer                   no 
_entity_poly.pdbx_seq_one_letter_code       
;MNIFEMLRIDEGLRLKIYKDTEGYYTIGIGHLLTKSPSLNAAKSELDKAIGRNCNGVITKDEAEKLFNQDVDAAVRGILR
NAKLKPVYDSLDAVRRCAAINQVFQMGETGVAGFTNSLRMLQQKRWDEAAVNLAKSRWYNQTPNRAKRVITTFRTGTWDA
YKNL
;
_entity_poly.pdbx_seq_one_letter_code_can   
;MNIFEMLRIDEGLRLKIYKDTEGYYTIGIGHLLTKSPSLNAAKSELDKAIGRNCNGVITKDEAEKLFNQDVDAAVRGILR
NAKLKPVYDSLDAVRRCAAINQVFQMGETGVAGFTNSLRMLQQKRWDEAAVNLAKSRWYNQTPNRAKRVITTFRTGTWDA
YKNL
;
_entity_poly.pdbx_strand_id                 A 
_entity_poly.pdbx_target_identifier         ? 
# 
loop_
_pdbx_entity_nonpoly.entity_id 
_pdbx_entity_nonpoly.name 
_pdbx_entity_nonpoly.comp_id 
2 'PHOSPHATE ION'      PO4 
3 CATECHOL             CAQ 
4 BETA-MERCAPTOETHANOL BME 
5 water                HOH 
# 
loop_
_entity_poly_seq.entity_id 
_entity_poly_seq.num 
_entity_poly_seq.mon_id 
_entity_poly_seq.hetero 
1 1   MET n 
1 2   ASN n 
1 3   ILE n 
1 4   PHE n 
1 5   GLU n 
1 6   MET n 
1 7   LEU n 
1 8   ARG n 
1 9   ILE n 
1 10  ASP n 
1 11  GLU n 
1 12  GLY n 
1 13  LEU n 
1 14  ARG n 
1 15  LEU n 
1 16  LYS n 
1 17  ILE n 
1 18  TYR n 
1 19  LYS n 
1 20  ASP n 
1 21  THR n 
1 22  GLU n 
1 23  GLY n 
1 24  TYR n 
1 25  TYR n 
1 26  THR n 
1 27  ILE n 
1 28  GLY n 
1 29  ILE n 
1 30  GLY n 
1 31  HIS n 
1 32  LEU n 
1 33  LEU n 
1 34  THR n 
1 35  LYS n 
1 36  SER n 
1 37  PRO n 
1 38  SER n 
1 39  LEU n 
1 40  ASN n 
1 41  ALA n 
1 42  ALA n 
1 43  LYS n 
1 44  SER n 
1 45  GLU n 
1 46  LEU n 
1 47  ASP n 
1 48  LYS n 
1 49  ALA n 
1 50  ILE n 
1 51  GLY n 
1 52  ARG n 
1 53  ASN n 
1 54  CYS n 
1 55  ASN n 
1 56  GLY n 
1 57  VAL n 
1 58  ILE n 
1 59  THR n 
1 60  LYS n 
1 61  ASP n 
1 62  GLU n 
1 63  ALA n 
1 64  GLU n 
1 65  LYS n 
1 66  LEU n 
1 67  PHE n 
1 68  ASN n 
1 69  GLN n 
1 70  ASP n 
1 71  VAL n 
1 72  ASP n 
1 73  ALA n 
1 74  ALA n 
1 75  VAL n 
1 76  ARG n 
1 77  GLY n 
1 78  ILE n 
1 79  LEU n 
1 80  ARG n 
1 81  ASN n 
1 82  ALA n 
1 83  LYS n 
1 84  LEU n 
1 85  LYS n 
1 86  PRO n 
1 87  VAL n 
1 88  TYR n 
1 89  ASP n 
1 90  SER n 
1 91  LEU n 
1 92  ASP n 
1 93  ALA n 
1 94  VAL n 
1 95  ARG n 
1 96  ARG n 
1 97  CYS n 
1 98  ALA n 
1 99  ALA n 
1 100 ILE n 
1 101 ASN n 
1 102 GLN n 
1 103 VAL n 
1 104 PHE n 
1 105 GLN n 
1 106 MET n 
1 107 GLY n 
1 108 GLU n 
1 109 THR n 
1 110 GLY n 
1 111 VAL n 
1 112 ALA n 
1 113 GLY n 
1 114 PHE n 
1 115 THR n 
1 116 ASN n 
1 117 SER n 
1 118 LEU n 
1 119 ARG n 
1 120 MET n 
1 121 LEU n 
1 122 GLN n 
1 123 GLN n 
1 124 LYS n 
1 125 ARG n 
1 126 TRP n 
1 127 ASP n 
1 128 GLU n 
1 129 ALA n 
1 130 ALA n 
1 131 VAL n 
1 132 ASN n 
1 133 LEU n 
1 134 ALA n 
1 135 LYS n 
1 136 SER n 
1 137 ARG n 
1 138 TRP n 
1 139 TYR n 
1 140 ASN n 
1 141 GLN n 
1 142 THR n 
1 143 PRO n 
1 144 ASN n 
1 145 ARG n 
1 146 ALA n 
1 147 LYS n 
1 148 ARG n 
1 149 VAL n 
1 150 ILE n 
1 151 THR n 
1 152 THR n 
1 153 PHE n 
1 154 ARG n 
1 155 THR n 
1 156 GLY n 
1 157 THR n 
1 158 TRP n 
1 159 ASP n 
1 160 ALA n 
1 161 TYR n 
1 162 LYS n 
1 163 ASN n 
1 164 LEU n 
# 
_entity_src_gen.entity_id                          1 
_entity_src_gen.pdbx_src_id                        1 
_entity_src_gen.pdbx_alt_source_flag               sample 
_entity_src_gen.pdbx_seq_type                      ? 
_entity_src_gen.pdbx_beg_seq_num                   ? 
_entity_src_gen.pdbx_end_seq_num                   ? 
_entity_src_gen.gene_src_common_name               ? 
_entity_src_gen.gene_src_genus                     'T4-like viruses' 
_entity_src_gen.pdbx_gene_src_gene                 E 
_entity_src_gen.gene_src_species                   'Enterobacteria phage T4 sensu lato' 
_entity_src_gen.gene_src_strain                    ? 
_entity_src_gen.gene_src_tissue                    ? 
_entity_src_gen.gene_src_tissue_fraction           ? 
_entity_src_gen.gene_src_details                   ? 
_entity_src_gen.pdbx_gene_src_fragment             ? 
_entity_src_gen.pdbx_gene_src_scientific_name      'Enterobacteria phage T4' 
_entity_src_gen.pdbx_gene_src_ncbi_taxonomy_id     10665 
_entity_src_gen.pdbx_gene_src_variant              ? 
_entity_src_gen.pdbx_gene_src_cell_line            ? 
_entity_src_gen.pdbx_gene_src_atcc                 ? 
_entity_src_gen.pdbx_gene_src_organ                ? 
_entity_src_gen.pdbx_gene_src_organelle            ? 
_entity_src_gen.pdbx_gene_src_cell                 ? 
_entity_src_gen.pdbx_gene_src_cellular_location    ? 
_entity_src_gen.host_org_common_name               ? 
_entity_src_gen.pdbx_host_org_scientific_name      'Escherichia coli' 
_entity_src_gen.pdbx_host_org_ncbi_taxonomy_id     562 
_entity_src_gen.host_org_genus                     Escherichia 
_entity_src_gen.pdbx_host_org_gene                 ? 
_entity_src_gen.pdbx_host_org_organ                ? 
_entity_src_gen.host_org_species                   ? 
_entity_src_gen.pdbx_host_org_tissue               ? 
_entity_src_gen.pdbx_host_org_tissue_fraction      ? 
_entity_src_gen.pdbx_host_org_strain               ? 
_entity_src_gen.pdbx_host_org_variant              ? 
_entity_src_gen.pdbx_host_org_cell_line            ? 
_entity_src_gen.pdbx_host_org_atcc                 ? 
_entity_src_gen.pdbx_host_org_culture_collection   ? 
_entity_src_gen.pdbx_host_org_cell                 ? 
_entity_src_gen.pdbx_host_org_organelle            ? 
_entity_src_gen.pdbx_host_org_cellular_location    ? 
_entity_src_gen.pdbx_host_org_vector_type          ? 
_entity_src_gen.pdbx_host_org_vector               ? 
_entity_src_gen.host_org_details                   ? 
_entity_src_gen.expression_system_id               ? 
_entity_src_gen.plasmid_name                       ? 
_entity_src_gen.plasmid_details                    ? 
_entity_src_gen.pdbx_description                   ? 
# 
loop_
_chem_comp.id 
_chem_comp.type 
_chem_comp.mon_nstd_flag 
_chem_comp.name 
_chem_comp.pdbx_synonyms 
_chem_comp.formula 
_chem_comp.formula_weight 
ALA 'L-peptide linking' y ALANINE              ?                    'C3 H7 N O2'     89.093  
ARG 'L-peptide linking' y ARGININE             ?                    'C6 H15 N4 O2 1' 175.209 
ASN 'L-peptide linking' y ASPARAGINE           ?                    'C4 H8 N2 O3'    132.118 
ASP 'L-peptide linking' y 'ASPARTIC ACID'      ?                    'C4 H7 N O4'     133.103 
BME non-polymer         . BETA-MERCAPTOETHANOL ?                    'C2 H6 O S'      78.133  
CAQ non-polymer         . CATECHOL             1,2-DIHYDROXYBENZENE 'C6 H6 O2'       110.111 
CYS 'L-peptide linking' y CYSTEINE             ?                    'C3 H7 N O2 S'   121.158 
GLN 'L-peptide linking' y GLUTAMINE            ?                    'C5 H10 N2 O3'   146.144 
GLU 'L-peptide linking' y 'GLUTAMIC ACID'      ?                    'C5 H9 N O4'     147.129 
GLY 'peptide linking'   y GLYCINE              ?                    'C2 H5 N O2'     75.067  
HIS 'L-peptide linking' y HISTIDINE            ?                    'C6 H10 N3 O2 1' 156.162 
HOH non-polymer         . WATER                ?                    'H2 O'           18.015  
ILE 'L-peptide linking' y ISOLEUCINE           ?                    'C6 H13 N O2'    131.173 
LEU 'L-peptide linking' y LEUCINE              ?                    'C6 H13 N O2'    131.173 
LYS 'L-peptide linking' y LYSINE               ?                    'C6 H15 N2 O2 1' 147.195 
MET 'L-peptide linking' y METHIONINE           ?                    'C5 H11 N O2 S'  149.211 
PHE 'L-peptide linking' y PHENYLALANINE        ?                    'C9 H11 N O2'    165.189 
PO4 non-polymer         . 'PHOSPHATE ION'      ?                    'O4 P -3'        94.971  
PRO 'L-peptide linking' y PROLINE              ?                    'C5 H9 N O2'     115.130 
SER 'L-peptide linking' y SERINE               ?                    'C3 H7 N O3'     105.093 
THR 'L-peptide linking' y THREONINE            ?                    'C4 H9 N O3'     119.119 
TRP 'L-peptide linking' y TRYPTOPHAN           ?                    'C11 H12 N2 O2'  204.225 
TYR 'L-peptide linking' y TYROSINE             ?                    'C9 H11 N O3'    181.189 
VAL 'L-peptide linking' y VALINE               ?                    'C5 H11 N O2'    117.146 
# 
loop_
_pdbx_poly_seq_scheme.asym_id 
_pdbx_poly_seq_scheme.entity_id 
_pdbx_poly_seq_scheme.seq_id 
_pdbx_poly_seq_scheme.mon_id 
_pdbx_poly_seq_scheme.ndb_seq_num 
_pdbx_poly_seq_scheme.pdb_seq_num 
_pdbx_poly_seq_scheme.auth_seq_num 
_pdbx_poly_seq_scheme.pdb_mon_id 
_pdbx_poly_seq_scheme.auth_mon_id 
_pdbx_poly_seq_scheme.pdb_strand_id 
_pdbx_poly_seq_scheme.pdb_ins_code 
_pdbx_poly_seq_scheme.hetero 
A 1 1   MET 1   1   1   MET MET A . n 
A 1 2   ASN 2   2   2   ASN ASN A . n 
A 1 3   ILE 3   3   3   ILE ILE A . n 
A 1 4   PHE 4   4   4   PHE PHE A . n 
A 1 5   GLU 5   5   5   GLU GLU A . n 
A 1 6   MET 6   6   6   MET MET A . n 
A 1 7   LEU 7   7   7   LEU LEU A . n 
A 1 8   ARG 8   8   8   ARG ARG A . n 
A 1 9   ILE 9   9   9   ILE ILE A . n 
A 1 10  ASP 10  10  10  ASP ASP A . n 
A 1 11  GLU 11  11  11  GLU GLU A . n 
A 1 12  GLY 12  12  12  GLY GLY A . n 
A 1 13  LEU 13  13  13  LEU LEU A . n 
A 1 14  ARG 14  14  14  ARG ARG A . n 
A 1 15  LEU 15  15  15  LEU LEU A . n 
A 1 16  LYS 16  16  16  LYS LYS A . n 
A 1 17  ILE 17  17  17  ILE ILE A . n 
A 1 18  TYR 18  18  18  TYR TYR A . n 
A 1 19  LYS 19  19  19  LYS LYS A . n 
A 1 20  ASP 20  20  20  ASP ASP A . n 
A 1 21  THR 21  21  21  THR THR A . n 
A 1 22  GLU 22  22  22  GLU GLU A . n 
A 1 23  GLY 23  23  23  GLY GLY A . n 
A 1 24  TYR 24  24  24  TYR TYR A . n 
A 1 25  TYR 25  25  25  TYR TYR A . n 
A 1 26  THR 26  26  26  THR THR A . n 
A 1 27  ILE 27  27  27  ILE ILE A . n 
A 1 28  GLY 28  28  28  GLY GLY A . n 
A 1 29  ILE 29  29  29  ILE ILE A . n 
A 1 30  GLY 30  30  30  GLY GLY A . n 
A 1 31  HIS 31  31  31  HIS HIS A . n 
A 1 32  LEU 32  32  32  LEU LEU A . n 
A 1 33  LEU 33  33  33  LEU LEU A . n 
A 1 34  THR 34  34  34  THR THR A . n 
A 1 35  LYS 35  35  35  LYS LYS A . n 
A 1 36  SER 36  36  36  SER SER A . n 
A 1 37  PRO 37  37  37  PRO PRO A . n 
A 1 38  SER 38  38  38  SER SER A . n 
A 1 39  LEU 39  39  39  LEU LEU A . n 
A 1 40  ASN 40  40  40  ASN ASN A . n 
A 1 41  ALA 41  41  41  ALA ALA A . n 
A 1 42  ALA 42  42  42  ALA ALA A . n 
A 1 43  LYS 43  43  43  LYS LYS A . n 
A 1 44  SER 44  44  44  SER SER A . n 
A 1 45  GLU 45  45  45  GLU GLU A . n 
A 1 46  LEU 46  46  46  LEU LEU A . n 
A 1 47  ASP 47  47  47  ASP ASP A . n 
A 1 48  LYS 48  48  48  LYS LYS A . n 
A 1 49  ALA 49  49  49  ALA ALA A . n 
A 1 50  ILE 50  50  50  ILE ILE A . n 
A 1 51  GLY 51  51  51  GLY GLY A . n 
A 1 52  ARG 52  52  52  ARG ARG A . n 
A 1 53  ASN 53  53  53  ASN ASN A . n 
A 1 54  CYS 54  54  54  CYS CYS A . n 
A 1 55  ASN 55  55  55  ASN ASN A . n 
A 1 56  GLY 56  56  56  GLY GLY A . n 
A 1 57  VAL 57  57  57  VAL VAL A . n 
A 1 58  ILE 58  58  58  ILE ILE A . n 
A 1 59  THR 59  59  59  THR THR A . n 
A 1 60  LYS 60  60  60  LYS LYS A . n 
A 1 61  ASP 61  61  61  ASP ASP A . n 
A 1 62  GLU 62  62  62  GLU GLU A . n 
A 1 63  ALA 63  63  63  ALA ALA A . n 
A 1 64  GLU 64  64  64  GLU GLU A . n 
A 1 65  LYS 65  65  65  LYS LYS A . n 
A 1 66  LEU 66  66  66  LEU LEU A . n 
A 1 67  PHE 67  67  67  PHE PHE A . n 
A 1 68  ASN 68  68  68  ASN ASN A . n 
A 1 69  GLN 69  69  69  GLN GLN A . n 
A 1 70  ASP 70  70  70  ASP ASP A . n 
A 1 71  VAL 71  71  71  VAL VAL A . n 
A 1 72  ASP 72  72  72  ASP ASP A . n 
A 1 73  ALA 73  73  73  ALA ALA A . n 
A 1 74  ALA 74  74  74  ALA ALA A . n 
A 1 75  VAL 75  75  75  VAL VAL A . n 
A 1 76  ARG 76  76  76  ARG ARG A . n 
A 1 77  GLY 77  77  77  GLY GLY A . n 
A 1 78  ILE 78  78  78  ILE ILE A . n 
A 1 79  LEU 79  79  79  LEU LEU A . n 
A 1 80  ARG 80  80  80  ARG ARG A . n 
A 1 81  ASN 81  81  81  ASN ASN A . n 
A 1 82  ALA 82  82  82  ALA ALA A . n 
A 1 83  LYS 83  83  83  LYS LYS A . n 
A 1 84  LEU 84  84  84  LEU LEU A . n 
A 1 85  LYS 85  85  85  LYS LYS A . n 
A 1 86  PRO 86  86  86  PRO PRO A . n 
A 1 87  VAL 87  87  87  VAL VAL A . n 
A 1 88  TYR 88  88  88  TYR TYR A . n 
A 1 89  ASP 89  89  89  ASP ASP A . n 
A 1 90  SER 90  90  90  SER SER A . n 
A 1 91  LEU 91  91  91  LEU LEU A . n 
A 1 92  ASP 92  92  92  ASP ASP A . n 
A 1 93  ALA 93  93  93  ALA ALA A . n 
A 1 94  VAL 94  94  94  VAL VAL A . n 
A 1 95  ARG 95  95  95  ARG ARG A . n 
A 1 96  ARG 96  96  96  ARG ARG A . n 
A 1 97  CYS 97  97  97  CYS CYS A . n 
A 1 98  ALA 98  98  98  ALA ALA A . n 
A 1 99  ALA 99  99  99  ALA ALA A . n 
A 1 100 ILE 100 100 100 ILE ILE A . n 
A 1 101 ASN 101 101 101 ASN ASN A . n 
A 1 102 GLN 102 102 102 GLN GLN A . n 
A 1 103 VAL 103 103 103 VAL VAL A . n 
A 1 104 PHE 104 104 104 PHE PHE A . n 
A 1 105 GLN 105 105 105 GLN GLN A . n 
A 1 106 MET 106 106 106 MET MET A . n 
A 1 107 GLY 107 107 107 GLY GLY A . n 
A 1 108 GLU 108 108 108 GLU GLU A . n 
A 1 109 THR 109 109 109 THR THR A . n 
A 1 110 GLY 110 110 110 GLY GLY A . n 
A 1 111 VAL 111 111 111 VAL VAL A . n 
A 1 112 ALA 112 112 112 ALA ALA A . n 
A 1 113 GLY 113 113 113 GLY GLY A . n 
A 1 114 PHE 114 114 114 PHE PHE A . n 
A 1 115 THR 115 115 115 THR THR A . n 
A 1 116 ASN 116 116 116 ASN ASN A . n 
A 1 117 SER 117 117 117 SER SER A . n 
A 1 118 LEU 118 118 118 LEU LEU A . n 
A 1 119 ARG 119 119 119 ARG ARG A . n 
A 1 120 MET 120 120 120 MET MET A . n 
A 1 121 LEU 121 121 121 LEU LEU A . n 
A 1 122 GLN 122 122 122 GLN GLN A . n 
A 1 123 GLN 123 123 123 GLN GLN A . n 
A 1 124 LYS 124 124 124 LYS LYS A . n 
A 1 125 ARG 125 125 125 ARG ARG A . n 
A 1 126 TRP 126 126 126 TRP TRP A . n 
A 1 127 ASP 127 127 127 ASP ASP A . n 
A 1 128 GLU 128 128 128 GLU GLU A . n 
A 1 129 ALA 129 129 129 ALA ALA A . n 
A 1 130 ALA 130 130 130 ALA ALA A . n 
A 1 131 VAL 131 131 131 VAL VAL A . n 
A 1 132 ASN 132 132 132 ASN ASN A . n 
A 1 133 LEU 133 133 133 LEU LEU A . n 
A 1 134 ALA 134 134 134 ALA ALA A . n 
A 1 135 LYS 135 135 135 LYS LYS A . n 
A 1 136 SER 136 136 136 SER SER A . n 
A 1 137 ARG 137 137 137 ARG ARG A . n 
A 1 138 TRP 138 138 138 TRP TRP A . n 
A 1 139 TYR 139 139 139 TYR TYR A . n 
A 1 140 ASN 140 140 140 ASN ASN A . n 
A 1 141 GLN 141 141 141 GLN GLN A . n 
A 1 142 THR 142 142 142 THR THR A . n 
A 1 143 PRO 143 143 143 PRO PRO A . n 
A 1 144 ASN 144 144 144 ASN ASN A . n 
A 1 145 ARG 145 145 145 ARG ARG A . n 
A 1 146 ALA 146 146 146 ALA ALA A . n 
A 1 147 LYS 147 147 147 LYS LYS A . n 
A 1 148 ARG 148 148 148 ARG ARG A . n 
A 1 149 VAL 149 149 149 VAL VAL A . n 
A 1 150 ILE 150 150 150 ILE ILE A . n 
A 1 151 THR 151 151 151 THR THR A . n 
A 1 152 THR 152 152 152 THR THR A . n 
A 1 153 PHE 153 153 153 PHE PHE A . n 
A 1 154 ARG 154 154 154 ARG ARG A . n 
A 1 155 THR 155 155 155 THR THR A . n 
A 1 156 GLY 156 156 156 GLY GLY A . n 
A 1 157 THR 157 157 157 THR THR A . n 
A 1 158 TRP 158 158 158 TRP TRP A . n 
A 1 159 ASP 159 159 159 ASP ASP A . n 
A 1 160 ALA 160 160 160 ALA ALA A . n 
A 1 161 TYR 161 161 161 TYR TYR A . n 
A 1 162 LYS 162 162 162 LYS LYS A . n 
A 1 163 ASN 163 163 ?   ?   ?   A . n 
A 1 164 LEU 164 164 ?   ?   ?   A . n 
# 
loop_
_pdbx_nonpoly_scheme.asym_id 
_pdbx_nonpoly_scheme.entity_id 
_pdbx_nonpoly_scheme.mon_id 
_pdbx_nonpoly_scheme.ndb_seq_num 
_pdbx_nonpoly_scheme.pdb_seq_num 
_pdbx_nonpoly_scheme.auth_seq_num 
_pdbx_nonpoly_scheme.pdb_mon_id 
_pdbx_nonpoly_scheme.auth_mon_id 
_pdbx_nonpoly_scheme.pdb_strand_id 
_pdbx_nonpoly_scheme.pdb_ins_code 
B 2 PO4 1   608  608  PO4 PO4 A . 
C 3 CAQ 1   606  606  CAQ CAQ A . 
D 4 BME 1   610  610  BME BME A . 
E 5 HOH 1   1000 1000 HOH HOH A . 
E 5 HOH 2   1001 1001 HOH HOH A . 
E 5 HOH 3   1002 1002 HOH HOH A . 
E 5 HOH 4   1003 1003 HOH HOH A . 
E 5 HOH 5   1004 1004 HOH HOH A . 
E 5 HOH 6   1005 1005 HOH HOH A . 
E 5 HOH 7   1006 1006 HOH HOH A . 
E 5 HOH 8   1007 1007 HOH HOH A . 
E 5 HOH 9   1008 1008 HOH HOH A . 
E 5 HOH 10  1009 1009 HOH HOH A . 
E 5 HOH 11  1010 1010 HOH HOH A . 
E 5 HOH 12  1011 1011 HOH HOH A . 
E 5 HOH 13  1012 1012 HOH HOH A . 
E 5 HOH 14  1013 1013 HOH HOH A . 
E 5 HOH 15  1014 1014 HOH HOH A . 
E 5 HOH 16  1015 1015 HOH HOH A . 
E 5 HOH 17  1016 1016 HOH HOH A . 
E 5 HOH 18  1017 1017 HOH HOH A . 
E 5 HOH 19  1018 1018 HOH HOH A . 
E 5 HOH 20  1019 1019 HOH HOH A . 
E 5 HOH 21  1020 1020 HOH HOH A . 
E 5 HOH 22  1021 1021 HOH HOH A . 
E 5 HOH 23  1022 1022 HOH HOH A . 
E 5 HOH 24  1023 1023 HOH HOH A . 
E 5 HOH 25  1024 1024 HOH HOH A . 
E 5 HOH 26  1025 1025 HOH HOH A . 
E 5 HOH 27  1026 1026 HOH HOH A . 
E 5 HOH 28  1027 1027 HOH HOH A . 
E 5 HOH 29  1028 1028 HOH HOH A . 
E 5 HOH 30  1029 1029 HOH HOH A . 
E 5 HOH 31  1030 1030 HOH HOH A . 
E 5 HOH 32  1031 1031 HOH HOH A . 
E 5 HOH 33  1032 1032 HOH HOH A . 
E 5 HOH 34  1033 1033 HOH HOH A . 
E 5 HOH 35  1034 1034 HOH HOH A . 
E 5 HOH 36  1035 1035 HOH HOH A . 
E 5 HOH 37  1036 1036 HOH HOH A . 
E 5 HOH 38  1037 1037 HOH HOH A . 
E 5 HOH 39  1038 1038 HOH HOH A . 
E 5 HOH 40  1039 1039 HOH HOH A . 
E 5 HOH 41  1040 1040 HOH HOH A . 
E 5 HOH 42  1041 1041 HOH HOH A . 
E 5 HOH 43  1042 1042 HOH HOH A . 
E 5 HOH 44  1043 1043 HOH HOH A . 
E 5 HOH 45  1044 1044 HOH HOH A . 
E 5 HOH 46  1045 1045 HOH HOH A . 
E 5 HOH 47  1046 1046 HOH HOH A . 
E 5 HOH 48  1047 1047 HOH HOH A . 
E 5 HOH 49  1048 1048 HOH HOH A . 
E 5 HOH 50  1049 1049 HOH HOH A . 
E 5 HOH 51  1050 1050 HOH HOH A . 
E 5 HOH 52  1051 1051 HOH HOH A . 
E 5 HOH 53  1052 1052 HOH HOH A . 
E 5 HOH 54  1053 1053 HOH HOH A . 
E 5 HOH 55  1054 1054 HOH HOH A . 
E 5 HOH 56  1055 1055 HOH HOH A . 
E 5 HOH 57  1056 1056 HOH HOH A . 
E 5 HOH 58  1057 1057 HOH HOH A . 
E 5 HOH 59  1058 1058 HOH HOH A . 
E 5 HOH 60  1059 1059 HOH HOH A . 
E 5 HOH 61  1060 1060 HOH HOH A . 
E 5 HOH 62  1061 1061 HOH HOH A . 
E 5 HOH 63  1062 1062 HOH HOH A . 
E 5 HOH 64  1063 1063 HOH HOH A . 
E 5 HOH 65  1064 1064 HOH HOH A . 
E 5 HOH 66  1065 1065 HOH HOH A . 
E 5 HOH 67  1066 1066 HOH HOH A . 
E 5 HOH 68  1067 1067 HOH HOH A . 
E 5 HOH 69  1068 1068 HOH HOH A . 
E 5 HOH 70  1069 1069 HOH HOH A . 
E 5 HOH 71  1070 1070 HOH HOH A . 
E 5 HOH 72  1071 1071 HOH HOH A . 
E 5 HOH 73  1072 1072 HOH HOH A . 
E 5 HOH 74  1073 1073 HOH HOH A . 
E 5 HOH 75  1074 1074 HOH HOH A . 
E 5 HOH 76  1075 1075 HOH HOH A . 
E 5 HOH 77  1076 1076 HOH HOH A . 
E 5 HOH 78  1077 1077 HOH HOH A . 
E 5 HOH 79  1078 1078 HOH HOH A . 
E 5 HOH 80  1079 1079 HOH HOH A . 
E 5 HOH 81  1080 1080 HOH HOH A . 
E 5 HOH 82  1081 1081 HOH HOH A . 
E 5 HOH 83  1082 1082 HOH HOH A . 
E 5 HOH 84  1083 1083 HOH HOH A . 
E 5 HOH 85  1084 1084 HOH HOH A . 
E 5 HOH 86  1085 1085 HOH HOH A . 
E 5 HOH 87  1086 1086 HOH HOH A . 
E 5 HOH 88  1087 1087 HOH HOH A . 
E 5 HOH 89  1088 1088 HOH HOH A . 
E 5 HOH 90  1089 1089 HOH HOH A . 
E 5 HOH 91  1090 1090 HOH HOH A . 
E 5 HOH 92  1091 1091 HOH HOH A . 
E 5 HOH 93  1092 1092 HOH HOH A . 
E 5 HOH 94  1093 1093 HOH HOH A . 
E 5 HOH 95  1094 1094 HOH HOH A . 
E 5 HOH 96  1095 1095 HOH HOH A . 
E 5 HOH 97  1096 1096 HOH HOH A . 
E 5 HOH 98  1097 1097 HOH HOH A . 
E 5 HOH 99  1098 1098 HOH HOH A . 
E 5 HOH 100 1099 1099 HOH HOH A . 
E 5 HOH 101 1100 1100 HOH HOH A . 
E 5 HOH 102 1101 1101 HOH HOH A . 
E 5 HOH 103 1102 1102 HOH HOH A . 
E 5 HOH 104 1103 1103 HOH HOH A . 
E 5 HOH 105 1104 1104 HOH HOH A . 
E 5 HOH 106 1105 1105 HOH HOH A . 
E 5 HOH 107 1106 1106 HOH HOH A . 
E 5 HOH 108 1107 1107 HOH HOH A . 
E 5 HOH 109 1108 1108 HOH HOH A . 
E 5 HOH 110 1109 1109 HOH HOH A . 
E 5 HOH 111 1110 1110 HOH HOH A . 
E 5 HOH 112 1111 1111 HOH HOH A . 
E 5 HOH 113 1112 1112 HOH HOH A . 
E 5 HOH 114 1113 1113 HOH HOH A . 
E 5 HOH 115 1114 1114 HOH HOH A . 
E 5 HOH 116 1115 1115 HOH HOH A . 
E 5 HOH 117 1116 1116 HOH HOH A . 
E 5 HOH 118 1117 1117 HOH HOH A . 
E 5 HOH 119 1118 1118 HOH HOH A . 
E 5 HOH 120 1119 1119 HOH HOH A . 
E 5 HOH 121 1120 1120 HOH HOH A . 
E 5 HOH 122 1121 1121 HOH HOH A . 
E 5 HOH 123 1122 1122 HOH HOH A . 
E 5 HOH 124 1123 1123 HOH HOH A . 
E 5 HOH 125 1124 1124 HOH HOH A . 
E 5 HOH 126 1125 1125 HOH HOH A . 
E 5 HOH 127 1126 1126 HOH HOH A . 
E 5 HOH 128 1127 1127 HOH HOH A . 
E 5 HOH 129 1128 1128 HOH HOH A . 
E 5 HOH 130 1129 1129 HOH HOH A . 
E 5 HOH 131 1130 1130 HOH HOH A . 
E 5 HOH 132 1131 1131 HOH HOH A . 
E 5 HOH 133 1132 1132 HOH HOH A . 
E 5 HOH 134 1133 1133 HOH HOH A . 
E 5 HOH 135 1134 1134 HOH HOH A . 
E 5 HOH 136 1135 1135 HOH HOH A . 
E 5 HOH 137 1136 1136 HOH HOH A . 
E 5 HOH 138 1137 1137 HOH HOH A . 
E 5 HOH 139 1138 1138 HOH HOH A . 
E 5 HOH 140 1139 1139 HOH HOH A . 
E 5 HOH 141 1140 1140 HOH HOH A . 
E 5 HOH 142 1141 1141 HOH HOH A . 
E 5 HOH 143 1142 1142 HOH HOH A . 
E 5 HOH 144 1143 1143 HOH HOH A . 
E 5 HOH 145 1144 1144 HOH HOH A . 
E 5 HOH 146 1145 1145 HOH HOH A . 
E 5 HOH 147 1146 1146 HOH HOH A . 
E 5 HOH 148 1147 1147 HOH HOH A . 
E 5 HOH 149 1148 1148 HOH HOH A . 
E 5 HOH 150 1149 1149 HOH HOH A . 
E 5 HOH 151 1150 1150 HOH HOH A . 
E 5 HOH 152 1151 1151 HOH HOH A . 
E 5 HOH 153 1152 1152 HOH HOH A . 
E 5 HOH 154 1153 1153 HOH HOH A . 
E 5 HOH 155 1154 1154 HOH HOH A . 
E 5 HOH 156 1155 1155 HOH HOH A . 
E 5 HOH 157 1156 1156 HOH HOH A . 
E 5 HOH 158 1157 1157 HOH HOH A . 
E 5 HOH 159 1158 1158 HOH HOH A . 
E 5 HOH 160 1159 1159 HOH HOH A . 
E 5 HOH 161 1160 1160 HOH HOH A . 
E 5 HOH 162 1161 1161 HOH HOH A . 
E 5 HOH 163 1162 1162 HOH HOH A . 
E 5 HOH 164 1163 1163 HOH HOH A . 
E 5 HOH 165 1164 1164 HOH HOH A . 
E 5 HOH 166 1165 1165 HOH HOH A . 
E 5 HOH 167 1166 1166 HOH HOH A . 
E 5 HOH 168 1167 1167 HOH HOH A . 
E 5 HOH 169 1168 1168 HOH HOH A . 
E 5 HOH 170 1169 1169 HOH HOH A . 
E 5 HOH 171 1170 1170 HOH HOH A . 
E 5 HOH 172 1171 1171 HOH HOH A . 
E 5 HOH 173 1172 1172 HOH HOH A . 
E 5 HOH 174 1173 1173 HOH HOH A . 
E 5 HOH 175 1174 1174 HOH HOH A . 
E 5 HOH 176 1175 1175 HOH HOH A . 
E 5 HOH 177 1176 1176 HOH HOH A . 
E 5 HOH 178 1177 1177 HOH HOH A . 
E 5 HOH 179 1178 1178 HOH HOH A . 
E 5 HOH 180 1179 1179 HOH HOH A . 
E 5 HOH 181 1180 1180 HOH HOH A . 
E 5 HOH 182 1181 1181 HOH HOH A . 
E 5 HOH 183 1182 1182 HOH HOH A . 
E 5 HOH 184 1183 1183 HOH HOH A . 
E 5 HOH 185 1184 1184 HOH HOH A . 
E 5 HOH 186 1185 1185 HOH HOH A . 
E 5 HOH 187 1186 1186 HOH HOH A . 
E 5 HOH 188 1187 1187 HOH HOH A . 
E 5 HOH 189 1188 1188 HOH HOH A . 
E 5 HOH 190 1189 1189 HOH HOH A . 
E 5 HOH 191 1190 1190 HOH HOH A . 
E 5 HOH 192 1191 1191 HOH HOH A . 
E 5 HOH 193 1192 1192 HOH HOH A . 
E 5 HOH 194 1193 1193 HOH HOH A . 
E 5 HOH 195 1194 1194 HOH HOH A . 
E 5 HOH 196 1195 1195 HOH HOH A . 
E 5 HOH 197 1196 1196 HOH HOH A . 
E 5 HOH 198 1197 1197 HOH HOH A . 
E 5 HOH 199 1198 1198 HOH HOH A . 
E 5 HOH 200 1199 1199 HOH HOH A . 
E 5 HOH 201 1200 1200 HOH HOH A . 
E 5 HOH 202 1201 1201 HOH HOH A . 
E 5 HOH 203 1202 1202 HOH HOH A . 
E 5 HOH 204 1203 1203 HOH HOH A . 
E 5 HOH 205 1204 1204 HOH HOH A . 
E 5 HOH 206 1205 1205 HOH HOH A . 
E 5 HOH 207 1206 1206 HOH HOH A . 
E 5 HOH 208 1207 1207 HOH HOH A . 
E 5 HOH 209 1208 1208 HOH HOH A . 
E 5 HOH 210 1209 1209 HOH HOH A . 
E 5 HOH 211 1210 1210 HOH HOH A . 
E 5 HOH 212 1211 1211 HOH HOH A . 
E 5 HOH 213 1212 1212 HOH HOH A . 
E 5 HOH 214 1213 1213 HOH HOH A . 
E 5 HOH 215 1214 1214 HOH HOH A . 
E 5 HOH 216 1215 1215 HOH HOH A . 
E 5 HOH 217 1216 1216 HOH HOH A . 
E 5 HOH 218 1217 1217 HOH HOH A . 
E 5 HOH 219 1218 1218 HOH HOH A . 
E 5 HOH 220 1219 1219 HOH HOH A . 
E 5 HOH 221 1220 1220 HOH HOH A . 
E 5 HOH 222 1221 1221 HOH HOH A . 
E 5 HOH 223 1222 1222 HOH HOH A . 
E 5 HOH 224 1223 1223 HOH HOH A . 
E 5 HOH 225 1224 1224 HOH HOH A . 
E 5 HOH 226 1225 1225 HOH HOH A . 
E 5 HOH 227 1226 1226 HOH HOH A . 
E 5 HOH 228 1227 1227 HOH HOH A . 
E 5 HOH 229 1228 1228 HOH HOH A . 
E 5 HOH 230 1229 1229 HOH HOH A . 
E 5 HOH 231 1230 1230 HOH HOH A . 
E 5 HOH 232 1231 1231 HOH HOH A . 
E 5 HOH 233 1232 1232 HOH HOH A . 
E 5 HOH 234 1233 1233 HOH HOH A . 
E 5 HOH 235 1234 1234 HOH HOH A . 
E 5 HOH 236 1235 1235 HOH HOH A . 
E 5 HOH 237 1236 1236 HOH HOH A . 
E 5 HOH 238 1237 1237 HOH HOH A . 
E 5 HOH 239 1238 1238 HOH HOH A . 
E 5 HOH 240 1239 1239 HOH HOH A . 
E 5 HOH 241 1240 1240 HOH HOH A . 
E 5 HOH 242 1241 1241 HOH HOH A . 
E 5 HOH 243 1242 1242 HOH HOH A . 
E 5 HOH 244 1243 1243 HOH HOH A . 
E 5 HOH 245 1244 1244 HOH HOH A . 
E 5 HOH 246 1245 1245 HOH HOH A . 
E 5 HOH 247 1246 1246 HOH HOH A . 
E 5 HOH 248 1247 1247 HOH HOH A . 
E 5 HOH 249 1248 1248 HOH HOH A . 
E 5 HOH 250 1249 1249 HOH HOH A . 
E 5 HOH 251 1250 1250 HOH HOH A . 
E 5 HOH 252 1251 1251 HOH HOH A . 
E 5 HOH 253 1252 1252 HOH HOH A . 
E 5 HOH 254 1253 1253 HOH HOH A . 
E 5 HOH 255 1254 1254 HOH HOH A . 
E 5 HOH 256 1255 1255 HOH HOH A . 
E 5 HOH 257 1256 1256 HOH HOH A . 
E 5 HOH 258 1257 1257 HOH HOH A . 
E 5 HOH 259 1258 1258 HOH HOH A . 
E 5 HOH 260 1259 1259 HOH HOH A . 
E 5 HOH 261 1260 1260 HOH HOH A . 
E 5 HOH 262 1261 1261 HOH HOH A . 
E 5 HOH 263 1262 1262 HOH HOH A . 
E 5 HOH 264 1263 1263 HOH HOH A . 
E 5 HOH 265 1264 1264 HOH HOH A . 
E 5 HOH 266 1265 1265 HOH HOH A . 
E 5 HOH 267 1266 1266 HOH HOH A . 
E 5 HOH 268 1267 1267 HOH HOH A . 
E 5 HOH 269 1268 1268 HOH HOH A . 
E 5 HOH 270 1269 1269 HOH HOH A . 
E 5 HOH 271 1270 1270 HOH HOH A . 
E 5 HOH 272 1271 1271 HOH HOH A . 
E 5 HOH 273 1272 1272 HOH HOH A . 
E 5 HOH 274 1273 1273 HOH HOH A . 
E 5 HOH 275 1274 1274 HOH HOH A . 
E 5 HOH 276 1275 1275 HOH HOH A . 
# 
loop_
_pdbx_unobs_or_zero_occ_atoms.id 
_pdbx_unobs_or_zero_occ_atoms.PDB_model_num 
_pdbx_unobs_or_zero_occ_atoms.polymer_flag 
_pdbx_unobs_or_zero_occ_atoms.occupancy_flag 
_pdbx_unobs_or_zero_occ_atoms.auth_asym_id 
_pdbx_unobs_or_zero_occ_atoms.auth_comp_id 
_pdbx_unobs_or_zero_occ_atoms.auth_seq_id 
_pdbx_unobs_or_zero_occ_atoms.PDB_ins_code 
_pdbx_unobs_or_zero_occ_atoms.auth_atom_id 
_pdbx_unobs_or_zero_occ_atoms.label_alt_id 
_pdbx_unobs_or_zero_occ_atoms.label_asym_id 
_pdbx_unobs_or_zero_occ_atoms.label_comp_id 
_pdbx_unobs_or_zero_occ_atoms.label_seq_id 
_pdbx_unobs_or_zero_occ_atoms.label_atom_id 
1  1 Y 0 A LYS 16  ? CE  ? A LYS 16  CE  
2  1 Y 0 A LYS 16  ? NZ  ? A LYS 16  NZ  
3  1 Y 0 A ASN 55  ? OD1 B A ASN 55  OD1 
4  1 Y 0 A LYS 83  ? CE  ? A LYS 83  CE  
5  1 Y 0 A LYS 83  ? NZ  ? A LYS 83  NZ  
6  1 Y 0 A ARG 119 ? NE  ? A ARG 119 NE  
7  1 Y 0 A ARG 119 ? CZ  ? A ARG 119 CZ  
8  1 Y 0 A ARG 119 ? NH1 ? A ARG 119 NH1 
9  1 Y 0 A ARG 119 ? NH2 ? A ARG 119 NH2 
10 1 Y 0 A LYS 147 ? NZ  ? A LYS 147 NZ  
# 
loop_
_software.name 
_software.classification 
_software.version 
_software.citation_id 
_software.pdbx_ordinal 
CNS       refinement       1.1 ? 1 
DENZO     'data reduction' .   ? 2 
SCALEPACK 'data scaling'   .   ? 3 
CNS       phasing          .   ? 4 
# 
_cell.entry_id           1XEP 
_cell.length_a           60.173 
_cell.length_b           60.173 
_cell.length_c           96.564 
_cell.angle_alpha        90.00 
_cell.angle_beta         90.00 
_cell.angle_gamma        120.00 
_cell.Z_PDB              6 
_cell.pdbx_unique_axis   ? 
# 
_symmetry.entry_id                         1XEP 
_symmetry.space_group_name_H-M             'P 32 2 1' 
_symmetry.pdbx_full_space_group_name_H-M   ? 
_symmetry.cell_setting                     ? 
_symmetry.Int_Tables_number                154 
_symmetry.space_group_name_Hall            ? 
# 
_exptl.entry_id          1XEP 
_exptl.method            'X-RAY DIFFRACTION' 
_exptl.crystals_number   1 
# 
_exptl_crystal.id                    1 
_exptl_crystal.density_meas          ? 
_exptl_crystal.density_Matthews      2.71 
_exptl_crystal.density_percent_sol   54.62 
_exptl_crystal.description           ? 
_exptl_crystal.F_000                 ? 
_exptl_crystal.preparation           ? 
# 
_exptl_crystal_grow.crystal_id      1 
_exptl_crystal_grow.method          'VAPOR DIFFUSION, HANGING DROP' 
_exptl_crystal_grow.temp            277 
_exptl_crystal_grow.temp_details    ? 
_exptl_crystal_grow.pH              ? 
_exptl_crystal_grow.pdbx_details    'phosphate, pH 6.8-7.3, VAPOR DIFFUSION, HANGING DROP, temperature 277K' 
_exptl_crystal_grow.pdbx_pH_range   . 
# 
_diffrn.id                     1 
_diffrn.ambient_temp           174 
_diffrn.ambient_temp_details   ? 
_diffrn.crystal_id             1 
# 
_diffrn_detector.diffrn_id              1 
_diffrn_detector.detector               'IMAGE PLATE' 
_diffrn_detector.type                   'RIGAKU RAXIS IV' 
_diffrn_detector.pdbx_collection_date   2004-04-03 
_diffrn_detector.details                ? 
# 
_diffrn_radiation.diffrn_id                        1 
_diffrn_radiation.wavelength_id                    1 
_diffrn_radiation.pdbx_monochromatic_or_laue_m_l   M 
_diffrn_radiation.monochromator                    ? 
_diffrn_radiation.pdbx_diffrn_protocol             'SINGLE WAVELENGTH' 
_diffrn_radiation.pdbx_scattering_type             x-ray 
# 
_diffrn_radiation_wavelength.id           1 
_diffrn_radiation_wavelength.wavelength   1.5418 
_diffrn_radiation_wavelength.wt           1.0 
# 
_diffrn_source.diffrn_id                   1 
_diffrn_source.source                      'ROTATING ANODE' 
_diffrn_source.type                        RIGAKU 
_diffrn_source.pdbx_synchrotron_site       ? 
_diffrn_source.pdbx_synchrotron_beamline   ? 
_diffrn_source.pdbx_wavelength             ? 
_diffrn_source.pdbx_wavelength_list        1.5418 
# 
_reflns.entry_id                     1XEP 
_reflns.observed_criterion_sigma_I   ? 
_reflns.observed_criterion_sigma_F   ? 
_reflns.d_resolution_low             40 
_reflns.d_resolution_high            1.55 
_reflns.number_obs                   29343 
_reflns.number_all                   ? 
_reflns.percent_possible_obs         97.7 
_reflns.pdbx_Rmerge_I_obs            ? 
_reflns.pdbx_Rsym_value              ? 
_reflns.pdbx_netI_over_sigmaI        ? 
_reflns.B_iso_Wilson_estimate        24.7 
_reflns.pdbx_redundancy              ? 
_reflns.R_free_details               ? 
_reflns.limit_h_max                  ? 
_reflns.limit_h_min                  ? 
_reflns.limit_k_max                  ? 
_reflns.limit_k_min                  ? 
_reflns.limit_l_max                  ? 
_reflns.limit_l_min                  ? 
_reflns.observed_criterion_F_max     ? 
_reflns.observed_criterion_F_min     ? 
_reflns.pdbx_chi_squared             ? 
_reflns.pdbx_scaling_rejects         ? 
_reflns.pdbx_diffrn_id               1 
_reflns.pdbx_ordinal                 1 
# 
_reflns_shell.d_res_high             1.55 
_reflns_shell.d_res_low              1.61 
_reflns_shell.percent_possible_all   97.6 
_reflns_shell.Rmerge_I_obs           ? 
_reflns_shell.pdbx_Rsym_value        ? 
_reflns_shell.meanI_over_sigI_obs    ? 
_reflns_shell.pdbx_redundancy        ? 
_reflns_shell.percent_possible_obs   ? 
_reflns_shell.number_unique_all      ? 
_reflns_shell.number_measured_all    ? 
_reflns_shell.number_measured_obs    ? 
_reflns_shell.number_unique_obs      ? 
_reflns_shell.pdbx_chi_squared       ? 
_reflns_shell.pdbx_diffrn_id         ? 
_reflns_shell.pdbx_ordinal           1 
# 
_refine.entry_id                                 1XEP 
_refine.ls_number_reflns_obs                     26420 
_refine.ls_number_reflns_all                     30020 
_refine.pdbx_ls_sigma_I                          ? 
_refine.pdbx_ls_sigma_F                          0.0 
_refine.pdbx_data_cutoff_high_absF               459154.72 
_refine.pdbx_data_cutoff_low_absF                0.000000 
_refine.pdbx_data_cutoff_high_rms_absF           ? 
_refine.ls_d_res_low                             40 
_refine.ls_d_res_high                            1.55 
_refine.ls_percent_reflns_obs                    94.2 
_refine.ls_R_factor_obs                          ? 
_refine.ls_R_factor_all                          ? 
_refine.ls_R_factor_R_work                       0.188 
_refine.ls_R_factor_R_free                       0.219 
_refine.ls_R_factor_R_free_error                 0.006 
_refine.ls_R_factor_R_free_error_details         ? 
_refine.ls_percent_reflns_R_free                 4.9 
_refine.ls_number_reflns_R_free                  1284 
_refine.ls_number_parameters                     ? 
_refine.ls_number_restraints                     ? 
_refine.occupancy_min                            ? 
_refine.occupancy_max                            ? 
_refine.correlation_coeff_Fo_to_Fc               ? 
_refine.correlation_coeff_Fo_to_Fc_free          ? 
_refine.B_iso_mean                               20.3 
_refine.aniso_B[1][1]                            0.78 
_refine.aniso_B[2][2]                            0.78 
_refine.aniso_B[3][3]                            -1.56 
_refine.aniso_B[1][2]                            0.73 
_refine.aniso_B[1][3]                            0.00 
_refine.aniso_B[2][3]                            0.00 
_refine.solvent_model_details                    'FLAT MODEL' 
_refine.solvent_model_param_ksol                 0.332607 
_refine.solvent_model_param_bsol                 38.7484 
_refine.pdbx_solvent_vdw_probe_radii             ? 
_refine.pdbx_solvent_ion_probe_radii             ? 
_refine.pdbx_solvent_shrinkage_radii             ? 
_refine.pdbx_ls_cross_valid_method               THROUGHOUT 
_refine.details                                  ? 
_refine.pdbx_starting_model                      ? 
_refine.pdbx_method_to_determine_struct          'FOURIER SYNTHESIS' 
_refine.pdbx_isotropic_thermal_model             RESTRAINED 
_refine.pdbx_stereochemistry_target_values       'Engh & Huber' 
_refine.pdbx_stereochem_target_val_spec_case     ? 
_refine.pdbx_R_Free_selection_details            RANDOM 
_refine.pdbx_overall_ESU_R                       ? 
_refine.pdbx_overall_ESU_R_Free                  ? 
_refine.overall_SU_ML                            ? 
_refine.overall_SU_B                             ? 
_refine.ls_redundancy_reflns_obs                 ? 
_refine.B_iso_min                                ? 
_refine.B_iso_max                                ? 
_refine.overall_SU_R_Cruickshank_DPI             ? 
_refine.overall_SU_R_free                        ? 
_refine.ls_wR_factor_R_free                      ? 
_refine.ls_wR_factor_R_work                      ? 
_refine.overall_FOM_free_R_set                   ? 
_refine.overall_FOM_work_R_set                   ? 
_refine.pdbx_refine_id                           'X-RAY DIFFRACTION' 
_refine.pdbx_diffrn_id                           1 
_refine.pdbx_TLS_residual_ADP_flag               ? 
_refine.pdbx_overall_phase_error                 ? 
_refine.pdbx_overall_SU_R_free_Cruickshank_DPI   ? 
_refine.pdbx_overall_SU_R_Blow_DPI               ? 
_refine.pdbx_overall_SU_R_free_Blow_DPI          ? 
# 
_refine_analyze.entry_id                        1XEP 
_refine_analyze.Luzzati_coordinate_error_obs    0.19 
_refine_analyze.Luzzati_sigma_a_obs             0.12 
_refine_analyze.Luzzati_d_res_low_obs           5.00 
_refine_analyze.Luzzati_coordinate_error_free   0.23 
_refine_analyze.Luzzati_sigma_a_free            0.16 
_refine_analyze.Luzzati_d_res_low_free          ? 
_refine_analyze.number_disordered_residues      ? 
_refine_analyze.occupancy_sum_hydrogen          ? 
_refine_analyze.occupancy_sum_non_hydrogen      ? 
_refine_analyze.pdbx_Luzzati_d_res_high_obs     ? 
_refine_analyze.pdbx_refine_id                  'X-RAY DIFFRACTION' 
# 
_refine_hist.pdbx_refine_id                   'X-RAY DIFFRACTION' 
_refine_hist.cycle_id                         LAST 
_refine_hist.pdbx_number_atoms_protein        1361 
_refine_hist.pdbx_number_atoms_nucleic_acid   0 
_refine_hist.pdbx_number_atoms_ligand         25 
_refine_hist.number_atoms_solvent             277 
_refine_hist.number_atoms_total               1663 
_refine_hist.d_res_high                       1.55 
_refine_hist.d_res_low                        40 
# 
loop_
_refine_ls_restr.type 
_refine_ls_restr.dev_ideal 
_refine_ls_restr.dev_ideal_target 
_refine_ls_restr.weight 
_refine_ls_restr.number 
_refine_ls_restr.pdbx_refine_id 
_refine_ls_restr.pdbx_restraint_function 
c_bond_d           0.009 ?    ? ? 'X-RAY DIFFRACTION' ? 
c_angle_deg        1.3   ?    ? ? 'X-RAY DIFFRACTION' ? 
c_dihedral_angle_d 19.8  ?    ? ? 'X-RAY DIFFRACTION' ? 
c_improper_angle_d 0.95  ?    ? ? 'X-RAY DIFFRACTION' ? 
c_mcbond_it        1.06  1.50 ? ? 'X-RAY DIFFRACTION' ? 
c_mcangle_it       1.56  2.00 ? ? 'X-RAY DIFFRACTION' ? 
c_scbond_it        1.92  2.00 ? ? 'X-RAY DIFFRACTION' ? 
c_scangle_it       2.77  2.50 ? ? 'X-RAY DIFFRACTION' ? 
# 
_refine_ls_shell.pdbx_total_number_of_bins_used   6 
_refine_ls_shell.d_res_high                       1.55 
_refine_ls_shell.d_res_low                        1.65 
_refine_ls_shell.number_reflns_R_work             4105 
_refine_ls_shell.R_factor_R_work                  0.381 
_refine_ls_shell.percent_reflns_obs               88.1 
_refine_ls_shell.R_factor_R_free                  0.427 
_refine_ls_shell.R_factor_R_free_error            0.028 
_refine_ls_shell.percent_reflns_R_free            5.3 
_refine_ls_shell.number_reflns_R_free             229 
_refine_ls_shell.number_reflns_obs                ? 
_refine_ls_shell.redundancy_reflns_obs            ? 
_refine_ls_shell.number_reflns_all                ? 
_refine_ls_shell.pdbx_refine_id                   'X-RAY DIFFRACTION' 
_refine_ls_shell.R_factor_all                     ? 
# 
loop_
_pdbx_xplor_file.serial_no 
_pdbx_xplor_file.param_file 
_pdbx_xplor_file.topol_file 
_pdbx_xplor_file.pdbx_refine_id 
1 PROTEIN_REP.PARAM PROTEIN.TOP 'X-RAY DIFFRACTION' 
2 BME.PARAM         BME.TOP     'X-RAY DIFFRACTION' 
3 WATER_REP.PARAM   WATER.TOP   'X-RAY DIFFRACTION' 
4 ION.PARAM         ION.TOP     'X-RAY DIFFRACTION' 
5 CAT.PARAM         CAT.TOP     'X-RAY DIFFRACTION' 
# 
_struct.entry_id                  1XEP 
_struct.title                     'Catechol in complex with T4 lysozyme L99A/M102Q' 
_struct.pdbx_model_details        ? 
_struct.pdbx_CASP_flag            ? 
_struct.pdbx_model_type_details   ? 
# 
_struct_keywords.entry_id        1XEP 
_struct_keywords.pdbx_keywords   HYDROLASE 
_struct_keywords.text            'GLYCOSIDASE, BACTERIOLYTIC ENZYME, HYDROLASE' 
# 
loop_
_struct_asym.id 
_struct_asym.pdbx_blank_PDB_chainid_flag 
_struct_asym.pdbx_modified 
_struct_asym.entity_id 
_struct_asym.details 
A N N 1 ? 
B N N 2 ? 
C N N 3 ? 
D N N 4 ? 
E N N 5 ? 
# 
_struct_ref.id                         1 
_struct_ref.db_name                    UNP 
_struct_ref.db_code                    LYS_BPT4 
_struct_ref.pdbx_db_accession          P00720 
_struct_ref.entity_id                  1 
_struct_ref.pdbx_seq_one_letter_code   
;MNIFEMLRIDEGLRLKIYKDTEGYYTIGIGHLLTKSPSLNAAKSELDKAIGRNCNGVITKDEAEKLFNQDVDAAVRGILR
NAKLKPVYDSLDAVRRCALINMVFQMGETGVAGFTNSLRMLQQKRWDEAAVNLAKSRWYNQTPNRAKRVITTFRTGTWDA
YKNL
;
_struct_ref.pdbx_align_begin           1 
_struct_ref.pdbx_db_isoform            ? 
# 
_struct_ref_seq.align_id                      1 
_struct_ref_seq.ref_id                        1 
_struct_ref_seq.pdbx_PDB_id_code              1XEP 
_struct_ref_seq.pdbx_strand_id                A 
_struct_ref_seq.seq_align_beg                 1 
_struct_ref_seq.pdbx_seq_align_beg_ins_code   ? 
_struct_ref_seq.seq_align_end                 164 
_struct_ref_seq.pdbx_seq_align_end_ins_code   ? 
_struct_ref_seq.pdbx_db_accession             P00720 
_struct_ref_seq.db_align_beg                  1 
_struct_ref_seq.pdbx_db_align_beg_ins_code    ? 
_struct_ref_seq.db_align_end                  164 
_struct_ref_seq.pdbx_db_align_end_ins_code    ? 
_struct_ref_seq.pdbx_auth_seq_align_beg       1 
_struct_ref_seq.pdbx_auth_seq_align_end       164 
# 
loop_
_struct_ref_seq_dif.align_id 
_struct_ref_seq_dif.pdbx_pdb_id_code 
_struct_ref_seq_dif.mon_id 
_struct_ref_seq_dif.pdbx_pdb_strand_id 
_struct_ref_seq_dif.seq_num 
_struct_ref_seq_dif.pdbx_pdb_ins_code 
_struct_ref_seq_dif.pdbx_seq_db_name 
_struct_ref_seq_dif.pdbx_seq_db_accession_code 
_struct_ref_seq_dif.db_mon_id 
_struct_ref_seq_dif.pdbx_seq_db_seq_num 
_struct_ref_seq_dif.details 
_struct_ref_seq_dif.pdbx_auth_seq_num 
_struct_ref_seq_dif.pdbx_ordinal 
1 1XEP ALA A 99  ? UNP P00720 LEU 99  'engineered mutation' 99  1 
1 1XEP GLN A 102 ? UNP P00720 MET 102 'engineered mutation' 102 2 
# 
_pdbx_struct_assembly.id                   1 
_pdbx_struct_assembly.details              author_defined_assembly 
_pdbx_struct_assembly.method_details       ? 
_pdbx_struct_assembly.oligomeric_details   monomeric 
_pdbx_struct_assembly.oligomeric_count     1 
# 
_pdbx_struct_assembly_gen.assembly_id       1 
_pdbx_struct_assembly_gen.oper_expression   1 
_pdbx_struct_assembly_gen.asym_id_list      A,B,C,D,E 
# 
_pdbx_struct_oper_list.id                   1 
_pdbx_struct_oper_list.type                 'identity operation' 
_pdbx_struct_oper_list.name                 1_555 
_pdbx_struct_oper_list.symmetry_operation   x,y,z 
_pdbx_struct_oper_list.matrix[1][1]         1.0000000000 
_pdbx_struct_oper_list.matrix[1][2]         0.0000000000 
_pdbx_struct_oper_list.matrix[1][3]         0.0000000000 
_pdbx_struct_oper_list.vector[1]            0.0000000000 
_pdbx_struct_oper_list.matrix[2][1]         0.0000000000 
_pdbx_struct_oper_list.matrix[2][2]         1.0000000000 
_pdbx_struct_oper_list.matrix[2][3]         0.0000000000 
_pdbx_struct_oper_list.vector[2]            0.0000000000 
_pdbx_struct_oper_list.matrix[3][1]         0.0000000000 
_pdbx_struct_oper_list.matrix[3][2]         0.0000000000 
_pdbx_struct_oper_list.matrix[3][3]         1.0000000000 
_pdbx_struct_oper_list.vector[3]            0.0000000000 
# 
loop_
_struct_conf.conf_type_id 
_struct_conf.id 
_struct_conf.pdbx_PDB_helix_id 
_struct_conf.beg_label_comp_id 
_struct_conf.beg_label_asym_id 
_struct_conf.beg_label_seq_id 
_struct_conf.pdbx_beg_PDB_ins_code 
_struct_conf.end_label_comp_id 
_struct_conf.end_label_asym_id 
_struct_conf.end_label_seq_id 
_struct_conf.pdbx_end_PDB_ins_code 
_struct_conf.beg_auth_comp_id 
_struct_conf.beg_auth_asym_id 
_struct_conf.beg_auth_seq_id 
_struct_conf.end_auth_comp_id 
_struct_conf.end_auth_asym_id 
_struct_conf.end_auth_seq_id 
_struct_conf.pdbx_PDB_helix_class 
_struct_conf.details 
_struct_conf.pdbx_PDB_helix_length 
HELX_P HELX_P1 1 ASN A 2   ? GLY A 12  ? ASN A 2   GLY A 12  1 ? 11 
HELX_P HELX_P2 2 SER A 38  ? GLY A 51  ? SER A 38  GLY A 51  1 ? 14 
HELX_P HELX_P3 3 THR A 59  ? ASN A 81  ? THR A 59  ASN A 81  1 ? 23 
HELX_P HELX_P4 4 LEU A 84  ? LEU A 91  ? LEU A 84  LEU A 91  1 ? 8  
HELX_P HELX_P5 5 ASP A 92  ? VAL A 111 ? ASP A 92  VAL A 111 1 ? 20 
HELX_P HELX_P6 6 PHE A 114 ? GLN A 123 ? PHE A 114 GLN A 123 1 ? 10 
HELX_P HELX_P7 7 ARG A 125 ? ALA A 134 ? ARG A 125 ALA A 134 1 ? 10 
HELX_P HELX_P8 8 SER A 136 ? THR A 142 ? SER A 136 THR A 142 1 ? 7  
HELX_P HELX_P9 9 THR A 142 ? GLY A 156 ? THR A 142 GLY A 156 1 ? 15 
# 
_struct_conf_type.id          HELX_P 
_struct_conf_type.criteria    ? 
_struct_conf_type.reference   ? 
# 
_struct_sheet.id               A 
_struct_sheet.type             ? 
_struct_sheet.number_strands   3 
_struct_sheet.details          ? 
# 
loop_
_struct_sheet_order.sheet_id 
_struct_sheet_order.range_id_1 
_struct_sheet_order.range_id_2 
_struct_sheet_order.offset 
_struct_sheet_order.sense 
A 1 2 ? anti-parallel 
A 2 3 ? anti-parallel 
# 
loop_
_struct_sheet_range.sheet_id 
_struct_sheet_range.id 
_struct_sheet_range.beg_label_comp_id 
_struct_sheet_range.beg_label_asym_id 
_struct_sheet_range.beg_label_seq_id 
_struct_sheet_range.pdbx_beg_PDB_ins_code 
_struct_sheet_range.end_label_comp_id 
_struct_sheet_range.end_label_asym_id 
_struct_sheet_range.end_label_seq_id 
_struct_sheet_range.pdbx_end_PDB_ins_code 
_struct_sheet_range.beg_auth_comp_id 
_struct_sheet_range.beg_auth_asym_id 
_struct_sheet_range.beg_auth_seq_id 
_struct_sheet_range.end_auth_comp_id 
_struct_sheet_range.end_auth_asym_id 
_struct_sheet_range.end_auth_seq_id 
A 1 ARG A 14 ? LYS A 19 ? ARG A 14 LYS A 19 
A 2 TYR A 25 ? GLY A 28 ? TYR A 25 GLY A 28 
A 3 HIS A 31 ? LEU A 32 ? HIS A 31 LEU A 32 
# 
loop_
_pdbx_struct_sheet_hbond.sheet_id 
_pdbx_struct_sheet_hbond.range_id_1 
_pdbx_struct_sheet_hbond.range_id_2 
_pdbx_struct_sheet_hbond.range_1_label_atom_id 
_pdbx_struct_sheet_hbond.range_1_label_comp_id 
_pdbx_struct_sheet_hbond.range_1_label_asym_id 
_pdbx_struct_sheet_hbond.range_1_label_seq_id 
_pdbx_struct_sheet_hbond.range_1_PDB_ins_code 
_pdbx_struct_sheet_hbond.range_1_auth_atom_id 
_pdbx_struct_sheet_hbond.range_1_auth_comp_id 
_pdbx_struct_sheet_hbond.range_1_auth_asym_id 
_pdbx_struct_sheet_hbond.range_1_auth_seq_id 
_pdbx_struct_sheet_hbond.range_2_label_atom_id 
_pdbx_struct_sheet_hbond.range_2_label_comp_id 
_pdbx_struct_sheet_hbond.range_2_label_asym_id 
_pdbx_struct_sheet_hbond.range_2_label_seq_id 
_pdbx_struct_sheet_hbond.range_2_PDB_ins_code 
_pdbx_struct_sheet_hbond.range_2_auth_atom_id 
_pdbx_struct_sheet_hbond.range_2_auth_comp_id 
_pdbx_struct_sheet_hbond.range_2_auth_asym_id 
_pdbx_struct_sheet_hbond.range_2_auth_seq_id 
A 1 2 N TYR A 18 ? N TYR A 18 O THR A 26 ? O THR A 26 
A 2 3 N ILE A 27 ? N ILE A 27 O HIS A 31 ? O HIS A 31 
# 
loop_
_struct_site.id 
_struct_site.pdbx_evidence_code 
_struct_site.pdbx_auth_asym_id 
_struct_site.pdbx_auth_comp_id 
_struct_site.pdbx_auth_seq_id 
_struct_site.pdbx_auth_ins_code 
_struct_site.pdbx_num_residues 
_struct_site.details 
AC1 Software A PO4 608 ? 8 'BINDING SITE FOR RESIDUE PO4 A 608' 
AC2 Software A CAQ 606 ? 7 'BINDING SITE FOR RESIDUE CAQ A 606' 
AC3 Software A BME 610 ? 4 'BINDING SITE FOR RESIDUE BME A 610' 
# 
loop_
_struct_site_gen.id 
_struct_site_gen.site_id 
_struct_site_gen.pdbx_num_res 
_struct_site_gen.label_comp_id 
_struct_site_gen.label_asym_id 
_struct_site_gen.label_seq_id 
_struct_site_gen.pdbx_auth_ins_code 
_struct_site_gen.auth_comp_id 
_struct_site_gen.auth_asym_id 
_struct_site_gen.auth_seq_id 
_struct_site_gen.label_atom_id 
_struct_site_gen.label_alt_id 
_struct_site_gen.symmetry 
_struct_site_gen.details 
1  AC1 8 LYS A 19  ? LYS A 19   . ? 1_555 ? 
2  AC1 8 ARG A 125 ? ARG A 125  . ? 4_655 ? 
3  AC1 8 TRP A 126 ? TRP A 126  . ? 4_655 ? 
4  AC1 8 ASP A 127 ? ASP A 127  . ? 4_655 ? 
5  AC1 8 GLU A 128 ? GLU A 128  . ? 4_655 ? 
6  AC1 8 HOH E .   ? HOH A 1025 . ? 1_555 ? 
7  AC1 8 HOH E .   ? HOH A 1158 . ? 4_655 ? 
8  AC1 8 HOH E .   ? HOH A 1199 . ? 4_655 ? 
9  AC2 7 VAL A 87  ? VAL A 87   . ? 1_555 ? 
10 AC2 7 ALA A 99  ? ALA A 99   . ? 1_555 ? 
11 AC2 7 GLN A 102 ? GLN A 102  . ? 1_555 ? 
12 AC2 7 VAL A 103 ? VAL A 103  . ? 1_555 ? 
13 AC2 7 VAL A 111 ? VAL A 111  . ? 1_555 ? 
14 AC2 7 LEU A 118 ? LEU A 118  . ? 1_555 ? 
15 AC2 7 PHE A 153 ? PHE A 153  . ? 1_555 ? 
16 AC3 4 VAL A 71  ? VAL A 71   . ? 1_555 ? 
17 AC3 4 ASP A 72  ? ASP A 72   . ? 1_555 ? 
18 AC3 4 VAL A 75  ? VAL A 75   . ? 1_555 ? 
19 AC3 4 HOH E .   ? HOH A 1209 . ? 1_555 ? 
# 
_pdbx_validate_torsion.id              1 
_pdbx_validate_torsion.PDB_model_num   1 
_pdbx_validate_torsion.auth_comp_id    ILE 
_pdbx_validate_torsion.auth_asym_id    A 
_pdbx_validate_torsion.auth_seq_id     29 
_pdbx_validate_torsion.PDB_ins_code    ? 
_pdbx_validate_torsion.label_alt_id    ? 
_pdbx_validate_torsion.phi             -103.03 
_pdbx_validate_torsion.psi             75.21 
# 
loop_
_pdbx_unobs_or_zero_occ_residues.id 
_pdbx_unobs_or_zero_occ_residues.PDB_model_num 
_pdbx_unobs_or_zero_occ_residues.polymer_flag 
_pdbx_unobs_or_zero_occ_residues.occupancy_flag 
_pdbx_unobs_or_zero_occ_residues.auth_asym_id 
_pdbx_unobs_or_zero_occ_residues.auth_comp_id 
_pdbx_unobs_or_zero_occ_residues.auth_seq_id 
_pdbx_unobs_or_zero_occ_residues.PDB_ins_code 
_pdbx_unobs_or_zero_occ_residues.label_asym_id 
_pdbx_unobs_or_zero_occ_residues.label_comp_id 
_pdbx_unobs_or_zero_occ_residues.label_seq_id 
1 1 Y 1 A ASN 163 ? A ASN 163 
2 1 Y 1 A LEU 164 ? A LEU 164 
# 
loop_
_chem_comp_atom.comp_id 
_chem_comp_atom.atom_id 
_chem_comp_atom.type_symbol 
_chem_comp_atom.pdbx_aromatic_flag 
_chem_comp_atom.pdbx_stereo_config 
_chem_comp_atom.pdbx_ordinal 
ALA N    N N N 1   
ALA CA   C N S 2   
ALA C    C N N 3   
ALA O    O N N 4   
ALA CB   C N N 5   
ALA OXT  O N N 6   
ALA H    H N N 7   
ALA H2   H N N 8   
ALA HA   H N N 9   
ALA HB1  H N N 10  
ALA HB2  H N N 11  
ALA HB3  H N N 12  
ALA HXT  H N N 13  
ARG N    N N N 14  
ARG CA   C N S 15  
ARG C    C N N 16  
ARG O    O N N 17  
ARG CB   C N N 18  
ARG CG   C N N 19  
ARG CD   C N N 20  
ARG NE   N N N 21  
ARG CZ   C N N 22  
ARG NH1  N N N 23  
ARG NH2  N N N 24  
ARG OXT  O N N 25  
ARG H    H N N 26  
ARG H2   H N N 27  
ARG HA   H N N 28  
ARG HB2  H N N 29  
ARG HB3  H N N 30  
ARG HG2  H N N 31  
ARG HG3  H N N 32  
ARG HD2  H N N 33  
ARG HD3  H N N 34  
ARG HE   H N N 35  
ARG HH11 H N N 36  
ARG HH12 H N N 37  
ARG HH21 H N N 38  
ARG HH22 H N N 39  
ARG HXT  H N N 40  
ASN N    N N N 41  
ASN CA   C N S 42  
ASN C    C N N 43  
ASN O    O N N 44  
ASN CB   C N N 45  
ASN CG   C N N 46  
ASN OD1  O N N 47  
ASN ND2  N N N 48  
ASN OXT  O N N 49  
ASN H    H N N 50  
ASN H2   H N N 51  
ASN HA   H N N 52  
ASN HB2  H N N 53  
ASN HB3  H N N 54  
ASN HD21 H N N 55  
ASN HD22 H N N 56  
ASN HXT  H N N 57  
ASP N    N N N 58  
ASP CA   C N S 59  
ASP C    C N N 60  
ASP O    O N N 61  
ASP CB   C N N 62  
ASP CG   C N N 63  
ASP OD1  O N N 64  
ASP OD2  O N N 65  
ASP OXT  O N N 66  
ASP H    H N N 67  
ASP H2   H N N 68  
ASP HA   H N N 69  
ASP HB2  H N N 70  
ASP HB3  H N N 71  
ASP HD2  H N N 72  
ASP HXT  H N N 73  
BME C1   C N N 74  
BME C2   C N N 75  
BME O1   O N N 76  
BME S2   S N N 77  
BME H11  H N N 78  
BME H12  H N N 79  
BME H21  H N N 80  
BME H22  H N N 81  
BME HO1  H N N 82  
BME HS2  H N N 83  
CAQ C1   C Y N 84  
CAQ C2   C Y N 85  
CAQ C3   C Y N 86  
CAQ O3   O N N 87  
CAQ C4   C Y N 88  
CAQ O4   O N N 89  
CAQ C5   C Y N 90  
CAQ C6   C Y N 91  
CAQ H1   H N N 92  
CAQ H2   H N N 93  
CAQ HO3  H N N 94  
CAQ HO4  H N N 95  
CAQ H5   H N N 96  
CAQ H6   H N N 97  
CYS N    N N N 98  
CYS CA   C N R 99  
CYS C    C N N 100 
CYS O    O N N 101 
CYS CB   C N N 102 
CYS SG   S N N 103 
CYS OXT  O N N 104 
CYS H    H N N 105 
CYS H2   H N N 106 
CYS HA   H N N 107 
CYS HB2  H N N 108 
CYS HB3  H N N 109 
CYS HG   H N N 110 
CYS HXT  H N N 111 
GLN N    N N N 112 
GLN CA   C N S 113 
GLN C    C N N 114 
GLN O    O N N 115 
GLN CB   C N N 116 
GLN CG   C N N 117 
GLN CD   C N N 118 
GLN OE1  O N N 119 
GLN NE2  N N N 120 
GLN OXT  O N N 121 
GLN H    H N N 122 
GLN H2   H N N 123 
GLN HA   H N N 124 
GLN HB2  H N N 125 
GLN HB3  H N N 126 
GLN HG2  H N N 127 
GLN HG3  H N N 128 
GLN HE21 H N N 129 
GLN HE22 H N N 130 
GLN HXT  H N N 131 
GLU N    N N N 132 
GLU CA   C N S 133 
GLU C    C N N 134 
GLU O    O N N 135 
GLU CB   C N N 136 
GLU CG   C N N 137 
GLU CD   C N N 138 
GLU OE1  O N N 139 
GLU OE2  O N N 140 
GLU OXT  O N N 141 
GLU H    H N N 142 
GLU H2   H N N 143 
GLU HA   H N N 144 
GLU HB2  H N N 145 
GLU HB3  H N N 146 
GLU HG2  H N N 147 
GLU HG3  H N N 148 
GLU HE2  H N N 149 
GLU HXT  H N N 150 
GLY N    N N N 151 
GLY CA   C N N 152 
GLY C    C N N 153 
GLY O    O N N 154 
GLY OXT  O N N 155 
GLY H    H N N 156 
GLY H2   H N N 157 
GLY HA2  H N N 158 
GLY HA3  H N N 159 
GLY HXT  H N N 160 
HIS N    N N N 161 
HIS CA   C N S 162 
HIS C    C N N 163 
HIS O    O N N 164 
HIS CB   C N N 165 
HIS CG   C Y N 166 
HIS ND1  N Y N 167 
HIS CD2  C Y N 168 
HIS CE1  C Y N 169 
HIS NE2  N Y N 170 
HIS OXT  O N N 171 
HIS H    H N N 172 
HIS H2   H N N 173 
HIS HA   H N N 174 
HIS HB2  H N N 175 
HIS HB3  H N N 176 
HIS HD1  H N N 177 
HIS HD2  H N N 178 
HIS HE1  H N N 179 
HIS HE2  H N N 180 
HIS HXT  H N N 181 
HOH O    O N N 182 
HOH H1   H N N 183 
HOH H2   H N N 184 
ILE N    N N N 185 
ILE CA   C N S 186 
ILE C    C N N 187 
ILE O    O N N 188 
ILE CB   C N S 189 
ILE CG1  C N N 190 
ILE CG2  C N N 191 
ILE CD1  C N N 192 
ILE OXT  O N N 193 
ILE H    H N N 194 
ILE H2   H N N 195 
ILE HA   H N N 196 
ILE HB   H N N 197 
ILE HG12 H N N 198 
ILE HG13 H N N 199 
ILE HG21 H N N 200 
ILE HG22 H N N 201 
ILE HG23 H N N 202 
ILE HD11 H N N 203 
ILE HD12 H N N 204 
ILE HD13 H N N 205 
ILE HXT  H N N 206 
LEU N    N N N 207 
LEU CA   C N S 208 
LEU C    C N N 209 
LEU O    O N N 210 
LEU CB   C N N 211 
LEU CG   C N N 212 
LEU CD1  C N N 213 
LEU CD2  C N N 214 
LEU OXT  O N N 215 
LEU H    H N N 216 
LEU H2   H N N 217 
LEU HA   H N N 218 
LEU HB2  H N N 219 
LEU HB3  H N N 220 
LEU HG   H N N 221 
LEU HD11 H N N 222 
LEU HD12 H N N 223 
LEU HD13 H N N 224 
LEU HD21 H N N 225 
LEU HD22 H N N 226 
LEU HD23 H N N 227 
LEU HXT  H N N 228 
LYS N    N N N 229 
LYS CA   C N S 230 
LYS C    C N N 231 
LYS O    O N N 232 
LYS CB   C N N 233 
LYS CG   C N N 234 
LYS CD   C N N 235 
LYS CE   C N N 236 
LYS NZ   N N N 237 
LYS OXT  O N N 238 
LYS H    H N N 239 
LYS H2   H N N 240 
LYS HA   H N N 241 
LYS HB2  H N N 242 
LYS HB3  H N N 243 
LYS HG2  H N N 244 
LYS HG3  H N N 245 
LYS HD2  H N N 246 
LYS HD3  H N N 247 
LYS HE2  H N N 248 
LYS HE3  H N N 249 
LYS HZ1  H N N 250 
LYS HZ2  H N N 251 
LYS HZ3  H N N 252 
LYS HXT  H N N 253 
MET N    N N N 254 
MET CA   C N S 255 
MET C    C N N 256 
MET O    O N N 257 
MET CB   C N N 258 
MET CG   C N N 259 
MET SD   S N N 260 
MET CE   C N N 261 
MET OXT  O N N 262 
MET H    H N N 263 
MET H2   H N N 264 
MET HA   H N N 265 
MET HB2  H N N 266 
MET HB3  H N N 267 
MET HG2  H N N 268 
MET HG3  H N N 269 
MET HE1  H N N 270 
MET HE2  H N N 271 
MET HE3  H N N 272 
MET HXT  H N N 273 
PHE N    N N N 274 
PHE CA   C N S 275 
PHE C    C N N 276 
PHE O    O N N 277 
PHE CB   C N N 278 
PHE CG   C Y N 279 
PHE CD1  C Y N 280 
PHE CD2  C Y N 281 
PHE CE1  C Y N 282 
PHE CE2  C Y N 283 
PHE CZ   C Y N 284 
PHE OXT  O N N 285 
PHE H    H N N 286 
PHE H2   H N N 287 
PHE HA   H N N 288 
PHE HB2  H N N 289 
PHE HB3  H N N 290 
PHE HD1  H N N 291 
PHE HD2  H N N 292 
PHE HE1  H N N 293 
PHE HE2  H N N 294 
PHE HZ   H N N 295 
PHE HXT  H N N 296 
PO4 P    P N N 297 
PO4 O1   O N N 298 
PO4 O2   O N N 299 
PO4 O3   O N N 300 
PO4 O4   O N N 301 
PRO N    N N N 302 
PRO CA   C N S 303 
PRO C    C N N 304 
PRO O    O N N 305 
PRO CB   C N N 306 
PRO CG   C N N 307 
PRO CD   C N N 308 
PRO OXT  O N N 309 
PRO H    H N N 310 
PRO HA   H N N 311 
PRO HB2  H N N 312 
PRO HB3  H N N 313 
PRO HG2  H N N 314 
PRO HG3  H N N 315 
PRO HD2  H N N 316 
PRO HD3  H N N 317 
PRO HXT  H N N 318 
SER N    N N N 319 
SER CA   C N S 320 
SER C    C N N 321 
SER O    O N N 322 
SER CB   C N N 323 
SER OG   O N N 324 
SER OXT  O N N 325 
SER H    H N N 326 
SER H2   H N N 327 
SER HA   H N N 328 
SER HB2  H N N 329 
SER HB3  H N N 330 
SER HG   H N N 331 
SER HXT  H N N 332 
THR N    N N N 333 
THR CA   C N S 334 
THR C    C N N 335 
THR O    O N N 336 
THR CB   C N R 337 
THR OG1  O N N 338 
THR CG2  C N N 339 
THR OXT  O N N 340 
THR H    H N N 341 
THR H2   H N N 342 
THR HA   H N N 343 
THR HB   H N N 344 
THR HG1  H N N 345 
THR HG21 H N N 346 
THR HG22 H N N 347 
THR HG23 H N N 348 
THR HXT  H N N 349 
TRP N    N N N 350 
TRP CA   C N S 351 
TRP C    C N N 352 
TRP O    O N N 353 
TRP CB   C N N 354 
TRP CG   C Y N 355 
TRP CD1  C Y N 356 
TRP CD2  C Y N 357 
TRP NE1  N Y N 358 
TRP CE2  C Y N 359 
TRP CE3  C Y N 360 
TRP CZ2  C Y N 361 
TRP CZ3  C Y N 362 
TRP CH2  C Y N 363 
TRP OXT  O N N 364 
TRP H    H N N 365 
TRP H2   H N N 366 
TRP HA   H N N 367 
TRP HB2  H N N 368 
TRP HB3  H N N 369 
TRP HD1  H N N 370 
TRP HE1  H N N 371 
TRP HE3  H N N 372 
TRP HZ2  H N N 373 
TRP HZ3  H N N 374 
TRP HH2  H N N 375 
TRP HXT  H N N 376 
TYR N    N N N 377 
TYR CA   C N S 378 
TYR C    C N N 379 
TYR O    O N N 380 
TYR CB   C N N 381 
TYR CG   C Y N 382 
TYR CD1  C Y N 383 
TYR CD2  C Y N 384 
TYR CE1  C Y N 385 
TYR CE2  C Y N 386 
TYR CZ   C Y N 387 
TYR OH   O N N 388 
TYR OXT  O N N 389 
TYR H    H N N 390 
TYR H2   H N N 391 
TYR HA   H N N 392 
TYR HB2  H N N 393 
TYR HB3  H N N 394 
TYR HD1  H N N 395 
TYR HD2  H N N 396 
TYR HE1  H N N 397 
TYR HE2  H N N 398 
TYR HH   H N N 399 
TYR HXT  H N N 400 
VAL N    N N N 401 
VAL CA   C N S 402 
VAL C    C N N 403 
VAL O    O N N 404 
VAL CB   C N N 405 
VAL CG1  C N N 406 
VAL CG2  C N N 407 
VAL OXT  O N N 408 
VAL H    H N N 409 
VAL H2   H N N 410 
VAL HA   H N N 411 
VAL HB   H N N 412 
VAL HG11 H N N 413 
VAL HG12 H N N 414 
VAL HG13 H N N 415 
VAL HG21 H N N 416 
VAL HG22 H N N 417 
VAL HG23 H N N 418 
VAL HXT  H N N 419 
# 
loop_
_chem_comp_bond.comp_id 
_chem_comp_bond.atom_id_1 
_chem_comp_bond.atom_id_2 
_chem_comp_bond.value_order 
_chem_comp_bond.pdbx_aromatic_flag 
_chem_comp_bond.pdbx_stereo_config 
_chem_comp_bond.pdbx_ordinal 
ALA N   CA   sing N N 1   
ALA N   H    sing N N 2   
ALA N   H2   sing N N 3   
ALA CA  C    sing N N 4   
ALA CA  CB   sing N N 5   
ALA CA  HA   sing N N 6   
ALA C   O    doub N N 7   
ALA C   OXT  sing N N 8   
ALA CB  HB1  sing N N 9   
ALA CB  HB2  sing N N 10  
ALA CB  HB3  sing N N 11  
ALA OXT HXT  sing N N 12  
ARG N   CA   sing N N 13  
ARG N   H    sing N N 14  
ARG N   H2   sing N N 15  
ARG CA  C    sing N N 16  
ARG CA  CB   sing N N 17  
ARG CA  HA   sing N N 18  
ARG C   O    doub N N 19  
ARG C   OXT  sing N N 20  
ARG CB  CG   sing N N 21  
ARG CB  HB2  sing N N 22  
ARG CB  HB3  sing N N 23  
ARG CG  CD   sing N N 24  
ARG CG  HG2  sing N N 25  
ARG CG  HG3  sing N N 26  
ARG CD  NE   sing N N 27  
ARG CD  HD2  sing N N 28  
ARG CD  HD3  sing N N 29  
ARG NE  CZ   sing N N 30  
ARG NE  HE   sing N N 31  
ARG CZ  NH1  sing N N 32  
ARG CZ  NH2  doub N N 33  
ARG NH1 HH11 sing N N 34  
ARG NH1 HH12 sing N N 35  
ARG NH2 HH21 sing N N 36  
ARG NH2 HH22 sing N N 37  
ARG OXT HXT  sing N N 38  
ASN N   CA   sing N N 39  
ASN N   H    sing N N 40  
ASN N   H2   sing N N 41  
ASN CA  C    sing N N 42  
ASN CA  CB   sing N N 43  
ASN CA  HA   sing N N 44  
ASN C   O    doub N N 45  
ASN C   OXT  sing N N 46  
ASN CB  CG   sing N N 47  
ASN CB  HB2  sing N N 48  
ASN CB  HB3  sing N N 49  
ASN CG  OD1  doub N N 50  
ASN CG  ND2  sing N N 51  
ASN ND2 HD21 sing N N 52  
ASN ND2 HD22 sing N N 53  
ASN OXT HXT  sing N N 54  
ASP N   CA   sing N N 55  
ASP N   H    sing N N 56  
ASP N   H2   sing N N 57  
ASP CA  C    sing N N 58  
ASP CA  CB   sing N N 59  
ASP CA  HA   sing N N 60  
ASP C   O    doub N N 61  
ASP C   OXT  sing N N 62  
ASP CB  CG   sing N N 63  
ASP CB  HB2  sing N N 64  
ASP CB  HB3  sing N N 65  
ASP CG  OD1  doub N N 66  
ASP CG  OD2  sing N N 67  
ASP OD2 HD2  sing N N 68  
ASP OXT HXT  sing N N 69  
BME C1  C2   sing N N 70  
BME C1  O1   sing N N 71  
BME C1  H11  sing N N 72  
BME C1  H12  sing N N 73  
BME C2  S2   sing N N 74  
BME C2  H21  sing N N 75  
BME C2  H22  sing N N 76  
BME O1  HO1  sing N N 77  
BME S2  HS2  sing N N 78  
CAQ C1  C2   doub Y N 79  
CAQ C1  C6   sing Y N 80  
CAQ C1  H1   sing N N 81  
CAQ C2  C3   sing Y N 82  
CAQ C2  H2   sing N N 83  
CAQ C3  O3   sing N N 84  
CAQ C3  C4   doub Y N 85  
CAQ O3  HO3  sing N N 86  
CAQ C4  O4   sing N N 87  
CAQ C4  C5   sing Y N 88  
CAQ O4  HO4  sing N N 89  
CAQ C5  C6   doub Y N 90  
CAQ C5  H5   sing N N 91  
CAQ C6  H6   sing N N 92  
CYS N   CA   sing N N 93  
CYS N   H    sing N N 94  
CYS N   H2   sing N N 95  
CYS CA  C    sing N N 96  
CYS CA  CB   sing N N 97  
CYS CA  HA   sing N N 98  
CYS C   O    doub N N 99  
CYS C   OXT  sing N N 100 
CYS CB  SG   sing N N 101 
CYS CB  HB2  sing N N 102 
CYS CB  HB3  sing N N 103 
CYS SG  HG   sing N N 104 
CYS OXT HXT  sing N N 105 
GLN N   CA   sing N N 106 
GLN N   H    sing N N 107 
GLN N   H2   sing N N 108 
GLN CA  C    sing N N 109 
GLN CA  CB   sing N N 110 
GLN CA  HA   sing N N 111 
GLN C   O    doub N N 112 
GLN C   OXT  sing N N 113 
GLN CB  CG   sing N N 114 
GLN CB  HB2  sing N N 115 
GLN CB  HB3  sing N N 116 
GLN CG  CD   sing N N 117 
GLN CG  HG2  sing N N 118 
GLN CG  HG3  sing N N 119 
GLN CD  OE1  doub N N 120 
GLN CD  NE2  sing N N 121 
GLN NE2 HE21 sing N N 122 
GLN NE2 HE22 sing N N 123 
GLN OXT HXT  sing N N 124 
GLU N   CA   sing N N 125 
GLU N   H    sing N N 126 
GLU N   H2   sing N N 127 
GLU CA  C    sing N N 128 
GLU CA  CB   sing N N 129 
GLU CA  HA   sing N N 130 
GLU C   O    doub N N 131 
GLU C   OXT  sing N N 132 
GLU CB  CG   sing N N 133 
GLU CB  HB2  sing N N 134 
GLU CB  HB3  sing N N 135 
GLU CG  CD   sing N N 136 
GLU CG  HG2  sing N N 137 
GLU CG  HG3  sing N N 138 
GLU CD  OE1  doub N N 139 
GLU CD  OE2  sing N N 140 
GLU OE2 HE2  sing N N 141 
GLU OXT HXT  sing N N 142 
GLY N   CA   sing N N 143 
GLY N   H    sing N N 144 
GLY N   H2   sing N N 145 
GLY CA  C    sing N N 146 
GLY CA  HA2  sing N N 147 
GLY CA  HA3  sing N N 148 
GLY C   O    doub N N 149 
GLY C   OXT  sing N N 150 
GLY OXT HXT  sing N N 151 
HIS N   CA   sing N N 152 
HIS N   H    sing N N 153 
HIS N   H2   sing N N 154 
HIS CA  C    sing N N 155 
HIS CA  CB   sing N N 156 
HIS CA  HA   sing N N 157 
HIS C   O    doub N N 158 
HIS C   OXT  sing N N 159 
HIS CB  CG   sing N N 160 
HIS CB  HB2  sing N N 161 
HIS CB  HB3  sing N N 162 
HIS CG  ND1  sing Y N 163 
HIS CG  CD2  doub Y N 164 
HIS ND1 CE1  doub Y N 165 
HIS ND1 HD1  sing N N 166 
HIS CD2 NE2  sing Y N 167 
HIS CD2 HD2  sing N N 168 
HIS CE1 NE2  sing Y N 169 
HIS CE1 HE1  sing N N 170 
HIS NE2 HE2  sing N N 171 
HIS OXT HXT  sing N N 172 
HOH O   H1   sing N N 173 
HOH O   H2   sing N N 174 
ILE N   CA   sing N N 175 
ILE N   H    sing N N 176 
ILE N   H2   sing N N 177 
ILE CA  C    sing N N 178 
ILE CA  CB   sing N N 179 
ILE CA  HA   sing N N 180 
ILE C   O    doub N N 181 
ILE C   OXT  sing N N 182 
ILE CB  CG1  sing N N 183 
ILE CB  CG2  sing N N 184 
ILE CB  HB   sing N N 185 
ILE CG1 CD1  sing N N 186 
ILE CG1 HG12 sing N N 187 
ILE CG1 HG13 sing N N 188 
ILE CG2 HG21 sing N N 189 
ILE CG2 HG22 sing N N 190 
ILE CG2 HG23 sing N N 191 
ILE CD1 HD11 sing N N 192 
ILE CD1 HD12 sing N N 193 
ILE CD1 HD13 sing N N 194 
ILE OXT HXT  sing N N 195 
LEU N   CA   sing N N 196 
LEU N   H    sing N N 197 
LEU N   H2   sing N N 198 
LEU CA  C    sing N N 199 
LEU CA  CB   sing N N 200 
LEU CA  HA   sing N N 201 
LEU C   O    doub N N 202 
LEU C   OXT  sing N N 203 
LEU CB  CG   sing N N 204 
LEU CB  HB2  sing N N 205 
LEU CB  HB3  sing N N 206 
LEU CG  CD1  sing N N 207 
LEU CG  CD2  sing N N 208 
LEU CG  HG   sing N N 209 
LEU CD1 HD11 sing N N 210 
LEU CD1 HD12 sing N N 211 
LEU CD1 HD13 sing N N 212 
LEU CD2 HD21 sing N N 213 
LEU CD2 HD22 sing N N 214 
LEU CD2 HD23 sing N N 215 
LEU OXT HXT  sing N N 216 
LYS N   CA   sing N N 217 
LYS N   H    sing N N 218 
LYS N   H2   sing N N 219 
LYS CA  C    sing N N 220 
LYS CA  CB   sing N N 221 
LYS CA  HA   sing N N 222 
LYS C   O    doub N N 223 
LYS C   OXT  sing N N 224 
LYS CB  CG   sing N N 225 
LYS CB  HB2  sing N N 226 
LYS CB  HB3  sing N N 227 
LYS CG  CD   sing N N 228 
LYS CG  HG2  sing N N 229 
LYS CG  HG3  sing N N 230 
LYS CD  CE   sing N N 231 
LYS CD  HD2  sing N N 232 
LYS CD  HD3  sing N N 233 
LYS CE  NZ   sing N N 234 
LYS CE  HE2  sing N N 235 
LYS CE  HE3  sing N N 236 
LYS NZ  HZ1  sing N N 237 
LYS NZ  HZ2  sing N N 238 
LYS NZ  HZ3  sing N N 239 
LYS OXT HXT  sing N N 240 
MET N   CA   sing N N 241 
MET N   H    sing N N 242 
MET N   H2   sing N N 243 
MET CA  C    sing N N 244 
MET CA  CB   sing N N 245 
MET CA  HA   sing N N 246 
MET C   O    doub N N 247 
MET C   OXT  sing N N 248 
MET CB  CG   sing N N 249 
MET CB  HB2  sing N N 250 
MET CB  HB3  sing N N 251 
MET CG  SD   sing N N 252 
MET CG  HG2  sing N N 253 
MET CG  HG3  sing N N 254 
MET SD  CE   sing N N 255 
MET CE  HE1  sing N N 256 
MET CE  HE2  sing N N 257 
MET CE  HE3  sing N N 258 
MET OXT HXT  sing N N 259 
PHE N   CA   sing N N 260 
PHE N   H    sing N N 261 
PHE N   H2   sing N N 262 
PHE CA  C    sing N N 263 
PHE CA  CB   sing N N 264 
PHE CA  HA   sing N N 265 
PHE C   O    doub N N 266 
PHE C   OXT  sing N N 267 
PHE CB  CG   sing N N 268 
PHE CB  HB2  sing N N 269 
PHE CB  HB3  sing N N 270 
PHE CG  CD1  doub Y N 271 
PHE CG  CD2  sing Y N 272 
PHE CD1 CE1  sing Y N 273 
PHE CD1 HD1  sing N N 274 
PHE CD2 CE2  doub Y N 275 
PHE CD2 HD2  sing N N 276 
PHE CE1 CZ   doub Y N 277 
PHE CE1 HE1  sing N N 278 
PHE CE2 CZ   sing Y N 279 
PHE CE2 HE2  sing N N 280 
PHE CZ  HZ   sing N N 281 
PHE OXT HXT  sing N N 282 
PO4 P   O1   doub N N 283 
PO4 P   O2   sing N N 284 
PO4 P   O3   sing N N 285 
PO4 P   O4   sing N N 286 
PRO N   CA   sing N N 287 
PRO N   CD   sing N N 288 
PRO N   H    sing N N 289 
PRO CA  C    sing N N 290 
PRO CA  CB   sing N N 291 
PRO CA  HA   sing N N 292 
PRO C   O    doub N N 293 
PRO C   OXT  sing N N 294 
PRO CB  CG   sing N N 295 
PRO CB  HB2  sing N N 296 
PRO CB  HB3  sing N N 297 
PRO CG  CD   sing N N 298 
PRO CG  HG2  sing N N 299 
PRO CG  HG3  sing N N 300 
PRO CD  HD2  sing N N 301 
PRO CD  HD3  sing N N 302 
PRO OXT HXT  sing N N 303 
SER N   CA   sing N N 304 
SER N   H    sing N N 305 
SER N   H2   sing N N 306 
SER CA  C    sing N N 307 
SER CA  CB   sing N N 308 
SER CA  HA   sing N N 309 
SER C   O    doub N N 310 
SER C   OXT  sing N N 311 
SER CB  OG   sing N N 312 
SER CB  HB2  sing N N 313 
SER CB  HB3  sing N N 314 
SER OG  HG   sing N N 315 
SER OXT HXT  sing N N 316 
THR N   CA   sing N N 317 
THR N   H    sing N N 318 
THR N   H2   sing N N 319 
THR CA  C    sing N N 320 
THR CA  CB   sing N N 321 
THR CA  HA   sing N N 322 
THR C   O    doub N N 323 
THR C   OXT  sing N N 324 
THR CB  OG1  sing N N 325 
THR CB  CG2  sing N N 326 
THR CB  HB   sing N N 327 
THR OG1 HG1  sing N N 328 
THR CG2 HG21 sing N N 329 
THR CG2 HG22 sing N N 330 
THR CG2 HG23 sing N N 331 
THR OXT HXT  sing N N 332 
TRP N   CA   sing N N 333 
TRP N   H    sing N N 334 
TRP N   H2   sing N N 335 
TRP CA  C    sing N N 336 
TRP CA  CB   sing N N 337 
TRP CA  HA   sing N N 338 
TRP C   O    doub N N 339 
TRP C   OXT  sing N N 340 
TRP CB  CG   sing N N 341 
TRP CB  HB2  sing N N 342 
TRP CB  HB3  sing N N 343 
TRP CG  CD1  doub Y N 344 
TRP CG  CD2  sing Y N 345 
TRP CD1 NE1  sing Y N 346 
TRP CD1 HD1  sing N N 347 
TRP CD2 CE2  doub Y N 348 
TRP CD2 CE3  sing Y N 349 
TRP NE1 CE2  sing Y N 350 
TRP NE1 HE1  sing N N 351 
TRP CE2 CZ2  sing Y N 352 
TRP CE3 CZ3  doub Y N 353 
TRP CE3 HE3  sing N N 354 
TRP CZ2 CH2  doub Y N 355 
TRP CZ2 HZ2  sing N N 356 
TRP CZ3 CH2  sing Y N 357 
TRP CZ3 HZ3  sing N N 358 
TRP CH2 HH2  sing N N 359 
TRP OXT HXT  sing N N 360 
TYR N   CA   sing N N 361 
TYR N   H    sing N N 362 
TYR N   H2   sing N N 363 
TYR CA  C    sing N N 364 
TYR CA  CB   sing N N 365 
TYR CA  HA   sing N N 366 
TYR C   O    doub N N 367 
TYR C   OXT  sing N N 368 
TYR CB  CG   sing N N 369 
TYR CB  HB2  sing N N 370 
TYR CB  HB3  sing N N 371 
TYR CG  CD1  doub Y N 372 
TYR CG  CD2  sing Y N 373 
TYR CD1 CE1  sing Y N 374 
TYR CD1 HD1  sing N N 375 
TYR CD2 CE2  doub Y N 376 
TYR CD2 HD2  sing N N 377 
TYR CE1 CZ   doub Y N 378 
TYR CE1 HE1  sing N N 379 
TYR CE2 CZ   sing Y N 380 
TYR CE2 HE2  sing N N 381 
TYR CZ  OH   sing N N 382 
TYR OH  HH   sing N N 383 
TYR OXT HXT  sing N N 384 
VAL N   CA   sing N N 385 
VAL N   H    sing N N 386 
VAL N   H2   sing N N 387 
VAL CA  C    sing N N 388 
VAL CA  CB   sing N N 389 
VAL CA  HA   sing N N 390 
VAL C   O    doub N N 391 
VAL C   OXT  sing N N 392 
VAL CB  CG1  sing N N 393 
VAL CB  CG2  sing N N 394 
VAL CB  HB   sing N N 395 
VAL CG1 HG11 sing N N 396 
VAL CG1 HG12 sing N N 397 
VAL CG1 HG13 sing N N 398 
VAL CG2 HG21 sing N N 399 
VAL CG2 HG22 sing N N 400 
VAL CG2 HG23 sing N N 401 
VAL OXT HXT  sing N N 402 
# 
_atom_sites.entry_id                    1XEP 
_atom_sites.fract_transf_matrix[1][1]   0.00287579 
_atom_sites.fract_transf_matrix[1][2]   0.01002737 
_atom_sites.fract_transf_matrix[1][3]   0.01610705 
_atom_sites.fract_transf_matrix[2][1]   0.01483792 
_atom_sites.fract_transf_matrix[2][2]   0.01210534 
_atom_sites.fract_transf_matrix[2][3]   0.00124620 
_atom_sites.fract_transf_matrix[3][1]   -0.00592570 
_atom_sites.fract_transf_matrix[3][2]   0.00764433 
_atom_sites.fract_transf_matrix[3][3]   -0.00370095 
_atom_sites.fract_transf_vector[1]      0.682350 
_atom_sites.fract_transf_vector[2]      0.223306 
_atom_sites.fract_transf_vector[3]      0.102982 
# 
loop_
_atom_type.symbol 
C 
N 
O 
P 
S 
# 
loop_
_atom_site.group_PDB 
_atom_site.id 
_atom_site.type_symbol 
_atom_site.label_atom_id 
_atom_site.label_alt_id 
_atom_site.label_comp_id 
_atom_site.label_asym_id 
_atom_site.label_entity_id 
_atom_site.label_seq_id 
_atom_site.pdbx_PDB_ins_code 
_atom_site.Cartn_x 
_atom_site.Cartn_y 
_atom_site.Cartn_z 
_atom_site.occupancy 
_atom_site.B_iso_or_equiv 
_atom_site.pdbx_formal_charge 
_atom_site.auth_seq_id 
_atom_site.auth_comp_id 
_atom_site.auth_asym_id 
_atom_site.auth_atom_id 
_atom_site.pdbx_PDB_model_num 
ATOM   1    N N   A MET A 1 1   ? -13.219 -7.828  8.259   0.50 17.02 ? 1    MET A N   1 
ATOM   2    N N   B MET A 1 1   ? -13.487 -7.496  8.272   0.50 16.97 ? 1    MET A N   1 
ATOM   3    C CA  A MET A 1 1   ? -12.074 -7.139  7.588   0.50 17.74 ? 1    MET A CA  1 
ATOM   4    C CA  B MET A 1 1   ? -12.251 -6.946  7.645   0.50 17.33 ? 1    MET A CA  1 
ATOM   5    C C   A MET A 1 1   ? -12.173 -7.110  6.065   0.50 16.62 ? 1    MET A C   1 
ATOM   6    C C   B MET A 1 1   ? -12.340 -6.974  6.113   0.50 16.34 ? 1    MET A C   1 
ATOM   7    O O   A MET A 1 1   ? -12.727 -8.014  5.446   0.50 17.47 ? 1    MET A O   1 
ATOM   8    O O   B MET A 1 1   ? -13.037 -7.797  5.537   0.50 17.46 ? 1    MET A O   1 
ATOM   9    C CB  A MET A 1 1   ? -10.751 -7.817  7.965   0.50 19.29 ? 1    MET A CB  1 
ATOM   10   C CB  B MET A 1 1   ? -11.043 -7.755  8.125   0.50 17.95 ? 1    MET A CB  1 
ATOM   11   C CG  A MET A 1 1   ? -10.270 -7.584  9.384   0.50 19.14 ? 1    MET A CG  1 
ATOM   12   C CG  B MET A 1 1   ? -9.694  -7.169  7.751   0.50 15.99 ? 1    MET A CG  1 
ATOM   13   S SD  A MET A 1 1   ? -9.953  -5.851  9.728   0.50 19.61 ? 1    MET A SD  1 
ATOM   14   S SD  B MET A 1 1   ? -9.375  -5.525  8.415   0.50 16.46 ? 1    MET A SD  1 
ATOM   15   C CE  A MET A 1 1   ? -8.703  -5.511  8.489   0.50 19.37 ? 1    MET A CE  1 
ATOM   16   C CE  B MET A 1 1   ? -9.667  -5.844  10.172  0.50 17.84 ? 1    MET A CE  1 
ATOM   17   N N   . ASN A 1 2   ? -11.633 -6.052  5.465   1.00 15.24 ? 2    ASN A N   1 
ATOM   18   C CA  . ASN A 1 2   ? -11.595 -5.939  4.009   1.00 14.80 ? 2    ASN A CA  1 
ATOM   19   C C   . ASN A 1 2   ? -10.377 -5.041  3.741   1.00 13.51 ? 2    ASN A C   1 
ATOM   20   O O   . ASN A 1 2   ? -9.783  -4.537  4.692   1.00 15.04 ? 2    ASN A O   1 
ATOM   21   C CB  . ASN A 1 2   ? -12.898 -5.342  3.438   1.00 15.02 ? 2    ASN A CB  1 
ATOM   22   C CG  . ASN A 1 2   ? -13.237 -3.998  4.028   1.00 17.07 ? 2    ASN A CG  1 
ATOM   23   O OD1 . ASN A 1 2   ? -12.432 -3.074  3.977   1.00 15.53 ? 2    ASN A OD1 1 
ATOM   24   N ND2 . ASN A 1 2   ? -14.441 -3.873  4.582   1.00 15.28 ? 2    ASN A ND2 1 
ATOM   25   N N   . ILE A 1 3   ? -10.015 -4.858  2.478   1.00 13.97 ? 3    ILE A N   1 
ATOM   26   C CA  . ILE A 1 3   ? -8.840  -4.070  2.113   1.00 13.50 ? 3    ILE A CA  1 
ATOM   27   C C   . ILE A 1 3   ? -8.870  -2.634  2.659   1.00 15.58 ? 3    ILE A C   1 
ATOM   28   O O   . ILE A 1 3   ? -7.835  -2.101  3.036   1.00 14.68 ? 3    ILE A O   1 
ATOM   29   C CB  . ILE A 1 3   ? -8.623  -4.089  0.562   1.00 13.84 ? 3    ILE A CB  1 
ATOM   30   C CG1 . ILE A 1 3   ? -7.316  -3.388  0.197   1.00 14.14 ? 3    ILE A CG1 1 
ATOM   31   C CG2 . ILE A 1 3   ? -9.799  -3.422  -0.165  1.00 13.30 ? 3    ILE A CG2 1 
ATOM   32   C CD1 . ILE A 1 3   ? -6.041  -3.975  0.881   1.00 12.52 ? 3    ILE A CD1 1 
ATOM   33   N N   . PHE A 1 4   ? -10.040 -2.014  2.733   1.00 14.22 ? 4    PHE A N   1 
ATOM   34   C CA  . PHE A 1 4   ? -10.090 -0.647  3.256   1.00 13.72 ? 4    PHE A CA  1 
ATOM   35   C C   . PHE A 1 4   ? -9.812  -0.630  4.750   1.00 14.02 ? 4    PHE A C   1 
ATOM   36   O O   . PHE A 1 4   ? -9.051  0.206   5.234   1.00 14.74 ? 4    PHE A O   1 
ATOM   37   C CB  . PHE A 1 4   ? -11.452 0.010   2.938   1.00 14.18 ? 4    PHE A CB  1 
ATOM   38   C CG  . PHE A 1 4   ? -11.657 0.263   1.472   1.00 14.38 ? 4    PHE A CG  1 
ATOM   39   C CD1 . PHE A 1 4   ? -12.186 -0.714  0.647   1.00 16.86 ? 4    PHE A CD1 1 
ATOM   40   C CD2 . PHE A 1 4   ? -11.249 1.467   0.900   1.00 16.92 ? 4    PHE A CD2 1 
ATOM   41   C CE1 . PHE A 1 4   ? -12.305 -0.510  -0.722  1.00 17.64 ? 4    PHE A CE1 1 
ATOM   42   C CE2 . PHE A 1 4   ? -11.368 1.681   -0.479  1.00 17.88 ? 4    PHE A CE2 1 
ATOM   43   C CZ  . PHE A 1 4   ? -11.898 0.681   -1.286  1.00 18.70 ? 4    PHE A CZ  1 
ATOM   44   N N   . GLU A 1 5   ? -10.415 -1.554  5.496   1.00 14.48 ? 5    GLU A N   1 
ATOM   45   C CA  . GLU A 1 5   ? -10.186 -1.595  6.934   1.00 15.19 ? 5    GLU A CA  1 
ATOM   46   C C   . GLU A 1 5   ? -8.735  -1.940  7.243   1.00 14.21 ? 5    GLU A C   1 
ATOM   47   O O   . GLU A 1 5   ? -8.145  -1.411  8.182   1.00 14.66 ? 5    GLU A O   1 
ATOM   48   C CB  . GLU A 1 5   ? -11.117 -2.619  7.577   1.00 15.24 ? 5    GLU A CB  1 
ATOM   49   C CG  . GLU A 1 5   ? -12.556 -2.109  7.625   1.00 17.31 ? 5    GLU A CG  1 
ATOM   50   C CD  . GLU A 1 5   ? -13.522 -3.049  8.334   1.00 22.32 ? 5    GLU A CD  1 
ATOM   51   O OE1 . GLU A 1 5   ? -13.069 -3.936  9.086   1.00 24.79 ? 5    GLU A OE1 1 
ATOM   52   O OE2 . GLU A 1 5   ? -14.745 -2.871  8.170   1.00 21.86 ? 5    GLU A OE2 1 
ATOM   53   N N   . MET A 1 6   ? -8.177  -2.827  6.441   1.00 14.55 ? 6    MET A N   1 
ATOM   54   C CA  . MET A 1 6   ? -6.799  -3.256  6.628   1.00 14.05 ? 6    MET A CA  1 
ATOM   55   C C   . MET A 1 6   ? -5.833  -2.103  6.393   1.00 14.82 ? 6    MET A C   1 
ATOM   56   O O   . MET A 1 6   ? -4.950  -1.842  7.236   1.00 14.51 ? 6    MET A O   1 
ATOM   57   C CB  . MET A 1 6   ? -6.508  -4.403  5.658   1.00 14.16 ? 6    MET A CB  1 
ATOM   58   C CG  . MET A 1 6   ? -5.072  -4.926  5.677   1.00 13.68 ? 6    MET A CG  1 
ATOM   59   S SD  . MET A 1 6   ? -4.776  -5.834  4.152   1.00 13.40 ? 6    MET A SD  1 
ATOM   60   C CE  . MET A 1 6   ? -3.600  -7.081  4.647   1.00 15.23 ? 6    MET A CE  1 
ATOM   61   N N   . LEU A 1 7   ? -5.979  -1.415  5.260   1.00 14.88 ? 7    LEU A N   1 
ATOM   62   C CA  . LEU A 1 7   ? -5.083  -0.304  4.979   1.00 13.27 ? 7    LEU A CA  1 
ATOM   63   C C   . LEU A 1 7   ? -5.309  0.859   5.936   1.00 14.77 ? 7    LEU A C   1 
ATOM   64   O O   . LEU A 1 7   ? -4.365  1.589   6.265   1.00 15.32 ? 7    LEU A O   1 
ATOM   65   C CB  . LEU A 1 7   ? -5.188  0.150   3.513   1.00 12.91 ? 7    LEU A CB  1 
ATOM   66   C CG  . LEU A 1 7   ? -4.317  -0.732  2.608   1.00 14.07 ? 7    LEU A CG  1 
ATOM   67   C CD1 . LEU A 1 7   ? -4.688  -0.535  1.151   1.00 15.86 ? 7    LEU A CD1 1 
ATOM   68   C CD2 . LEU A 1 7   ? -2.832  -0.383  2.847   1.00 15.72 ? 7    LEU A CD2 1 
ATOM   69   N N   . ARG A 1 8   ? -6.543  1.039   6.403   1.00 14.88 ? 8    ARG A N   1 
ATOM   70   C CA  . ARG A 1 8   ? -6.814  2.102   7.372   1.00 15.06 ? 8    ARG A CA  1 
ATOM   71   C C   . ARG A 1 8   ? -6.020  1.832   8.664   1.00 16.37 ? 8    ARG A C   1 
ATOM   72   O O   . ARG A 1 8   ? -5.474  2.749   9.285   1.00 15.00 ? 8    ARG A O   1 
ATOM   73   C CB  . ARG A 1 8   ? -8.317  2.157   7.663   1.00 16.22 ? 8    ARG A CB  1 
ATOM   74   C CG  . ARG A 1 8   ? -8.688  3.113   8.778   1.00 16.01 ? 8    ARG A CG  1 
ATOM   75   C CD  . ARG A 1 8   ? -8.273  4.564   8.489   1.00 18.68 ? 8    ARG A CD  1 
ATOM   76   N NE  . ARG A 1 8   ? -8.667  5.424   9.604   1.00 20.97 ? 8    ARG A NE  1 
ATOM   77   C CZ  . ARG A 1 8   ? -8.025  5.477   10.770  1.00 23.35 ? 8    ARG A CZ  1 
ATOM   78   N NH1 . ARG A 1 8   ? -6.948  4.728   10.977  1.00 25.11 ? 8    ARG A NH1 1 
ATOM   79   N NH2 . ARG A 1 8   ? -8.478  6.263   11.746  1.00 25.49 ? 8    ARG A NH2 1 
ATOM   80   N N   . ILE A 1 9   ? -5.934  0.567   9.069   1.00 14.60 ? 9    ILE A N   1 
ATOM   81   C CA  . ILE A 1 9   ? -5.156  0.224   10.257  1.00 15.64 ? 9    ILE A CA  1 
ATOM   82   C C   . ILE A 1 9   ? -3.652  0.451   9.986   1.00 15.14 ? 9    ILE A C   1 
ATOM   83   O O   . ILE A 1 9   ? -2.947  1.060   10.801  1.00 17.56 ? 9    ILE A O   1 
ATOM   84   C CB  . ILE A 1 9   ? -5.407  -1.260  10.644  1.00 14.64 ? 9    ILE A CB  1 
ATOM   85   C CG1 . ILE A 1 9   ? -6.741  -1.380  11.372  1.00 15.30 ? 9    ILE A CG1 1 
ATOM   86   C CG2 . ILE A 1 9   ? -4.268  -1.809  11.517  1.00 15.41 ? 9    ILE A CG2 1 
ATOM   87   C CD1 . ILE A 1 9   ? -7.276  -2.805  11.428  1.00 16.58 ? 9    ILE A CD1 1 
ATOM   88   N N   . ASP A 1 10  ? -3.158  0.005   8.831   1.00 13.97 ? 10   ASP A N   1 
ATOM   89   C CA  . ASP A 1 10  ? -1.729  0.140   8.545   1.00 13.74 ? 10   ASP A CA  1 
ATOM   90   C C   . ASP A 1 10  ? -1.232  1.561   8.243   1.00 13.58 ? 10   ASP A C   1 
ATOM   91   O O   . ASP A 1 10  ? -0.072  1.896   8.545   1.00 15.72 ? 10   ASP A O   1 
ATOM   92   C CB  . ASP A 1 10  ? -1.331  -0.778  7.380   1.00 13.55 ? 10   ASP A CB  1 
ATOM   93   C CG  . ASP A 1 10  ? -1.355  -2.245  7.763   1.00 13.06 ? 10   ASP A CG  1 
ATOM   94   O OD1 . ASP A 1 10  ? -1.201  -2.547  8.960   1.00 13.40 ? 10   ASP A OD1 1 
ATOM   95   O OD2 . ASP A 1 10  ? -1.521  -3.102  6.862   1.00 13.92 ? 10   ASP A OD2 1 
ATOM   96   N N   . GLU A 1 11  ? -2.107  2.394   7.681   1.00 13.44 ? 11   GLU A N   1 
ATOM   97   C CA  . GLU A 1 11  ? -1.723  3.745   7.279   1.00 13.74 ? 11   GLU A CA  1 
ATOM   98   C C   . GLU A 1 11  ? -2.175  4.875   8.178   1.00 14.69 ? 11   GLU A C   1 
ATOM   99   O O   . GLU A 1 11  ? -1.604  5.954   8.108   1.00 16.81 ? 11   GLU A O   1 
ATOM   100  C CB  . GLU A 1 11  ? -2.245  4.025   5.864   1.00 15.22 ? 11   GLU A CB  1 
ATOM   101  C CG  . GLU A 1 11  ? -1.715  3.101   4.783   1.00 15.48 ? 11   GLU A CG  1 
ATOM   102  C CD  . GLU A 1 11  ? -0.235  3.266   4.524   1.00 17.47 ? 11   GLU A CD  1 
ATOM   103  O OE1 . GLU A 1 11  ? 0.388   4.204   5.090   1.00 18.27 ? 11   GLU A OE1 1 
ATOM   104  O OE2 . GLU A 1 11  ? 0.312   2.469   3.751   1.00 16.66 ? 11   GLU A OE2 1 
ATOM   105  N N   . GLY A 1 12  ? -3.208  4.648   8.984   1.00 14.92 ? 12   GLY A N   1 
ATOM   106  C CA  . GLY A 1 12  ? -3.723  5.689   9.863   1.00 15.87 ? 12   GLY A CA  1 
ATOM   107  C C   . GLY A 1 12  ? -4.516  6.726   9.076   1.00 15.85 ? 12   GLY A C   1 
ATOM   108  O O   . GLY A 1 12  ? -4.782  6.543   7.882   1.00 16.92 ? 12   GLY A O   1 
ATOM   109  N N   . LEU A 1 13  ? -4.904  7.813   9.743   1.00 15.45 ? 13   LEU A N   1 
ATOM   110  C CA  . LEU A 1 13  ? -5.634  8.901   9.083   1.00 14.91 ? 13   LEU A CA  1 
ATOM   111  C C   . LEU A 1 13  ? -5.176  10.221  9.689   1.00 15.53 ? 13   LEU A C   1 
ATOM   112  O O   . LEU A 1 13  ? -5.324  10.435  10.909  1.00 16.54 ? 13   LEU A O   1 
ATOM   113  C CB  . LEU A 1 13  ? -7.154  8.749   9.273   1.00 16.99 ? 13   LEU A CB  1 
ATOM   114  C CG  . LEU A 1 13  ? -8.023  9.973   8.931   1.00 17.52 ? 13   LEU A CG  1 
ATOM   115  C CD1 . LEU A 1 13  ? -7.995  10.229  7.432   1.00 19.20 ? 13   LEU A CD1 1 
ATOM   116  C CD2 . LEU A 1 13  ? -9.473  9.729   9.402   1.00 20.67 ? 13   LEU A CD2 1 
ATOM   117  N N   . ARG A 1 14  ? -4.590  11.082  8.852   1.00 14.66 ? 14   ARG A N   1 
ATOM   118  C CA  . ARG A 1 14  ? -4.132  12.384  9.306   1.00 14.78 ? 14   ARG A CA  1 
ATOM   119  C C   . ARG A 1 14  ? -4.625  13.389  8.280   1.00 15.40 ? 14   ARG A C   1 
ATOM   120  O O   . ARG A 1 14  ? -4.481  13.183  7.075   1.00 16.77 ? 14   ARG A O   1 
ATOM   121  C CB  . ARG A 1 14  ? -2.608  12.417  9.438   1.00 15.07 ? 14   ARG A CB  1 
ATOM   122  C CG  . ARG A 1 14  ? -2.119  11.342  10.411  1.00 17.69 ? 14   ARG A CG  1 
ATOM   123  C CD  . ARG A 1 14  ? -0.651  11.460  10.750  1.00 20.45 ? 14   ARG A CD  1 
ATOM   124  N NE  . ARG A 1 14  ? -0.403  12.599  11.631  1.00 22.49 ? 14   ARG A NE  1 
ATOM   125  C CZ  . ARG A 1 14  ? 0.814   12.973  12.011  1.00 24.93 ? 14   ARG A CZ  1 
ATOM   126  N NH1 . ARG A 1 14  ? 1.868   12.294  11.588  1.00 22.78 ? 14   ARG A NH1 1 
ATOM   127  N NH2 . ARG A 1 14  ? 0.974   14.030  12.799  1.00 28.68 ? 14   ARG A NH2 1 
ATOM   128  N N   . LEU A 1 15  ? -5.218  14.477  8.769   1.00 15.60 ? 15   LEU A N   1 
ATOM   129  C CA  . LEU A 1 15  ? -5.778  15.486  7.879   1.00 15.91 ? 15   LEU A CA  1 
ATOM   130  C C   . LEU A 1 15  ? -4.846  16.632  7.469   1.00 15.64 ? 15   LEU A C   1 
ATOM   131  O O   . LEU A 1 15  ? -5.222  17.467  6.642   1.00 17.40 ? 15   LEU A O   1 
ATOM   132  C CB  . LEU A 1 15  ? -7.060  16.040  8.512   1.00 16.01 ? 15   LEU A CB  1 
ATOM   133  C CG  . LEU A 1 15  ? -8.112  14.966  8.782   1.00 16.11 ? 15   LEU A CG  1 
ATOM   134  C CD1 . LEU A 1 15  ? -9.385  15.626  9.301   1.00 19.08 ? 15   LEU A CD1 1 
ATOM   135  C CD2 . LEU A 1 15  ? -8.423  14.198  7.510   1.00 19.21 ? 15   LEU A CD2 1 
ATOM   136  N N   . LYS A 1 16  ? -3.648  16.683  8.043   1.00 15.60 ? 16   LYS A N   1 
ATOM   137  C CA  . LYS A 1 16  ? -2.680  17.723  7.687   1.00 16.23 ? 16   LYS A CA  1 
ATOM   138  C C   . LYS A 1 16  ? -1.477  17.020  7.080   1.00 15.61 ? 16   LYS A C   1 
ATOM   139  O O   . LYS A 1 16  ? -1.186  15.874  7.430   1.00 16.36 ? 16   LYS A O   1 
ATOM   140  C CB  . LYS A 1 16  ? -2.221  18.497  8.925   1.00 18.89 ? 16   LYS A CB  1 
ATOM   141  C CG  . LYS A 1 16  ? -3.332  19.169  9.709   1.00 23.15 ? 16   LYS A CG  1 
ATOM   142  C CD  . LYS A 1 16  ? -2.787  19.766  11.017  1.00 26.14 ? 16   LYS A CD  1 
ATOM   143  C CE  . LYS A 1 16  ? -2.260  18.680  11.943  0.00 25.67 ? 16   LYS A CE  1 
ATOM   144  N NZ  . LYS A 1 16  ? -1.745  19.239  13.224  0.00 26.23 ? 16   LYS A NZ  1 
ATOM   145  N N   . ILE A 1 17  ? -0.780  17.685  6.169   1.00 14.67 ? 17   ILE A N   1 
ATOM   146  C CA  . ILE A 1 17  ? 0.399   17.094  5.546   1.00 14.99 ? 17   ILE A CA  1 
ATOM   147  C C   . ILE A 1 17  ? 1.385   16.606  6.606   1.00 14.18 ? 17   ILE A C   1 
ATOM   148  O O   . ILE A 1 17  ? 1.709   17.321  7.566   1.00 14.53 ? 17   ILE A O   1 
ATOM   149  C CB  . ILE A 1 17  ? 1.117   18.107  4.627   1.00 15.20 ? 17   ILE A CB  1 
ATOM   150  C CG1 . ILE A 1 17  ? 0.257   18.379  3.382   1.00 14.58 ? 17   ILE A CG1 1 
ATOM   151  C CG2 . ILE A 1 17  ? 2.496   17.551  4.202   1.00 14.41 ? 17   ILE A CG2 1 
ATOM   152  C CD1 . ILE A 1 17  ? 0.808   19.475  2.483   1.00 17.10 ? 17   ILE A CD1 1 
ATOM   153  N N   . TYR A 1 18  ? 1.855   15.379  6.431   1.00 13.54 ? 18   TYR A N   1 
ATOM   154  C CA  . TYR A 1 18  ? 2.831   14.786  7.354   1.00 15.24 ? 18   TYR A CA  1 
ATOM   155  C C   . TYR A 1 18  ? 3.852   14.010  6.523   1.00 15.57 ? 18   TYR A C   1 
ATOM   156  O O   . TYR A 1 18  ? 3.670   13.838  5.321   1.00 14.39 ? 18   TYR A O   1 
ATOM   157  C CB  . TYR A 1 18  ? 2.136   13.844  8.358   1.00 16.54 ? 18   TYR A CB  1 
ATOM   158  C CG  . TYR A 1 18  ? 1.510   12.586  7.769   1.00 17.72 ? 18   TYR A CG  1 
ATOM   159  C CD1 . TYR A 1 18  ? 2.182   11.352  7.823   1.00 18.98 ? 18   TYR A CD1 1 
ATOM   160  C CD2 . TYR A 1 18  ? 0.244   12.617  7.180   1.00 17.10 ? 18   TYR A CD2 1 
ATOM   161  C CE1 . TYR A 1 18  ? 1.596   10.190  7.304   1.00 21.39 ? 18   TYR A CE1 1 
ATOM   162  C CE2 . TYR A 1 18  ? -0.346  11.461  6.652   1.00 18.63 ? 18   TYR A CE2 1 
ATOM   163  C CZ  . TYR A 1 18  ? 0.341   10.254  6.721   1.00 20.65 ? 18   TYR A CZ  1 
ATOM   164  O OH  . TYR A 1 18  ? -0.235  9.121   6.178   1.00 22.11 ? 18   TYR A OH  1 
ATOM   165  N N   . LYS A 1 19  ? 4.947   13.577  7.137   1.00 14.48 ? 19   LYS A N   1 
ATOM   166  C CA  . LYS A 1 19  ? 5.920   12.790  6.394   1.00 14.25 ? 19   LYS A CA  1 
ATOM   167  C C   . LYS A 1 19  ? 5.714   11.319  6.754   1.00 14.43 ? 19   LYS A C   1 
ATOM   168  O O   . LYS A 1 19  ? 5.505   10.973  7.924   1.00 14.62 ? 19   LYS A O   1 
ATOM   169  C CB  . LYS A 1 19  ? 7.356   13.203  6.728   1.00 15.01 ? 19   LYS A CB  1 
ATOM   170  C CG  . LYS A 1 19  ? 7.738   14.570  6.207   1.00 15.16 ? 19   LYS A CG  1 
ATOM   171  C CD  . LYS A 1 19  ? 9.178   14.886  6.581   1.00 14.83 ? 19   LYS A CD  1 
ATOM   172  C CE  . LYS A 1 19  ? 9.597   16.253  6.060   1.00 17.66 ? 19   LYS A CE  1 
ATOM   173  N NZ  . LYS A 1 19  ? 10.990  16.520  6.510   1.00 17.56 ? 19   LYS A NZ  1 
ATOM   174  N N   . ASP A 1 20  ? 5.747   10.457  5.738   1.00 13.85 ? 20   ASP A N   1 
ATOM   175  C CA  . ASP A 1 20  ? 5.547   9.031   5.965   1.00 14.41 ? 20   ASP A CA  1 
ATOM   176  C C   . ASP A 1 20  ? 6.793   8.368   6.547   1.00 14.27 ? 20   ASP A C   1 
ATOM   177  O O   . ASP A 1 20  ? 7.751   9.072   6.918   1.00 14.34 ? 20   ASP A O   1 
ATOM   178  C CB  . ASP A 1 20  ? 5.074   8.325   4.672   1.00 14.52 ? 20   ASP A CB  1 
ATOM   179  C CG  . ASP A 1 20  ? 6.141   8.259   3.580   1.00 17.60 ? 20   ASP A CG  1 
ATOM   180  O OD1 . ASP A 1 20  ? 7.327   8.527   3.848   1.00 15.43 ? 20   ASP A OD1 1 
ATOM   181  O OD2 . ASP A 1 20  ? 5.790   7.901   2.422   1.00 18.72 ? 20   ASP A OD2 1 
ATOM   182  N N   . THR A 1 21  ? 6.792   7.038   6.626   1.00 13.92 ? 21   THR A N   1 
ATOM   183  C CA  . THR A 1 21  ? 7.924   6.320   7.225   1.00 13.98 ? 21   THR A CA  1 
ATOM   184  C C   . THR A 1 21  ? 9.220   6.542   6.471   1.00 14.45 ? 21   THR A C   1 
ATOM   185  O O   . THR A 1 21  ? 10.291  6.364   7.041   1.00 16.37 ? 21   THR A O   1 
ATOM   186  C CB  . THR A 1 21  ? 7.689   4.780   7.289   1.00 16.36 ? 21   THR A CB  1 
ATOM   187  O OG1 . THR A 1 21  ? 7.677   4.249   5.960   1.00 18.77 ? 21   THR A OG1 1 
ATOM   188  C CG2 . THR A 1 21  ? 6.383   4.441   8.009   1.00 18.09 ? 21   THR A CG2 1 
ATOM   189  N N   . GLU A 1 22  ? 9.132   6.902   5.189   1.00 14.06 ? 22   GLU A N   1 
ATOM   190  C CA  . GLU A 1 22  ? 10.318  7.131   4.368   1.00 14.93 ? 22   GLU A CA  1 
ATOM   191  C C   . GLU A 1 22  ? 10.716  8.604   4.326   1.00 14.98 ? 22   GLU A C   1 
ATOM   192  O O   . GLU A 1 22  ? 11.674  8.973   3.627   1.00 16.84 ? 22   GLU A O   1 
ATOM   193  C CB  . GLU A 1 22  ? 10.068  6.643   2.943   1.00 16.89 ? 22   GLU A CB  1 
ATOM   194  C CG  . GLU A 1 22  ? 9.898   5.139   2.810   1.00 21.68 ? 22   GLU A CG  1 
ATOM   195  C CD  . GLU A 1 22  ? 11.181  4.386   3.115   1.00 25.47 ? 22   GLU A CD  1 
ATOM   196  O OE1 . GLU A 1 22  ? 12.272  4.957   2.921   1.00 30.22 ? 22   GLU A OE1 1 
ATOM   197  O OE2 . GLU A 1 22  ? 11.101  3.224   3.535   1.00 29.80 ? 22   GLU A OE2 1 
ATOM   198  N N   . GLY A 1 23  ? 9.986   9.436   5.064   1.00 14.64 ? 23   GLY A N   1 
ATOM   199  C CA  . GLY A 1 23  ? 10.260  10.866  5.092   1.00 13.74 ? 23   GLY A CA  1 
ATOM   200  C C   . GLY A 1 23  ? 9.603   11.667  3.974   1.00 15.64 ? 23   GLY A C   1 
ATOM   201  O O   . GLY A 1 23  ? 9.966   12.822  3.741   1.00 15.61 ? 23   GLY A O   1 
ATOM   202  N N   . TYR A 1 24  ? 8.603   11.073  3.307   1.00 14.83 ? 24   TYR A N   1 
ATOM   203  C CA  . TYR A 1 24  ? 7.924   11.722  2.175   1.00 15.34 ? 24   TYR A CA  1 
ATOM   204  C C   . TYR A 1 24  ? 6.597   12.367  2.521   1.00 14.62 ? 24   TYR A C   1 
ATOM   205  O O   . TYR A 1 24  ? 5.789   11.780  3.240   1.00 13.61 ? 24   TYR A O   1 
ATOM   206  C CB  . TYR A 1 24  ? 7.668   10.697  1.065   1.00 16.57 ? 24   TYR A CB  1 
ATOM   207  C CG  . TYR A 1 24  ? 8.903   10.049  0.497   1.00 20.75 ? 24   TYR A CG  1 
ATOM   208  C CD1 . TYR A 1 24  ? 8.899   8.689   0.204   1.00 20.67 ? 24   TYR A CD1 1 
ATOM   209  C CD2 . TYR A 1 24  ? 10.054  10.790  0.232   1.00 22.05 ? 24   TYR A CD2 1 
ATOM   210  C CE1 . TYR A 1 24  ? 10.009  8.068   -0.344  1.00 23.34 ? 24   TYR A CE1 1 
ATOM   211  C CE2 . TYR A 1 24  ? 11.188  10.177  -0.331  1.00 24.89 ? 24   TYR A CE2 1 
ATOM   212  C CZ  . TYR A 1 24  ? 11.143  8.814   -0.615  1.00 24.16 ? 24   TYR A CZ  1 
ATOM   213  O OH  . TYR A 1 24  ? 12.213  8.189   -1.234  1.00 28.03 ? 24   TYR A OH  1 
ATOM   214  N N   . TYR A 1 25  ? 6.364   13.574  1.999   1.00 13.49 ? 25   TYR A N   1 
ATOM   215  C CA  . TYR A 1 25  ? 5.105   14.284  2.247   1.00 13.48 ? 25   TYR A CA  1 
ATOM   216  C C   . TYR A 1 25  ? 3.912   13.448  1.793   1.00 13.99 ? 25   TYR A C   1 
ATOM   217  O O   . TYR A 1 25  ? 3.845   12.986  0.652   1.00 14.37 ? 25   TYR A O   1 
ATOM   218  C CB  . TYR A 1 25  ? 5.132   15.648  1.559   1.00 14.50 ? 25   TYR A CB  1 
ATOM   219  C CG  . TYR A 1 25  ? 6.117   16.593  2.220   1.00 14.43 ? 25   TYR A CG  1 
ATOM   220  C CD1 . TYR A 1 25  ? 7.159   17.161  1.488   1.00 17.02 ? 25   TYR A CD1 1 
ATOM   221  C CD2 . TYR A 1 25  ? 5.974   16.954  3.566   1.00 16.08 ? 25   TYR A CD2 1 
ATOM   222  C CE1 . TYR A 1 25  ? 8.030   18.078  2.078   1.00 18.31 ? 25   TYR A CE1 1 
ATOM   223  C CE2 . TYR A 1 25  ? 6.856   17.870  4.168   1.00 16.77 ? 25   TYR A CE2 1 
ATOM   224  C CZ  . TYR A 1 25  ? 7.867   18.423  3.414   1.00 19.06 ? 25   TYR A CZ  1 
ATOM   225  O OH  . TYR A 1 25  ? 8.726   19.336  3.991   1.00 21.52 ? 25   TYR A OH  1 
ATOM   226  N N   . THR A 1 26  ? 2.975   13.306  2.721   1.00 11.47 ? 26   THR A N   1 
ATOM   227  C CA  . THR A 1 26  ? 1.780   12.464  2.608   1.00 12.94 ? 26   THR A CA  1 
ATOM   228  C C   . THR A 1 26  ? 0.604   13.125  3.328   1.00 13.42 ? 26   THR A C   1 
ATOM   229  O O   . THR A 1 26  ? 0.786   14.072  4.107   1.00 14.76 ? 26   THR A O   1 
ATOM   230  C CB  . THR A 1 26  ? 2.133   11.091  3.301   1.00 12.92 ? 26   THR A CB  1 
ATOM   231  O OG1 . THR A 1 26  ? 3.249   10.520  2.623   1.00 14.84 ? 26   THR A OG1 1 
ATOM   232  C CG2 . THR A 1 26  ? 1.005   10.068  3.269   1.00 14.04 ? 26   THR A CG2 1 
ATOM   233  N N   . ILE A 1 27  ? -0.615  12.659  3.052   1.00 12.58 ? 27   ILE A N   1 
ATOM   234  C CA  . ILE A 1 27  ? -1.778  13.177  3.762   1.00 13.53 ? 27   ILE A CA  1 
ATOM   235  C C   . ILE A 1 27  ? -2.863  12.114  3.736   1.00 12.86 ? 27   ILE A C   1 
ATOM   236  O O   . ILE A 1 27  ? -2.765  11.162  2.974   1.00 13.36 ? 27   ILE A O   1 
ATOM   237  C CB  . ILE A 1 27  ? -2.309  14.494  3.129   1.00 14.06 ? 27   ILE A CB  1 
ATOM   238  C CG1 . ILE A 1 27  ? -3.189  15.247  4.137   1.00 15.26 ? 27   ILE A CG1 1 
ATOM   239  C CG2 . ILE A 1 27  ? -3.037  14.203  1.818   1.00 13.95 ? 27   ILE A CG2 1 
ATOM   240  C CD1 . ILE A 1 27  ? -3.477  16.679  3.734   1.00 16.41 ? 27   ILE A CD1 1 
ATOM   241  N N   . GLY A 1 28  ? -3.876  12.274  4.578   1.00 12.35 ? 28   GLY A N   1 
ATOM   242  C CA  . GLY A 1 28  ? -4.992  11.341  4.579   1.00 13.48 ? 28   GLY A CA  1 
ATOM   243  C C   . GLY A 1 28  ? -4.650  9.951   5.079   1.00 12.93 ? 28   GLY A C   1 
ATOM   244  O O   . GLY A 1 28  ? -4.033  9.791   6.132   1.00 14.24 ? 28   GLY A O   1 
ATOM   245  N N   . ILE A 1 29  ? -5.085  8.942   4.318   1.00 12.90 ? 29   ILE A N   1 
ATOM   246  C CA  . ILE A 1 29  ? -4.820  7.551   4.647   1.00 14.93 ? 29   ILE A CA  1 
ATOM   247  C C   . ILE A 1 29  ? -3.700  7.070   3.728   1.00 15.03 ? 29   ILE A C   1 
ATOM   248  O O   . ILE A 1 29  ? -3.916  6.381   2.723   1.00 14.57 ? 29   ILE A O   1 
ATOM   249  C CB  . ILE A 1 29  ? -6.098  6.703   4.468   1.00 14.78 ? 29   ILE A CB  1 
ATOM   250  C CG1 . ILE A 1 29  ? -7.221  7.306   5.323   1.00 16.58 ? 29   ILE A CG1 1 
ATOM   251  C CG2 . ILE A 1 29  ? -5.833  5.257   4.916   1.00 13.66 ? 29   ILE A CG2 1 
ATOM   252  C CD1 . ILE A 1 29  ? -8.605  6.765   4.999   1.00 18.80 ? 29   ILE A CD1 1 
ATOM   253  N N   . GLY A 1 30  ? -2.486  7.508   4.046   1.00 14.23 ? 30   GLY A N   1 
ATOM   254  C CA  . GLY A 1 30  ? -1.343  7.097   3.248   1.00 13.41 ? 30   GLY A CA  1 
ATOM   255  C C   . GLY A 1 30  ? -1.312  7.581   1.809   1.00 13.01 ? 30   GLY A C   1 
ATOM   256  O O   . GLY A 1 30  ? -0.785  6.880   0.945   1.00 14.63 ? 30   GLY A O   1 
ATOM   257  N N   . HIS A 1 31  ? -1.879  8.755   1.531   1.00 13.26 ? 31   HIS A N   1 
ATOM   258  C CA  . HIS A 1 31  ? -1.803  9.265   0.172   1.00 13.14 ? 31   HIS A CA  1 
ATOM   259  C C   . HIS A 1 31  ? -0.474  10.012  -0.032  1.00 14.19 ? 31   HIS A C   1 
ATOM   260  O O   . HIS A 1 31  ? -0.298  11.129  0.438   1.00 13.88 ? 31   HIS A O   1 
ATOM   261  C CB  . HIS A 1 31  ? -2.947  10.229  -0.131  1.00 13.88 ? 31   HIS A CB  1 
ATOM   262  C CG  . HIS A 1 31  ? -2.856  10.814  -1.505  1.00 13.51 ? 31   HIS A CG  1 
ATOM   263  N ND1 . HIS A 1 31  ? -3.196  10.101  -2.635  1.00 15.76 ? 31   HIS A ND1 1 
ATOM   264  C CD2 . HIS A 1 31  ? -2.395  12.016  -1.938  1.00 14.85 ? 31   HIS A CD2 1 
ATOM   265  C CE1 . HIS A 1 31  ? -2.943  10.837  -3.706  1.00 15.18 ? 31   HIS A CE1 1 
ATOM   266  N NE2 . HIS A 1 31  ? -2.456  12.005  -3.311  1.00 14.61 ? 31   HIS A NE2 1 
ATOM   267  N N   . LEU A 1 32  ? 0.454   9.383   -0.740  1.00 14.00 ? 32   LEU A N   1 
ATOM   268  C CA  . LEU A 1 32  ? 1.760   9.978   -1.010  1.00 15.13 ? 32   LEU A CA  1 
ATOM   269  C C   . LEU A 1 32  ? 1.581   11.170  -1.931  1.00 15.39 ? 32   LEU A C   1 
ATOM   270  O O   . LEU A 1 32  ? 0.962   11.059  -2.999  1.00 16.62 ? 32   LEU A O   1 
ATOM   271  C CB  . LEU A 1 32  ? 2.660   8.933   -1.673  1.00 15.82 ? 32   LEU A CB  1 
ATOM   272  C CG  . LEU A 1 32  ? 4.046   9.402   -2.107  1.00 17.20 ? 32   LEU A CG  1 
ATOM   273  C CD1 . LEU A 1 32  ? 4.843   9.845   -0.885  1.00 18.24 ? 32   LEU A CD1 1 
ATOM   274  C CD2 . LEU A 1 32  ? 4.774   8.229   -2.804  1.00 18.99 ? 32   LEU A CD2 1 
ATOM   275  N N   . LEU A 1 33  ? 2.113   12.321  -1.532  1.00 14.67 ? 33   LEU A N   1 
ATOM   276  C CA  . LEU A 1 33  ? 1.970   13.517  -2.347  1.00 14.68 ? 33   LEU A CA  1 
ATOM   277  C C   . LEU A 1 33  ? 3.112   13.677  -3.337  1.00 16.05 ? 33   LEU A C   1 
ATOM   278  O O   . LEU A 1 33  ? 2.884   13.983  -4.513  1.00 17.77 ? 33   LEU A O   1 
ATOM   279  C CB  . LEU A 1 33  ? 1.894   14.751  -1.453  1.00 13.56 ? 33   LEU A CB  1 
ATOM   280  C CG  . LEU A 1 33  ? 0.577   14.825  -0.673  1.00 14.03 ? 33   LEU A CG  1 
ATOM   281  C CD1 . LEU A 1 33  ? 0.727   15.861  0.437   1.00 15.14 ? 33   LEU A CD1 1 
ATOM   282  C CD2 . LEU A 1 33  ? -0.577  15.196  -1.620  1.00 13.70 ? 33   LEU A CD2 1 
ATOM   283  N N   . THR A 1 34  ? 4.332   13.479  -2.850  1.00 16.94 ? 34   THR A N   1 
ATOM   284  C CA  . THR A 1 34  ? 5.532   13.627  -3.670  1.00 17.49 ? 34   THR A CA  1 
ATOM   285  C C   . THR A 1 34  ? 6.746   13.131  -2.895  1.00 19.11 ? 34   THR A C   1 
ATOM   286  O O   . THR A 1 34  ? 6.717   13.052  -1.673  1.00 18.35 ? 34   THR A O   1 
ATOM   287  C CB  . THR A 1 34  ? 5.770   15.134  -4.020  1.00 18.57 ? 34   THR A CB  1 
ATOM   288  O OG1 . THR A 1 34  ? 6.947   15.271  -4.836  1.00 19.60 ? 34   THR A OG1 1 
ATOM   289  C CG2 . THR A 1 34  ? 5.952   15.977  -2.737  1.00 17.54 ? 34   THR A CG2 1 
ATOM   290  N N   . LYS A 1 35  ? 7.815   12.776  -3.603  1.00 20.53 ? 35   LYS A N   1 
ATOM   291  C CA  . LYS A 1 35  ? 9.033   12.385  -2.925  1.00 22.48 ? 35   LYS A CA  1 
ATOM   292  C C   . LYS A 1 35  ? 9.949   13.614  -2.838  1.00 22.50 ? 35   LYS A C   1 
ATOM   293  O O   . LYS A 1 35  ? 11.064  13.537  -2.322  1.00 24.39 ? 35   LYS A O   1 
ATOM   294  C CB  . LYS A 1 35  ? 9.698   11.210  -3.649  1.00 23.40 ? 35   LYS A CB  1 
ATOM   295  C CG  . LYS A 1 35  ? 8.848   9.942   -3.537  1.00 24.37 ? 35   LYS A CG  1 
ATOM   296  C CD  . LYS A 1 35  ? 9.523   8.698   -4.112  1.00 26.42 ? 35   LYS A CD  1 
ATOM   297  C CE  . LYS A 1 35  ? 8.654   7.471   -3.853  1.00 27.83 ? 35   LYS A CE  1 
ATOM   298  N NZ  . LYS A 1 35  ? 9.209   6.230   -4.472  1.00 29.57 ? 35   LYS A NZ  1 
ATOM   299  N N   . SER A 1 36  ? 9.462   14.756  -3.331  1.00 22.22 ? 36   SER A N   1 
ATOM   300  C CA  . SER A 1 36  ? 10.220  16.008  -3.267  1.00 23.05 ? 36   SER A CA  1 
ATOM   301  C C   . SER A 1 36  ? 10.359  16.500  -1.829  1.00 22.69 ? 36   SER A C   1 
ATOM   302  O O   . SER A 1 36  ? 9.415   16.440  -1.043  1.00 22.38 ? 36   SER A O   1 
ATOM   303  C CB  . SER A 1 36  ? 9.522   17.111  -4.070  1.00 22.64 ? 36   SER A CB  1 
ATOM   304  O OG  . SER A 1 36  ? 10.027  18.388  -3.685  1.00 25.78 ? 36   SER A OG  1 
ATOM   305  N N   . PRO A 1 37  ? 11.537  17.020  -1.466  1.00 23.17 ? 37   PRO A N   1 
ATOM   306  C CA  . PRO A 1 37  ? 11.700  17.508  -0.097  1.00 24.08 ? 37   PRO A CA  1 
ATOM   307  C C   . PRO A 1 37  ? 11.106  18.907  0.112   1.00 23.83 ? 37   PRO A C   1 
ATOM   308  O O   . PRO A 1 37  ? 11.134  19.430  1.234   1.00 24.89 ? 37   PRO A O   1 
ATOM   309  C CB  . PRO A 1 37  ? 13.212  17.466  0.097   1.00 24.98 ? 37   PRO A CB  1 
ATOM   310  C CG  . PRO A 1 37  ? 13.706  17.840  -1.262  1.00 25.93 ? 37   PRO A CG  1 
ATOM   311  C CD  . PRO A 1 37  ? 12.827  17.001  -2.177  1.00 24.63 ? 37   PRO A CD  1 
ATOM   312  N N   . SER A 1 38  ? 10.554  19.504  -0.954  1.00 23.18 ? 38   SER A N   1 
ATOM   313  C CA  . SER A 1 38  ? 9.959   20.847  -0.869  1.00 22.97 ? 38   SER A CA  1 
ATOM   314  C C   . SER A 1 38  ? 8.494   20.780  -0.470  1.00 22.05 ? 38   SER A C   1 
ATOM   315  O O   . SER A 1 38  ? 7.676   20.219  -1.194  1.00 21.90 ? 38   SER A O   1 
ATOM   316  C CB  . SER A 1 38  ? 10.060  21.597  -2.212  1.00 23.45 ? 38   SER A CB  1 
ATOM   317  O OG  . SER A 1 38  ? 9.461   22.899  -2.102  1.00 30.58 ? 38   SER A OG  1 
ATOM   318  N N   . LEU A 1 39  ? 8.168   21.376  0.669   1.00 20.59 ? 39   LEU A N   1 
ATOM   319  C CA  . LEU A 1 39  ? 6.806   21.385  1.164   1.00 19.34 ? 39   LEU A CA  1 
ATOM   320  C C   . LEU A 1 39  ? 5.869   22.094  0.202   1.00 19.17 ? 39   LEU A C   1 
ATOM   321  O O   . LEU A 1 39  ? 4.708   21.700  0.062   1.00 18.15 ? 39   LEU A O   1 
ATOM   322  C CB  . LEU A 1 39  ? 6.746   22.060  2.537   1.00 20.52 ? 39   LEU A CB  1 
ATOM   323  C CG  . LEU A 1 39  ? 5.360   22.222  3.163   1.00 20.38 ? 39   LEU A CG  1 
ATOM   324  C CD1 . LEU A 1 39  ? 4.745   20.825  3.449   1.00 20.22 ? 39   LEU A CD1 1 
ATOM   325  C CD2 . LEU A 1 39  ? 5.493   23.040  4.454   1.00 21.35 ? 39   LEU A CD2 1 
ATOM   326  N N   . ASN A 1 40  ? 6.346   23.128  -0.478  1.00 19.38 ? 40   ASN A N   1 
ATOM   327  C CA  . ASN A 1 40  ? 5.466   23.822  -1.411  1.00 19.38 ? 40   ASN A CA  1 
ATOM   328  C C   . ASN A 1 40  ? 5.106   22.924  -2.593  1.00 18.40 ? 40   ASN A C   1 
ATOM   329  O O   . ASN A 1 40  ? 4.007   23.032  -3.137  1.00 18.54 ? 40   ASN A O   1 
ATOM   330  C CB  . ASN A 1 40  ? 6.101   25.122  -1.926  1.00 22.63 ? 40   ASN A CB  1 
ATOM   331  C CG  . ASN A 1 40  ? 6.111   26.210  -0.878  1.00 25.68 ? 40   ASN A CG  1 
ATOM   332  O OD1 . ASN A 1 40  ? 5.208   26.291  -0.051  1.00 27.53 ? 40   ASN A OD1 1 
ATOM   333  N ND2 . ASN A 1 40  ? 7.137   27.060  -0.912  1.00 29.39 ? 40   ASN A ND2 1 
ATOM   334  N N   . ALA A 1 41  ? 6.022   22.050  -3.006  1.00 17.86 ? 41   ALA A N   1 
ATOM   335  C CA  . ALA A 1 41  ? 5.722   21.154  -4.116  1.00 17.04 ? 41   ALA A CA  1 
ATOM   336  C C   . ALA A 1 41  ? 4.663   20.160  -3.652  1.00 15.91 ? 41   ALA A C   1 
ATOM   337  O O   . ALA A 1 41  ? 3.747   19.809  -4.412  1.00 15.20 ? 41   ALA A O   1 
ATOM   338  C CB  . ALA A 1 41  ? 6.971   20.434  -4.571  1.00 18.02 ? 41   ALA A CB  1 
ATOM   339  N N   . ALA A 1 42  ? 4.760   19.728  -2.396  1.00 14.60 ? 42   ALA A N   1 
ATOM   340  C CA  . ALA A 1 42  ? 3.754   18.795  -1.854  1.00 15.06 ? 42   ALA A CA  1 
ATOM   341  C C   . ALA A 1 42  ? 2.388   19.490  -1.760  1.00 15.51 ? 42   ALA A C   1 
ATOM   342  O O   . ALA A 1 42  ? 1.344   18.894  -2.060  1.00 14.56 ? 42   ALA A O   1 
ATOM   343  C CB  . ALA A 1 42  ? 4.210   18.291  -0.465  1.00 16.21 ? 42   ALA A CB  1 
ATOM   344  N N   . LYS A 1 43  ? 2.376   20.757  -1.351  1.00 14.71 ? 43   LYS A N   1 
ATOM   345  C CA  . LYS A 1 43  ? 1.113   21.497  -1.270  1.00 14.52 ? 43   LYS A CA  1 
ATOM   346  C C   . LYS A 1 43  ? 0.472   21.628  -2.653  1.00 14.15 ? 43   LYS A C   1 
ATOM   347  O O   . LYS A 1 43  ? -0.748  21.557  -2.797  1.00 13.15 ? 43   LYS A O   1 
ATOM   348  C CB  . LYS A 1 43  ? 1.358   22.874  -0.653  1.00 15.38 ? 43   LYS A CB  1 
ATOM   349  C CG  . LYS A 1 43  ? 1.525   22.815  0.866   1.00 18.08 ? 43   LYS A CG  1 
ATOM   350  C CD  . LYS A 1 43  ? 1.864   24.190  1.426   1.00 20.30 ? 43   LYS A CD  1 
ATOM   351  C CE  . LYS A 1 43  ? 1.834   24.178  2.937   1.00 22.69 ? 43   LYS A CE  1 
ATOM   352  N NZ  . LYS A 1 43  ? 2.253   25.483  3.515   1.00 25.50 ? 43   LYS A NZ  1 
ATOM   353  N N   A SER A 1 44  ? 1.305   21.805  -3.672  0.50 13.94 ? 44   SER A N   1 
ATOM   354  N N   B SER A 1 44  ? 1.296   21.809  -3.681  0.50 14.28 ? 44   SER A N   1 
ATOM   355  C CA  A SER A 1 44  ? 0.799   21.911  -5.034  0.50 14.12 ? 44   SER A CA  1 
ATOM   356  C CA  B SER A 1 44  ? 0.766   21.907  -5.039  0.50 14.73 ? 44   SER A CA  1 
ATOM   357  C C   A SER A 1 44  ? 0.162   20.578  -5.450  0.50 13.75 ? 44   SER A C   1 
ATOM   358  C C   B SER A 1 44  ? 0.143   20.569  -5.443  0.50 14.13 ? 44   SER A C   1 
ATOM   359  O O   A SER A 1 44  ? -0.923  20.564  -6.008  0.50 13.16 ? 44   SER A O   1 
ATOM   360  O O   B SER A 1 44  ? -0.948  20.541  -5.985  0.50 13.56 ? 44   SER A O   1 
ATOM   361  C CB  A SER A 1 44  ? 1.933   22.272  -5.993  0.50 14.26 ? 44   SER A CB  1 
ATOM   362  C CB  B SER A 1 44  ? 1.874   22.285  -6.025  0.50 15.47 ? 44   SER A CB  1 
ATOM   363  O OG  A SER A 1 44  ? 1.434   22.388  -7.308  0.50 16.44 ? 44   SER A OG  1 
ATOM   364  O OG  B SER A 1 44  ? 2.288   23.618  -5.815  0.50 19.68 ? 44   SER A OG  1 
ATOM   365  N N   . GLU A 1 45  ? 0.837   19.463  -5.174  1.00 13.33 ? 45   GLU A N   1 
ATOM   366  C CA  . GLU A 1 45  ? 0.297   18.152  -5.499  1.00 13.52 ? 45   GLU A CA  1 
ATOM   367  C C   . GLU A 1 45  ? -1.028  17.922  -4.758  1.00 13.32 ? 45   GLU A C   1 
ATOM   368  O O   . GLU A 1 45  ? -1.958  17.334  -5.309  1.00 13.95 ? 45   GLU A O   1 
ATOM   369  C CB  . GLU A 1 45  ? 1.283   17.045  -5.114  1.00 12.06 ? 45   GLU A CB  1 
ATOM   370  C CG  . GLU A 1 45  ? 2.526   16.974  -6.046  1.00 14.73 ? 45   GLU A CG  1 
ATOM   371  C CD  . GLU A 1 45  ? 2.161   16.716  -7.497  1.00 17.12 ? 45   GLU A CD  1 
ATOM   372  O OE1 . GLU A 1 45  ? 1.375   15.787  -7.785  1.00 19.42 ? 45   GLU A OE1 1 
ATOM   373  O OE2 . GLU A 1 45  ? 2.659   17.455  -8.366  1.00 21.41 ? 45   GLU A OE2 1 
ATOM   374  N N   . LEU A 1 46  ? -1.115  18.352  -3.507  1.00 12.27 ? 46   LEU A N   1 
ATOM   375  C CA  . LEU A 1 46  ? -2.361  18.180  -2.758  1.00 12.90 ? 46   LEU A CA  1 
ATOM   376  C C   . LEU A 1 46  ? -3.503  18.951  -3.432  1.00 13.66 ? 46   LEU A C   1 
ATOM   377  O O   . LEU A 1 46  ? -4.581  18.404  -3.659  1.00 13.74 ? 46   LEU A O   1 
ATOM   378  C CB  . LEU A 1 46  ? -2.183  18.682  -1.318  1.00 12.82 ? 46   LEU A CB  1 
ATOM   379  C CG  . LEU A 1 46  ? -3.443  18.650  -0.446  1.00 12.18 ? 46   LEU A CG  1 
ATOM   380  C CD1 . LEU A 1 46  ? -3.945  17.200  -0.298  1.00 14.37 ? 46   LEU A CD1 1 
ATOM   381  C CD2 . LEU A 1 46  ? -3.114  19.227  0.920   1.00 16.15 ? 46   LEU A CD2 1 
ATOM   382  N N   . ASP A 1 47  ? -3.266  20.221  -3.751  1.00 13.56 ? 47   ASP A N   1 
ATOM   383  C CA  . ASP A 1 47  ? -4.284  21.031  -4.386  1.00 14.24 ? 47   ASP A CA  1 
ATOM   384  C C   . ASP A 1 47  ? -4.728  20.438  -5.718  1.00 13.59 ? 47   ASP A C   1 
ATOM   385  O O   . ASP A 1 47  ? -5.910  20.498  -6.064  1.00 14.66 ? 47   ASP A O   1 
ATOM   386  C CB  . ASP A 1 47  ? -3.760  22.458  -4.597  1.00 14.40 ? 47   ASP A CB  1 
ATOM   387  C CG  . ASP A 1 47  ? -3.466  23.173  -3.291  1.00 15.22 ? 47   ASP A CG  1 
ATOM   388  O OD1 . ASP A 1 47  ? -3.837  22.651  -2.207  1.00 16.08 ? 47   ASP A OD1 1 
ATOM   389  O OD2 . ASP A 1 47  ? -2.875  24.292  -3.364  1.00 16.45 ? 47   ASP A OD2 1 
ATOM   390  N N   . LYS A 1 48  ? -3.776  19.866  -6.449  1.00 14.40 ? 48   LYS A N   1 
ATOM   391  C CA  . LYS A 1 48  ? -4.057  19.263  -7.745  1.00 14.28 ? 48   LYS A CA  1 
ATOM   392  C C   . LYS A 1 48  ? -4.936  18.037  -7.548  1.00 14.37 ? 48   LYS A C   1 
ATOM   393  O O   . LYS A 1 48  ? -5.886  17.833  -8.295  1.00 13.76 ? 48   LYS A O   1 
ATOM   394  C CB  . LYS A 1 48  ? -2.740  18.884  -8.439  1.00 13.89 ? 48   LYS A CB  1 
ATOM   395  C CG  . LYS A 1 48  ? -2.897  18.157  -9.785  1.00 14.70 ? 48   LYS A CG  1 
ATOM   396  C CD  . LYS A 1 48  ? -1.604  18.246  -10.600 1.00 13.69 ? 48   LYS A CD  1 
ATOM   397  C CE  . LYS A 1 48  ? -0.377  17.691  -9.876  1.00 18.01 ? 48   LYS A CE  1 
ATOM   398  N NZ  . LYS A 1 48  ? -0.268  16.222  -9.976  1.00 17.59 ? 48   LYS A NZ  1 
ATOM   399  N N   . ALA A 1 49  ? -4.639  17.252  -6.513  1.00 14.63 ? 49   ALA A N   1 
ATOM   400  C CA  . ALA A 1 49  ? -5.412  16.036  -6.235  1.00 13.60 ? 49   ALA A CA  1 
ATOM   401  C C   . ALA A 1 49  ? -6.832  16.288  -5.727  1.00 14.43 ? 49   ALA A C   1 
ATOM   402  O O   . ALA A 1 49  ? -7.755  15.576  -6.108  1.00 13.66 ? 49   ALA A O   1 
ATOM   403  C CB  . ALA A 1 49  ? -4.660  15.164  -5.230  1.00 14.70 ? 49   ALA A CB  1 
ATOM   404  N N   . ILE A 1 50  ? -6.998  17.305  -4.888  1.00 13.62 ? 50   ILE A N   1 
ATOM   405  C CA  . ILE A 1 50  ? -8.301  17.624  -4.303  1.00 14.81 ? 50   ILE A CA  1 
ATOM   406  C C   . ILE A 1 50  ? -9.154  18.562  -5.166  1.00 14.60 ? 50   ILE A C   1 
ATOM   407  O O   . ILE A 1 50  ? -10.386 18.505  -5.116  1.00 15.74 ? 50   ILE A O   1 
ATOM   408  C CB  . ILE A 1 50  ? -8.105  18.252  -2.900  1.00 16.35 ? 50   ILE A CB  1 
ATOM   409  C CG1 . ILE A 1 50  ? -7.366  17.256  -1.985  1.00 17.35 ? 50   ILE A CG1 1 
ATOM   410  C CG2 . ILE A 1 50  ? -9.447  18.625  -2.286  1.00 15.73 ? 50   ILE A CG2 1 
ATOM   411  C CD1 . ILE A 1 50  ? -8.117  15.956  -1.758  1.00 19.68 ? 50   ILE A CD1 1 
ATOM   412  N N   . GLY A 1 51  ? -8.513  19.417  -5.956  1.00 15.19 ? 51   GLY A N   1 
ATOM   413  C CA  . GLY A 1 51  ? -9.267  20.338  -6.801  1.00 16.49 ? 51   GLY A CA  1 
ATOM   414  C C   . GLY A 1 51  ? -9.559  21.706  -6.189  1.00 18.04 ? 51   GLY A C   1 
ATOM   415  O O   . GLY A 1 51  ? -10.444 22.425  -6.672  1.00 19.93 ? 51   GLY A O   1 
ATOM   416  N N   . ARG A 1 52  ? -8.835  22.074  -5.132  1.00 17.59 ? 52   ARG A N   1 
ATOM   417  C CA  . ARG A 1 52  ? -9.021  23.388  -4.497  1.00 17.20 ? 52   ARG A CA  1 
ATOM   418  C C   . ARG A 1 52  ? -7.740  23.730  -3.754  1.00 17.58 ? 52   ARG A C   1 
ATOM   419  O O   . ARG A 1 52  ? -6.883  22.859  -3.562  1.00 17.11 ? 52   ARG A O   1 
ATOM   420  C CB  . ARG A 1 52  ? -10.200 23.352  -3.519  1.00 19.14 ? 52   ARG A CB  1 
ATOM   421  C CG  . ARG A 1 52  ? -9.942  22.494  -2.266  1.00 18.07 ? 52   ARG A CG  1 
ATOM   422  C CD  . ARG A 1 52  ? -11.148 22.419  -1.323  1.00 18.34 ? 52   ARG A CD  1 
ATOM   423  N NE  . ARG A 1 52  ? -10.870 21.554  -0.167  1.00 17.13 ? 52   ARG A NE  1 
ATOM   424  C CZ  . ARG A 1 52  ? -10.229 21.949  0.926   1.00 17.35 ? 52   ARG A CZ  1 
ATOM   425  N NH1 . ARG A 1 52  ? -9.800  23.200  1.048   1.00 19.04 ? 52   ARG A NH1 1 
ATOM   426  N NH2 . ARG A 1 52  ? -9.978  21.081  1.904   1.00 17.89 ? 52   ARG A NH2 1 
ATOM   427  N N   A ASN A 1 53  ? -7.584  24.990  -3.348  0.50 18.84 ? 53   ASN A N   1 
ATOM   428  N N   B ASN A 1 53  ? -7.601  24.990  -3.342  0.50 17.25 ? 53   ASN A N   1 
ATOM   429  C CA  A ASN A 1 53  ? -6.391  25.390  -2.614  0.50 20.99 ? 53   ASN A CA  1 
ATOM   430  C CA  B ASN A 1 53  ? -6.422  25.407  -2.603  0.50 18.31 ? 53   ASN A CA  1 
ATOM   431  C C   A ASN A 1 53  ? -6.605  24.987  -1.157  0.50 19.74 ? 53   ASN A C   1 
ATOM   432  C C   B ASN A 1 53  ? -6.635  24.970  -1.154  0.50 17.93 ? 53   ASN A C   1 
ATOM   433  O O   A ASN A 1 53  ? -7.336  25.643  -0.413  0.50 20.47 ? 53   ASN A O   1 
ATOM   434  O O   B ASN A 1 53  ? -7.400  25.588  -0.411  0.50 18.89 ? 53   ASN A O   1 
ATOM   435  C CB  A ASN A 1 53  ? -6.171  26.903  -2.738  0.50 24.28 ? 53   ASN A CB  1 
ATOM   436  C CB  B ASN A 1 53  ? -6.256  26.930  -2.678  0.50 18.27 ? 53   ASN A CB  1 
ATOM   437  C CG  A ASN A 1 53  ? -6.150  27.365  -4.180  0.50 27.24 ? 53   ASN A CG  1 
ATOM   438  C CG  B ASN A 1 53  ? -4.909  27.384  -2.169  0.50 16.32 ? 53   ASN A CG  1 
ATOM   439  O OD1 A ASN A 1 53  ? -7.198  27.609  -4.783  0.50 30.72 ? 53   ASN A OD1 1 
ATOM   440  O OD1 B ASN A 1 53  ? -4.521  27.068  -1.047  0.50 17.54 ? 53   ASN A OD1 1 
ATOM   441  N ND2 A ASN A 1 53  ? -4.956  27.475  -4.749  0.50 30.33 ? 53   ASN A ND2 1 
ATOM   442  N ND2 B ASN A 1 53  ? -4.184  28.123  -2.996  0.50 20.67 ? 53   ASN A ND2 1 
ATOM   443  N N   . CYS A 1 54  ? -5.956  23.896  -0.763  1.00 19.68 ? 54   CYS A N   1 
ATOM   444  C CA  . CYS A 1 54  ? -6.091  23.348  0.581   1.00 18.65 ? 54   CYS A CA  1 
ATOM   445  C C   . CYS A 1 54  ? -5.207  23.892  1.686   1.00 20.08 ? 54   CYS A C   1 
ATOM   446  O O   . CYS A 1 54  ? -5.500  23.664  2.844   1.00 20.83 ? 54   CYS A O   1 
ATOM   447  C CB  . CYS A 1 54  ? -5.863  21.834  0.550   1.00 17.00 ? 54   CYS A CB  1 
ATOM   448  S SG  . CYS A 1 54  ? -6.933  20.919  -0.598  1.00 17.17 ? 54   CYS A SG  1 
ATOM   449  N N   A ASN A 1 55  ? -4.127  24.582  1.343   0.50 20.77 ? 55   ASN A N   1 
ATOM   450  N N   B ASN A 1 55  ? -4.137  24.591  1.326   0.50 20.83 ? 55   ASN A N   1 
ATOM   451  C CA  A ASN A 1 55  ? -3.260  25.130  2.382   0.50 22.72 ? 55   ASN A CA  1 
ATOM   452  C CA  B ASN A 1 55  ? -3.193  25.111  2.314   0.50 22.82 ? 55   ASN A CA  1 
ATOM   453  C C   A ASN A 1 55  ? -2.787  23.991  3.306   0.50 22.13 ? 55   ASN A C   1 
ATOM   454  C C   B ASN A 1 55  ? -2.760  24.006  3.282   0.50 22.22 ? 55   ASN A C   1 
ATOM   455  O O   A ASN A 1 55  ? -2.717  24.168  4.525   0.50 22.95 ? 55   ASN A O   1 
ATOM   456  O O   B ASN A 1 55  ? -2.697  24.211  4.497   0.50 23.05 ? 55   ASN A O   1 
ATOM   457  C CB  A ASN A 1 55  ? -4.056  26.167  3.190   0.50 24.32 ? 55   ASN A CB  1 
ATOM   458  C CB  B ASN A 1 55  ? -3.786  26.294  3.098   0.50 24.64 ? 55   ASN A CB  1 
ATOM   459  C CG  A ASN A 1 55  ? -3.178  27.078  4.029   0.50 24.66 ? 55   ASN A CG  1 
ATOM   460  C CG  B ASN A 1 55  ? -5.215  26.050  3.554   0.50 25.11 ? 55   ASN A CG  1 
ATOM   461  O OD1 A ASN A 1 55  ? -3.678  27.814  4.885   0.50 26.05 ? 55   ASN A OD1 1 
ATOM   462  O OD1 B ASN A 1 55  ? -6.158  26.196  2.777   0.00 25.88 ? 55   ASN A OD1 1 
ATOM   463  N ND2 A ASN A 1 55  ? -1.878  27.047  3.784   0.50 25.60 ? 55   ASN A ND2 1 
ATOM   464  N ND2 B ASN A 1 55  ? -5.380  25.655  4.815   0.50 25.71 ? 55   ASN A ND2 1 
ATOM   465  N N   . GLY A 1 56  ? -2.523  22.833  2.713   1.00 20.60 ? 56   GLY A N   1 
ATOM   466  C CA  . GLY A 1 56  ? -2.009  21.676  3.457   1.00 19.71 ? 56   GLY A CA  1 
ATOM   467  C C   . GLY A 1 56  ? -2.965  20.935  4.410   1.00 19.25 ? 56   GLY A C   1 
ATOM   468  O O   . GLY A 1 56  ? -2.501  20.103  5.205   1.00 18.47 ? 56   GLY A O   1 
ATOM   469  N N   . VAL A 1 57  ? -4.271  21.211  4.338   1.00 17.80 ? 57   VAL A N   1 
ATOM   470  C CA  . VAL A 1 57  ? -5.269  20.578  5.197   1.00 17.54 ? 57   VAL A CA  1 
ATOM   471  C C   . VAL A 1 57  ? -6.465  20.086  4.390   1.00 17.21 ? 57   VAL A C   1 
ATOM   472  O O   . VAL A 1 57  ? -6.913  20.768  3.486   1.00 18.19 ? 57   VAL A O   1 
ATOM   473  C CB  . VAL A 1 57  ? -5.785  21.584  6.237   1.00 19.98 ? 57   VAL A CB  1 
ATOM   474  C CG1 . VAL A 1 57  ? -6.785  20.907  7.160   1.00 23.20 ? 57   VAL A CG1 1 
ATOM   475  C CG2 . VAL A 1 57  ? -4.612  22.157  7.026   1.00 21.98 ? 57   VAL A CG2 1 
ATOM   476  N N   . ILE A 1 58  ? -6.976  18.908  4.728   1.00 15.79 ? 58   ILE A N   1 
ATOM   477  C CA  . ILE A 1 58  ? -8.150  18.374  4.041   1.00 15.23 ? 58   ILE A CA  1 
ATOM   478  C C   . ILE A 1 58  ? -9.156  17.837  5.057   1.00 16.04 ? 58   ILE A C   1 
ATOM   479  O O   . ILE A 1 58  ? -8.876  17.758  6.277   1.00 17.13 ? 58   ILE A O   1 
ATOM   480  C CB  . ILE A 1 58  ? -7.793  17.239  3.036   1.00 15.18 ? 58   ILE A CB  1 
ATOM   481  C CG1 . ILE A 1 58  ? -7.147  16.052  3.773   1.00 15.30 ? 58   ILE A CG1 1 
ATOM   482  C CG2 . ILE A 1 58  ? -6.837  17.783  1.945   1.00 16.55 ? 58   ILE A CG2 1 
ATOM   483  C CD1 . ILE A 1 58  ? -6.923  14.830  2.873   1.00 15.04 ? 58   ILE A CD1 1 
ATOM   484  N N   . THR A 1 59  ? -10.340 17.478  4.570   1.00 15.07 ? 59   THR A N   1 
ATOM   485  C CA  . THR A 1 59  ? -11.368 16.949  5.440   1.00 17.52 ? 59   THR A CA  1 
ATOM   486  C C   . THR A 1 59  ? -11.337 15.428  5.404   1.00 17.26 ? 59   THR A C   1 
ATOM   487  O O   . THR A 1 59  ? -10.679 14.821  4.561   1.00 18.20 ? 59   THR A O   1 
ATOM   488  C CB  . THR A 1 59  ? -12.765 17.398  4.984   1.00 18.22 ? 59   THR A CB  1 
ATOM   489  O OG1 . THR A 1 59  ? -13.050 16.824  3.699   1.00 18.01 ? 59   THR A OG1 1 
ATOM   490  C CG2 . THR A 1 59  ? -12.840 18.930  4.910   1.00 18.94 ? 59   THR A CG2 1 
ATOM   491  N N   . LYS A 1 60  ? -12.041 14.803  6.337   1.00 17.84 ? 60   LYS A N   1 
ATOM   492  C CA  . LYS A 1 60  ? -12.091 13.358  6.366   1.00 16.75 ? 60   LYS A CA  1 
ATOM   493  C C   . LYS A 1 60  ? -12.712 12.814  5.080   1.00 16.08 ? 60   LYS A C   1 
ATOM   494  O O   . LYS A 1 60  ? -12.221 11.827  4.544   1.00 16.12 ? 60   LYS A O   1 
ATOM   495  C CB  . LYS A 1 60  ? -12.879 12.874  7.586   1.00 18.23 ? 60   LYS A CB  1 
ATOM   496  C CG  . LYS A 1 60  ? -12.915 11.360  7.705   1.00 21.46 ? 60   LYS A CG  1 
ATOM   497  C CD  . LYS A 1 60  ? -13.564 10.936  9.018   1.00 26.22 ? 60   LYS A CD  1 
ATOM   498  C CE  . LYS A 1 60  ? -13.589 9.426   9.163   1.00 29.02 ? 60   LYS A CE  1 
ATOM   499  N NZ  . LYS A 1 60  ? -14.235 9.044   10.461  1.00 33.36 ? 60   LYS A NZ  1 
ATOM   500  N N   . ASP A 1 61  ? -13.764 13.464  4.562   1.00 17.25 ? 61   ASP A N   1 
ATOM   501  C CA  . ASP A 1 61  ? -14.379 12.981  3.332   1.00 17.10 ? 61   ASP A CA  1 
ATOM   502  C C   . ASP A 1 61  ? -13.383 13.040  2.181   1.00 16.16 ? 61   ASP A C   1 
ATOM   503  O O   . ASP A 1 61  ? -13.330 12.134  1.355   1.00 16.07 ? 61   ASP A O   1 
ATOM   504  C CB  . ASP A 1 61  ? -15.622 13.810  2.947   1.00 19.41 ? 61   ASP A CB  1 
ATOM   505  C CG  . ASP A 1 61  ? -16.833 13.497  3.808   1.00 24.63 ? 61   ASP A CG  1 
ATOM   506  O OD1 . ASP A 1 61  ? -16.727 12.642  4.717   1.00 23.88 ? 61   ASP A OD1 1 
ATOM   507  O OD2 . ASP A 1 61  ? -17.899 14.119  3.566   1.00 25.84 ? 61   ASP A OD2 1 
ATOM   508  N N   . GLU A 1 62  ? -12.591 14.110  2.125   1.00 16.22 ? 62   GLU A N   1 
ATOM   509  C CA  . GLU A 1 62  ? -11.604 14.239  1.057   1.00 13.98 ? 62   GLU A CA  1 
ATOM   510  C C   . GLU A 1 62  ? -10.544 13.148  1.197   1.00 14.67 ? 62   GLU A C   1 
ATOM   511  O O   . GLU A 1 62  ? -10.109 12.562  0.204   1.00 14.07 ? 62   GLU A O   1 
ATOM   512  C CB  . GLU A 1 62  ? -10.986 15.641  1.088   1.00 13.49 ? 62   GLU A CB  1 
ATOM   513  C CG  . GLU A 1 62  ? -12.004 16.711  0.700   1.00 14.10 ? 62   GLU A CG  1 
ATOM   514  C CD  . GLU A 1 62  ? -11.506 18.141  0.870   1.00 17.74 ? 62   GLU A CD  1 
ATOM   515  O OE1 . GLU A 1 62  ? -10.635 18.371  1.725   1.00 15.84 ? 62   GLU A OE1 1 
ATOM   516  O OE2 . GLU A 1 62  ? -12.017 19.051  0.170   1.00 17.92 ? 62   GLU A OE2 1 
ATOM   517  N N   . ALA A 1 63  ? -10.119 12.884  2.422   1.00 14.79 ? 63   ALA A N   1 
ATOM   518  C CA  . ALA A 1 63  ? -9.137  11.826  2.658   1.00 14.88 ? 63   ALA A CA  1 
ATOM   519  C C   . ALA A 1 63  ? -9.690  10.482  2.189   1.00 14.73 ? 63   ALA A C   1 
ATOM   520  O O   . ALA A 1 63  ? -8.991  9.697   1.546   1.00 15.00 ? 63   ALA A O   1 
ATOM   521  C CB  . ALA A 1 63  ? -8.790  11.750  4.147   1.00 16.02 ? 63   ALA A CB  1 
ATOM   522  N N   . GLU A 1 64  ? -10.949 10.209  2.513   1.00 14.89 ? 64   GLU A N   1 
ATOM   523  C CA  . GLU A 1 64  ? -11.512 8.936   2.114   1.00 14.49 ? 64   GLU A CA  1 
ATOM   524  C C   . GLU A 1 64  ? -11.673 8.846   0.602   1.00 14.04 ? 64   GLU A C   1 
ATOM   525  O O   . GLU A 1 64  ? -11.525 7.771   0.033   1.00 15.09 ? 64   GLU A O   1 
ATOM   526  C CB  . GLU A 1 64  ? -12.844 8.700   2.830   1.00 14.99 ? 64   GLU A CB  1 
ATOM   527  C CG  . GLU A 1 64  ? -12.631 8.395   4.311   1.00 17.78 ? 64   GLU A CG  1 
ATOM   528  C CD  . GLU A 1 64  ? -13.896 8.388   5.129   1.00 20.50 ? 64   GLU A CD  1 
ATOM   529  O OE1 . GLU A 1 64  ? -14.941 8.879   4.644   1.00 22.33 ? 64   GLU A OE1 1 
ATOM   530  O OE2 . GLU A 1 64  ? -13.822 7.910   6.281   1.00 23.59 ? 64   GLU A OE2 1 
ATOM   531  N N   . LYS A 1 65  ? -11.928 9.977   -0.058  1.00 13.97 ? 65   LYS A N   1 
ATOM   532  C CA  . LYS A 1 65  ? -12.060 9.970   -1.510  1.00 14.98 ? 65   LYS A CA  1 
ATOM   533  C C   . LYS A 1 65  ? -10.714 9.616   -2.149  1.00 13.90 ? 65   LYS A C   1 
ATOM   534  O O   . LYS A 1 65  ? -10.648 8.809   -3.064  1.00 14.16 ? 65   LYS A O   1 
ATOM   535  C CB  . LYS A 1 65  ? -12.530 11.334  -2.023  1.00 13.65 ? 65   LYS A CB  1 
ATOM   536  C CG  . LYS A 1 65  ? -12.757 11.405  -3.515  1.00 15.84 ? 65   LYS A CG  1 
ATOM   537  C CD  . LYS A 1 65  ? -13.277 12.793  -3.868  1.00 17.54 ? 65   LYS A CD  1 
ATOM   538  C CE  . LYS A 1 65  ? -13.320 13.032  -5.374  1.00 22.22 ? 65   LYS A CE  1 
ATOM   539  N NZ  . LYS A 1 65  ? -14.528 12.457  -5.991  1.00 23.03 ? 65   LYS A NZ  1 
ATOM   540  N N   . LEU A 1 66  ? -9.633  10.218  -1.658  1.00 14.20 ? 66   LEU A N   1 
ATOM   541  C CA  . LEU A 1 66  ? -8.318  9.891   -2.209  1.00 14.11 ? 66   LEU A CA  1 
ATOM   542  C C   . LEU A 1 66  ? -7.989  8.425   -1.905  1.00 12.94 ? 66   LEU A C   1 
ATOM   543  O O   . LEU A 1 66  ? -7.379  7.744   -2.716  1.00 14.58 ? 66   LEU A O   1 
ATOM   544  C CB  . LEU A 1 66  ? -7.222  10.776  -1.598  1.00 15.46 ? 66   LEU A CB  1 
ATOM   545  C CG  . LEU A 1 66  ? -7.317  12.283  -1.859  1.00 16.39 ? 66   LEU A CG  1 
ATOM   546  C CD1 . LEU A 1 66  ? -6.087  12.971  -1.226  1.00 17.91 ? 66   LEU A CD1 1 
ATOM   547  C CD2 . LEU A 1 66  ? -7.378  12.555  -3.369  1.00 18.90 ? 66   LEU A CD2 1 
ATOM   548  N N   . PHE A 1 67  ? -8.402  7.942   -0.736  1.00 14.81 ? 67   PHE A N   1 
ATOM   549  C CA  . PHE A 1 67  ? -8.122  6.561   -0.354  1.00 14.04 ? 67   PHE A CA  1 
ATOM   550  C C   . PHE A 1 67  ? -8.790  5.594   -1.329  1.00 16.67 ? 67   PHE A C   1 
ATOM   551  O O   . PHE A 1 67  ? -8.151  4.667   -1.823  1.00 16.32 ? 67   PHE A O   1 
ATOM   552  C CB  . PHE A 1 67  ? -8.606  6.346   1.083   1.00 15.61 ? 67   PHE A CB  1 
ATOM   553  C CG  . PHE A 1 67  ? -8.304  4.978   1.654   1.00 15.10 ? 67   PHE A CG  1 
ATOM   554  C CD1 . PHE A 1 67  ? -7.082  4.335   1.403   1.00 15.53 ? 67   PHE A CD1 1 
ATOM   555  C CD2 . PHE A 1 67  ? -9.212  4.388   2.532   1.00 16.82 ? 67   PHE A CD2 1 
ATOM   556  C CE1 . PHE A 1 67  ? -6.782  3.117   2.040   1.00 14.01 ? 67   PHE A CE1 1 
ATOM   557  C CE2 . PHE A 1 67  ? -8.917  3.178   3.164   1.00 15.89 ? 67   PHE A CE2 1 
ATOM   558  C CZ  . PHE A 1 67  ? -7.705  2.551   2.918   1.00 15.86 ? 67   PHE A CZ  1 
ATOM   559  N N   . ASN A 1 68  ? -10.061 5.821   -1.636  1.00 16.17 ? 68   ASN A N   1 
ATOM   560  C CA  . ASN A 1 68  ? -10.748 4.935   -2.577  1.00 17.15 ? 68   ASN A CA  1 
ATOM   561  C C   . ASN A 1 68  ? -10.055 4.949   -3.935  1.00 16.18 ? 68   ASN A C   1 
ATOM   562  O O   . ASN A 1 68  ? -9.892  3.916   -4.583  1.00 16.57 ? 68   ASN A O   1 
ATOM   563  C CB  . ASN A 1 68  ? -12.209 5.354   -2.733  1.00 17.98 ? 68   ASN A CB  1 
ATOM   564  C CG  . ASN A 1 68  ? -13.067 4.272   -3.386  1.00 22.94 ? 68   ASN A CG  1 
ATOM   565  O OD1 . ASN A 1 68  ? -14.274 4.236   -3.171  1.00 23.91 ? 68   ASN A OD1 1 
ATOM   566  N ND2 . ASN A 1 68  ? -12.455 3.402   -4.194  1.00 25.02 ? 68   ASN A ND2 1 
ATOM   567  N N   . GLN A 1 69  ? -9.652  6.131   -4.383  1.00 15.02 ? 69   GLN A N   1 
ATOM   568  C CA  . GLN A 1 69  ? -8.961  6.241   -5.649  1.00 14.43 ? 69   GLN A CA  1 
ATOM   569  C C   . GLN A 1 69  ? -7.639  5.493   -5.622  1.00 14.93 ? 69   GLN A C   1 
ATOM   570  O O   . GLN A 1 69  ? -7.286  4.849   -6.604  1.00 15.93 ? 69   GLN A O   1 
ATOM   571  C CB  . GLN A 1 69  ? -8.694  7.714   -5.995  1.00 14.87 ? 69   GLN A CB  1 
ATOM   572  C CG  . GLN A 1 69  ? -9.980  8.476   -6.292  1.00 13.81 ? 69   GLN A CG  1 
ATOM   573  C CD  . GLN A 1 69  ? -9.763  9.925   -6.702  1.00 15.07 ? 69   GLN A CD  1 
ATOM   574  O OE1 . GLN A 1 69  ? -10.684 10.579  -7.209  1.00 16.14 ? 69   GLN A OE1 1 
ATOM   575  N NE2 . GLN A 1 69  ? -8.557  10.437  -6.474  1.00 15.93 ? 69   GLN A NE2 1 
ATOM   576  N N   . ASP A 1 70  ? -6.911  5.606   -4.501  1.00 15.42 ? 70   ASP A N   1 
ATOM   577  C CA  . ASP A 1 70  ? -5.606  4.969   -4.360  1.00 15.70 ? 70   ASP A CA  1 
ATOM   578  C C   . ASP A 1 70  ? -5.705  3.450   -4.293  1.00 15.96 ? 70   ASP A C   1 
ATOM   579  O O   . ASP A 1 70  ? -4.869  2.767   -4.876  1.00 17.53 ? 70   ASP A O   1 
ATOM   580  C CB  . ASP A 1 70  ? -4.854  5.518   -3.133  1.00 14.59 ? 70   ASP A CB  1 
ATOM   581  C CG  . ASP A 1 70  ? -4.432  6.985   -3.293  1.00 15.90 ? 70   ASP A CG  1 
ATOM   582  O OD1 . ASP A 1 70  ? -4.426  7.524   -4.425  1.00 15.83 ? 70   ASP A OD1 1 
ATOM   583  O OD2 . ASP A 1 70  ? -4.092  7.592   -2.256  1.00 17.74 ? 70   ASP A OD2 1 
ATOM   584  N N   . VAL A 1 71  ? -6.714  2.928   -3.604  1.00 15.85 ? 71   VAL A N   1 
ATOM   585  C CA  . VAL A 1 71  ? -6.892  1.474   -3.540  1.00 16.79 ? 71   VAL A CA  1 
ATOM   586  C C   . VAL A 1 71  ? -7.247  0.964   -4.941  1.00 18.26 ? 71   VAL A C   1 
ATOM   587  O O   . VAL A 1 71  ? -6.658  -0.004  -5.441  1.00 17.46 ? 71   VAL A O   1 
ATOM   588  C CB  . VAL A 1 71  ? -8.034  1.095   -2.559  1.00 16.77 ? 71   VAL A CB  1 
ATOM   589  C CG1 . VAL A 1 71  ? -8.359  -0.403  -2.686  1.00 16.69 ? 71   VAL A CG1 1 
ATOM   590  C CG2 . VAL A 1 71  ? -7.628  1.439   -1.130  1.00 17.54 ? 71   VAL A CG2 1 
ATOM   591  N N   . ASP A 1 72  ? -8.206  1.633   -5.571  1.00 18.68 ? 72   ASP A N   1 
ATOM   592  C CA  . ASP A 1 72  ? -8.670  1.274   -6.915  1.00 21.92 ? 72   ASP A CA  1 
ATOM   593  C C   . ASP A 1 72  ? -7.488  1.260   -7.882  1.00 22.93 ? 72   ASP A C   1 
ATOM   594  O O   . ASP A 1 72  ? -7.285  0.311   -8.643  1.00 22.70 ? 72   ASP A O   1 
ATOM   595  C CB  . ASP A 1 72  ? -9.712  2.313   -7.357  1.00 22.16 ? 72   ASP A CB  1 
ATOM   596  C CG  . ASP A 1 72  ? -10.495 1.898   -8.577  1.00 29.43 ? 72   ASP A CG  1 
ATOM   597  O OD1 . ASP A 1 72  ? -11.017 2.804   -9.276  1.00 30.47 ? 72   ASP A OD1 1 
ATOM   598  O OD2 . ASP A 1 72  ? -10.605 0.683   -8.831  1.00 31.84 ? 72   ASP A OD2 1 
ATOM   599  N N   . ALA A 1 73  ? -6.692  2.321   -7.844  1.00 23.41 ? 73   ALA A N   1 
ATOM   600  C CA  . ALA A 1 73  ? -5.540  2.433   -8.730  1.00 24.16 ? 73   ALA A CA  1 
ATOM   601  C C   . ALA A 1 73  ? -4.494  1.355   -8.463  1.00 23.44 ? 73   ALA A C   1 
ATOM   602  O O   . ALA A 1 73  ? -3.822  0.893   -9.388  1.00 24.21 ? 73   ALA A O   1 
ATOM   603  C CB  . ALA A 1 73  ? -4.916  3.846   -8.603  1.00 25.23 ? 73   ALA A CB  1 
ATOM   604  N N   . ALA A 1 74  ? -4.356  0.953   -7.205  1.00 21.33 ? 74   ALA A N   1 
ATOM   605  C CA  . ALA A 1 74  ? -3.398  -0.084  -6.844  1.00 21.31 ? 74   ALA A CA  1 
ATOM   606  C C   . ALA A 1 74  ? -3.801  -1.404  -7.522  1.00 20.73 ? 74   ALA A C   1 
ATOM   607  O O   . ALA A 1 74  ? -2.975  -2.057  -8.153  1.00 20.40 ? 74   ALA A O   1 
ATOM   608  C CB  . ALA A 1 74  ? -3.357  -0.247  -5.323  1.00 21.32 ? 74   ALA A CB  1 
ATOM   609  N N   A VAL A 1 75  ? -5.080  -1.759  -7.395  0.50 20.77 ? 75   VAL A N   1 
ATOM   610  N N   B VAL A 1 75  ? -5.067  -1.796  -7.397  0.50 21.77 ? 75   VAL A N   1 
ATOM   611  C CA  A VAL A 1 75  ? -5.613  -2.984  -7.985  0.50 20.36 ? 75   VAL A CA  1 
ATOM   612  C CA  B VAL A 1 75  ? -5.487  -3.050  -8.010  0.50 22.01 ? 75   VAL A CA  1 
ATOM   613  C C   A VAL A 1 75  ? -5.464  -2.972  -9.503  0.50 22.42 ? 75   VAL A C   1 
ATOM   614  C C   B VAL A 1 75  ? -5.427  -2.978  -9.536  0.50 23.41 ? 75   VAL A C   1 
ATOM   615  O O   A VAL A 1 75  ? -4.928  -3.912  -10.094 0.50 21.94 ? 75   VAL A O   1 
ATOM   616  O O   B VAL A 1 75  ? -4.911  -3.899  -10.175 0.50 22.82 ? 75   VAL A O   1 
ATOM   617  C CB  A VAL A 1 75  ? -7.114  -3.149  -7.660  0.50 18.92 ? 75   VAL A CB  1 
ATOM   618  C CB  B VAL A 1 75  ? -6.901  -3.461  -7.564  0.50 22.44 ? 75   VAL A CB  1 
ATOM   619  C CG1 A VAL A 1 75  ? -7.707  -4.313  -8.470  0.50 19.22 ? 75   VAL A CG1 1 
ATOM   620  C CG1 B VAL A 1 75  ? -7.913  -2.427  -7.992  0.50 22.93 ? 75   VAL A CG1 1 
ATOM   621  C CG2 A VAL A 1 75  ? -7.297  -3.385  -6.175  0.50 17.50 ? 75   VAL A CG2 1 
ATOM   622  C CG2 B VAL A 1 75  ? -7.239  -4.837  -8.149  0.50 22.17 ? 75   VAL A CG2 1 
ATOM   623  N N   . ARG A 1 76  ? -5.933  -1.892  -10.124 1.00 22.91 ? 76   ARG A N   1 
ATOM   624  C CA  . ARG A 1 76  ? -5.886  -1.771  -11.582 1.00 24.64 ? 76   ARG A CA  1 
ATOM   625  C C   . ARG A 1 76  ? -4.459  -1.858  -12.086 1.00 24.94 ? 76   ARG A C   1 
ATOM   626  O O   . ARG A 1 76  ? -4.203  -2.411  -13.156 1.00 26.32 ? 76   ARG A O   1 
ATOM   627  C CB  . ARG A 1 76  ? -6.547  -0.465  -12.060 1.00 25.74 ? 76   ARG A CB  1 
ATOM   628  C CG  . ARG A 1 76  ? -8.080  -0.465  -11.963 1.00 27.47 ? 76   ARG A CG  1 
ATOM   629  C CD  . ARG A 1 76  ? -8.721  -1.767  -12.516 1.00 31.76 ? 76   ARG A CD  1 
ATOM   630  N NE  . ARG A 1 76  ? -8.851  -1.823  -13.981 1.00 33.28 ? 76   ARG A NE  1 
ATOM   631  C CZ  . ARG A 1 76  ? -9.648  -1.028  -14.702 1.00 34.25 ? 76   ARG A CZ  1 
ATOM   632  N NH1 . ARG A 1 76  ? -10.394 -0.099  -14.101 1.00 35.15 ? 76   ARG A NH1 1 
ATOM   633  N NH2 . ARG A 1 76  ? -9.728  -1.181  -16.025 1.00 32.63 ? 76   ARG A NH2 1 
ATOM   634  N N   . GLY A 1 77  ? -3.525  -1.330  -11.306 1.00 24.12 ? 77   GLY A N   1 
ATOM   635  C CA  . GLY A 1 77  ? -2.128  -1.389  -11.688 1.00 24.10 ? 77   GLY A CA  1 
ATOM   636  C C   . GLY A 1 77  ? -1.629  -2.822  -11.693 1.00 26.11 ? 77   GLY A C   1 
ATOM   637  O O   . GLY A 1 77  ? -0.976  -3.267  -12.644 1.00 27.08 ? 77   GLY A O   1 
ATOM   638  N N   . ILE A 1 78  ? -1.928  -3.547  -10.618 1.00 23.85 ? 78   ILE A N   1 
ATOM   639  C CA  . ILE A 1 78  ? -1.520  -4.935  -10.506 1.00 23.15 ? 78   ILE A CA  1 
ATOM   640  C C   . ILE A 1 78  ? -1.994  -5.710  -11.731 1.00 24.55 ? 78   ILE A C   1 
ATOM   641  O O   . ILE A 1 78  ? -1.237  -6.476  -12.320 1.00 24.78 ? 78   ILE A O   1 
ATOM   642  C CB  . ILE A 1 78  ? -2.119  -5.579  -9.237  1.00 20.65 ? 78   ILE A CB  1 
ATOM   643  C CG1 . ILE A 1 78  ? -1.374  -5.078  -7.994  1.00 20.09 ? 78   ILE A CG1 1 
ATOM   644  C CG2 . ILE A 1 78  ? -2.023  -7.103  -9.316  1.00 19.98 ? 78   ILE A CG2 1 
ATOM   645  C CD1 . ILE A 1 78  ? -2.043  -5.491  -6.666  1.00 19.02 ? 78   ILE A CD1 1 
ATOM   646  N N   . LEU A 1 79  ? -3.250  -5.497  -12.105 1.00 25.74 ? 79   LEU A N   1 
ATOM   647  C CA  . LEU A 1 79  ? -3.829  -6.195  -13.248 1.00 27.85 ? 79   LEU A CA  1 
ATOM   648  C C   . LEU A 1 79  ? -3.184  -5.848  -14.588 1.00 29.56 ? 79   LEU A C   1 
ATOM   649  O O   . LEU A 1 79  ? -3.270  -6.629  -15.532 1.00 30.44 ? 79   LEU A O   1 
ATOM   650  C CB  . LEU A 1 79  ? -5.335  -5.951  -13.298 1.00 27.90 ? 79   LEU A CB  1 
ATOM   651  C CG  . LEU A 1 79  ? -6.030  -6.414  -12.011 1.00 28.44 ? 79   LEU A CG  1 
ATOM   652  C CD1 . LEU A 1 79  ? -7.507  -6.100  -12.076 1.00 30.22 ? 79   LEU A CD1 1 
ATOM   653  C CD2 . LEU A 1 79  ? -5.809  -7.902  -11.808 1.00 28.25 ? 79   LEU A CD2 1 
ATOM   654  N N   . ARG A 1 80  ? -2.525  -4.697  -14.675 1.00 29.18 ? 80   ARG A N   1 
ATOM   655  C CA  . ARG A 1 80  ? -1.868  -4.304  -15.920 1.00 29.94 ? 80   ARG A CA  1 
ATOM   656  C C   . ARG A 1 80  ? -0.400  -4.716  -15.973 1.00 30.26 ? 80   ARG A C   1 
ATOM   657  O O   . ARG A 1 80  ? 0.269   -4.540  -16.994 1.00 31.04 ? 80   ARG A O   1 
ATOM   658  C CB  . ARG A 1 80  ? -1.977  -2.789  -16.124 1.00 30.79 ? 80   ARG A CB  1 
ATOM   659  C CG  . ARG A 1 80  ? -3.167  -2.377  -16.972 1.00 34.38 ? 80   ARG A CG  1 
ATOM   660  C CD  . ARG A 1 80  ? -3.125  -0.893  -17.298 1.00 37.06 ? 80   ARG A CD  1 
ATOM   661  N NE  . ARG A 1 80  ? -3.922  -0.113  -16.362 1.00 39.52 ? 80   ARG A NE  1 
ATOM   662  C CZ  . ARG A 1 80  ? -5.244  0.012   -16.419 1.00 40.19 ? 80   ARG A CZ  1 
ATOM   663  N NH1 . ARG A 1 80  ? -5.937  -0.589  -17.379 1.00 41.72 ? 80   ARG A NH1 1 
ATOM   664  N NH2 . ARG A 1 80  ? -5.876  0.728   -15.502 1.00 40.75 ? 80   ARG A NH2 1 
ATOM   665  N N   . ASN A 1 81  ? 0.103   -5.270  -14.874 1.00 28.39 ? 81   ASN A N   1 
ATOM   666  C CA  . ASN A 1 81  ? 1.494   -5.685  -14.786 1.00 27.65 ? 81   ASN A CA  1 
ATOM   667  C C   . ASN A 1 81  ? 1.613   -7.175  -15.080 1.00 27.29 ? 81   ASN A C   1 
ATOM   668  O O   . ASN A 1 81  ? 1.131   -7.997  -14.304 1.00 27.61 ? 81   ASN A O   1 
ATOM   669  C CB  . ASN A 1 81  ? 2.013   -5.369  -13.381 1.00 27.88 ? 81   ASN A CB  1 
ATOM   670  C CG  . ASN A 1 81  ? 3.506   -5.475  -13.272 1.00 29.10 ? 81   ASN A CG  1 
ATOM   671  O OD1 . ASN A 1 81  ? 4.097   -6.518  -13.556 1.00 29.75 ? 81   ASN A OD1 1 
ATOM   672  N ND2 . ASN A 1 81  ? 4.136   -4.389  -12.836 1.00 31.06 ? 81   ASN A ND2 1 
ATOM   673  N N   . ALA A 1 82  ? 2.266   -7.522  -16.185 1.00 26.52 ? 82   ALA A N   1 
ATOM   674  C CA  . ALA A 1 82  ? 2.405   -8.922  -16.590 1.00 27.32 ? 82   ALA A CA  1 
ATOM   675  C C   . ALA A 1 82  ? 3.090   -9.840  -15.579 1.00 26.56 ? 82   ALA A C   1 
ATOM   676  O O   . ALA A 1 82  ? 2.880   -11.054 -15.609 1.00 27.97 ? 82   ALA A O   1 
ATOM   677  C CB  . ALA A 1 82  ? 3.120   -9.010  -17.948 1.00 26.92 ? 82   ALA A CB  1 
ATOM   678  N N   . LYS A 1 83  ? 3.909   -9.279  -14.693 1.00 27.15 ? 83   LYS A N   1 
ATOM   679  C CA  . LYS A 1 83  ? 4.589   -10.089 -13.684 1.00 28.45 ? 83   LYS A CA  1 
ATOM   680  C C   . LYS A 1 83  ? 3.712   -10.292 -12.454 1.00 27.10 ? 83   LYS A C   1 
ATOM   681  O O   . LYS A 1 83  ? 3.812   -11.310 -11.772 1.00 31.10 ? 83   LYS A O   1 
ATOM   682  C CB  . LYS A 1 83  ? 5.905   -9.437  -13.229 1.00 30.75 ? 83   LYS A CB  1 
ATOM   683  C CG  . LYS A 1 83  ? 7.113   -9.630  -14.161 1.00 33.71 ? 83   LYS A CG  1 
ATOM   684  C CD  . LYS A 1 83  ? 7.190   -8.543  -15.220 1.00 34.69 ? 83   LYS A CD  1 
ATOM   685  C CE  . LYS A 1 83  ? 8.411   -8.737  -16.106 0.00 34.00 ? 83   LYS A CE  1 
ATOM   686  N NZ  . LYS A 1 83  ? 8.527   -7.677  -17.144 0.00 33.89 ? 83   LYS A NZ  1 
ATOM   687  N N   . LEU A 1 84  ? 2.849   -9.328  -12.176 1.00 23.68 ? 84   LEU A N   1 
ATOM   688  C CA  . LEU A 1 84  ? 2.002   -9.405  -10.996 1.00 20.65 ? 84   LEU A CA  1 
ATOM   689  C C   . LEU A 1 84  ? 0.616   -10.003 -11.195 1.00 20.15 ? 84   LEU A C   1 
ATOM   690  O O   . LEU A 1 84  ? 0.104   -10.680 -10.301 1.00 18.17 ? 84   LEU A O   1 
ATOM   691  C CB  . LEU A 1 84  ? 1.843   -8.001  -10.380 1.00 19.36 ? 84   LEU A CB  1 
ATOM   692  C CG  . LEU A 1 84  ? 3.129   -7.234  -10.069 1.00 22.39 ? 84   LEU A CG  1 
ATOM   693  C CD1 . LEU A 1 84  ? 2.803   -5.871  -9.450  1.00 22.80 ? 84   LEU A CD1 1 
ATOM   694  C CD2 . LEU A 1 84  ? 3.973   -8.077  -9.132  1.00 21.83 ? 84   LEU A CD2 1 
ATOM   695  N N   A LYS A 1 85  ? -0.007  -9.759  -12.347 0.50 19.36 ? 85   LYS A N   1 
ATOM   696  N N   B LYS A 1 85  ? 0.024   -9.759  -12.360 0.50 19.30 ? 85   LYS A N   1 
ATOM   697  C CA  A LYS A 1 85  ? -1.358  -10.272 -12.565 0.50 18.91 ? 85   LYS A CA  1 
ATOM   698  C CA  B LYS A 1 85  ? -1.312  -10.258 -12.647 0.50 18.89 ? 85   LYS A CA  1 
ATOM   699  C C   A LYS A 1 85  ? -1.538  -11.779 -12.377 0.50 18.15 ? 85   LYS A C   1 
ATOM   700  C C   B LYS A 1 85  ? -1.533  -11.749 -12.416 0.50 18.10 ? 85   LYS A C   1 
ATOM   701  O O   A LYS A 1 85  ? -2.461  -12.204 -11.692 0.50 17.23 ? 85   LYS A O   1 
ATOM   702  O O   B LYS A 1 85  ? -2.476  -12.137 -11.734 0.50 17.05 ? 85   LYS A O   1 
ATOM   703  C CB  A LYS A 1 85  ? -1.894  -9.867  -13.948 0.50 19.77 ? 85   LYS A CB  1 
ATOM   704  C CB  B LYS A 1 85  ? -1.715  -9.927  -14.090 0.50 19.42 ? 85   LYS A CB  1 
ATOM   705  C CG  A LYS A 1 85  ? -3.380  -10.212 -14.131 0.50 19.11 ? 85   LYS A CG  1 
ATOM   706  C CG  B LYS A 1 85  ? -3.066  -10.523 -14.464 0.50 19.49 ? 85   LYS A CG  1 
ATOM   707  C CD  A LYS A 1 85  ? -3.944  -9.699  -15.452 0.50 20.38 ? 85   LYS A CD  1 
ATOM   708  C CD  B LYS A 1 85  ? -3.477  -10.206 -15.895 0.50 20.48 ? 85   LYS A CD  1 
ATOM   709  C CE  A LYS A 1 85  ? -5.344  -10.252 -15.694 0.50 20.17 ? 85   LYS A CE  1 
ATOM   710  C CE  B LYS A 1 85  ? -4.775  -10.925 -16.243 0.50 19.74 ? 85   LYS A CE  1 
ATOM   711  N NZ  A LYS A 1 85  ? -5.882  -9.893  -17.043 0.50 21.78 ? 85   LYS A NZ  1 
ATOM   712  N NZ  B LYS A 1 85  ? -5.872  -10.604 -15.289 0.50 18.89 ? 85   LYS A NZ  1 
ATOM   713  N N   . PRO A 1 86  ? -0.672  -12.605 -12.980 1.00 17.79 ? 86   PRO A N   1 
ATOM   714  C CA  . PRO A 1 86  ? -0.874  -14.046 -12.782 1.00 18.06 ? 86   PRO A CA  1 
ATOM   715  C C   . PRO A 1 86  ? -0.800  -14.521 -11.337 1.00 16.77 ? 86   PRO A C   1 
ATOM   716  O O   . PRO A 1 86  ? -1.555  -15.412 -10.923 1.00 16.05 ? 86   PRO A O   1 
ATOM   717  C CB  . PRO A 1 86  ? 0.175   -14.687 -13.695 1.00 19.57 ? 86   PRO A CB  1 
ATOM   718  C CG  . PRO A 1 86  ? 1.246   -13.641 -13.786 1.00 22.48 ? 86   PRO A CG  1 
ATOM   719  C CD  . PRO A 1 86  ? 0.496   -12.334 -13.836 1.00 20.07 ? 86   PRO A CD  1 
ATOM   720  N N   . VAL A 1 87  ? 0.093   -13.930 -10.551 1.00 14.56 ? 87   VAL A N   1 
ATOM   721  C CA  . VAL A 1 87  ? 0.188   -14.340 -9.164  1.00 14.89 ? 87   VAL A CA  1 
ATOM   722  C C   . VAL A 1 87  ? -1.047  -13.840 -8.415  1.00 13.75 ? 87   VAL A C   1 
ATOM   723  O O   . VAL A 1 87  ? -1.656  -14.556 -7.634  1.00 14.17 ? 87   VAL A O   1 
ATOM   724  C CB  . VAL A 1 87  ? 1.451   -13.770 -8.503  1.00 16.09 ? 87   VAL A CB  1 
ATOM   725  C CG1 . VAL A 1 87  ? 1.550   -14.280 -7.070  1.00 16.20 ? 87   VAL A CG1 1 
ATOM   726  C CG2 . VAL A 1 87  ? 2.686   -14.192 -9.311  1.00 17.23 ? 87   VAL A CG2 1 
ATOM   727  N N   . TYR A 1 88  ? -1.425  -12.595 -8.663  1.00 14.38 ? 88   TYR A N   1 
ATOM   728  C CA  . TYR A 1 88  ? -2.599  -12.031 -8.016  1.00 14.75 ? 88   TYR A CA  1 
ATOM   729  C C   . TYR A 1 88  ? -3.842  -12.865 -8.329  1.00 15.25 ? 88   TYR A C   1 
ATOM   730  O O   . TYR A 1 88  ? -4.629  -13.191 -7.441  1.00 14.95 ? 88   TYR A O   1 
ATOM   731  C CB  . TYR A 1 88  ? -2.812  -10.610 -8.524  1.00 15.93 ? 88   TYR A CB  1 
ATOM   732  C CG  . TYR A 1 88  ? -3.988  -9.916  -7.915  1.00 15.48 ? 88   TYR A CG  1 
ATOM   733  C CD1 . TYR A 1 88  ? -3.880  -9.289  -6.670  1.00 16.31 ? 88   TYR A CD1 1 
ATOM   734  C CD2 . TYR A 1 88  ? -5.209  -9.846  -8.593  1.00 15.04 ? 88   TYR A CD2 1 
ATOM   735  C CE1 . TYR A 1 88  ? -4.956  -8.601  -6.116  1.00 17.53 ? 88   TYR A CE1 1 
ATOM   736  C CE2 . TYR A 1 88  ? -6.283  -9.165  -8.043  1.00 17.66 ? 88   TYR A CE2 1 
ATOM   737  C CZ  . TYR A 1 88  ? -6.154  -8.547  -6.809  1.00 18.73 ? 88   TYR A CZ  1 
ATOM   738  O OH  . TYR A 1 88  ? -7.233  -7.897  -6.263  1.00 22.47 ? 88   TYR A OH  1 
ATOM   739  N N   . ASP A 1 89  ? -4.018  -13.204 -9.600  1.00 15.99 ? 89   ASP A N   1 
ATOM   740  C CA  . ASP A 1 89  ? -5.201  -13.959 -9.992  1.00 17.38 ? 89   ASP A CA  1 
ATOM   741  C C   . ASP A 1 89  ? -5.201  -15.367 -9.417  1.00 16.39 ? 89   ASP A C   1 
ATOM   742  O O   . ASP A 1 89  ? -6.243  -15.988 -9.308  1.00 15.91 ? 89   ASP A O   1 
ATOM   743  C CB  . ASP A 1 89  ? -5.319  -14.005 -11.520 1.00 18.25 ? 89   ASP A CB  1 
ATOM   744  C CG  . ASP A 1 89  ? -5.847  -12.694 -12.108 1.00 20.44 ? 89   ASP A CG  1 
ATOM   745  O OD1 . ASP A 1 89  ? -6.504  -11.917 -11.380 1.00 21.99 ? 89   ASP A OD1 1 
ATOM   746  O OD2 . ASP A 1 89  ? -5.619  -12.463 -13.306 1.00 26.04 ? 89   ASP A OD2 1 
ATOM   747  N N   . SER A 1 90  ? -4.031  -15.870 -9.048  1.00 15.45 ? 90   SER A N   1 
ATOM   748  C CA  . SER A 1 90  ? -3.921  -17.201 -8.479  1.00 14.61 ? 90   SER A CA  1 
ATOM   749  C C   . SER A 1 90  ? -4.339  -17.243 -7.007  1.00 14.15 ? 90   SER A C   1 
ATOM   750  O O   . SER A 1 90  ? -4.626  -18.311 -6.463  1.00 13.03 ? 90   SER A O   1 
ATOM   751  C CB  . SER A 1 90  ? -2.470  -17.687 -8.603  1.00 15.50 ? 90   SER A CB  1 
ATOM   752  O OG  . SER A 1 90  ? -1.636  -17.165 -7.561  1.00 14.71 ? 90   SER A OG  1 
ATOM   753  N N   . LEU A 1 91  ? -4.364  -16.081 -6.357  1.00 14.27 ? 91   LEU A N   1 
ATOM   754  C CA  . LEU A 1 91  ? -4.687  -15.992 -4.932  1.00 14.43 ? 91   LEU A CA  1 
ATOM   755  C C   . LEU A 1 91  ? -6.163  -15.950 -4.591  1.00 14.46 ? 91   LEU A C   1 
ATOM   756  O O   . LEU A 1 91  ? -6.993  -15.604 -5.444  1.00 14.54 ? 91   LEU A O   1 
ATOM   757  C CB  . LEU A 1 91  ? -4.056  -14.722 -4.338  1.00 13.44 ? 91   LEU A CB  1 
ATOM   758  C CG  . LEU A 1 91  ? -2.554  -14.513 -4.514  1.00 12.39 ? 91   LEU A CG  1 
ATOM   759  C CD1 . LEU A 1 91  ? -2.190  -13.097 -4.063  1.00 12.65 ? 91   LEU A CD1 1 
ATOM   760  C CD2 . LEU A 1 91  ? -1.787  -15.543 -3.699  1.00 14.65 ? 91   LEU A CD2 1 
ATOM   761  N N   . ASP A 1 92  ? -6.474  -16.316 -3.345  1.00 14.65 ? 92   ASP A N   1 
ATOM   762  C CA  . ASP A 1 92  ? -7.832  -16.223 -2.796  1.00 13.65 ? 92   ASP A CA  1 
ATOM   763  C C   . ASP A 1 92  ? -8.026  -14.738 -2.435  1.00 15.59 ? 92   ASP A C   1 
ATOM   764  O O   . ASP A 1 92  ? -7.052  -13.999 -2.387  1.00 14.49 ? 92   ASP A O   1 
ATOM   765  C CB  . ASP A 1 92  ? -7.935  -17.054 -1.527  1.00 14.47 ? 92   ASP A CB  1 
ATOM   766  C CG  . ASP A 1 92  ? -6.853  -16.703 -0.547  1.00 14.04 ? 92   ASP A CG  1 
ATOM   767  O OD1 . ASP A 1 92  ? -7.106  -15.858 0.351   1.00 15.43 ? 92   ASP A OD1 1 
ATOM   768  O OD2 . ASP A 1 92  ? -5.736  -17.247 -0.701  1.00 15.09 ? 92   ASP A OD2 1 
ATOM   769  N N   . ALA A 1 93  ? -9.262  -14.316 -2.159  1.00 14.75 ? 93   ALA A N   1 
ATOM   770  C CA  . ALA A 1 93  ? -9.536  -12.911 -1.834  1.00 14.99 ? 93   ALA A CA  1 
ATOM   771  C C   . ALA A 1 93  ? -8.776  -12.329 -0.636  1.00 15.55 ? 93   ALA A C   1 
ATOM   772  O O   . ALA A 1 93  ? -8.394  -11.156 -0.680  1.00 14.95 ? 93   ALA A O   1 
ATOM   773  C CB  . ALA A 1 93  ? -11.042 -12.689 -1.643  1.00 16.41 ? 93   ALA A CB  1 
ATOM   774  N N   . VAL A 1 94  ? -8.571  -13.095 0.426   1.00 14.02 ? 94   VAL A N   1 
ATOM   775  C CA  . VAL A 1 94  ? -7.852  -12.535 1.582   1.00 15.35 ? 94   VAL A CA  1 
ATOM   776  C C   . VAL A 1 94  ? -6.391  -12.266 1.203   1.00 15.33 ? 94   VAL A C   1 
ATOM   777  O O   . VAL A 1 94  ? -5.839  -11.179 1.450   1.00 14.61 ? 94   VAL A O   1 
ATOM   778  C CB  . VAL A 1 94  ? -7.913  -13.468 2.798   1.00 15.60 ? 94   VAL A CB  1 
ATOM   779  C CG1 . VAL A 1 94  ? -7.124  -12.863 3.967   1.00 17.24 ? 94   VAL A CG1 1 
ATOM   780  C CG2 . VAL A 1 94  ? -9.380  -13.685 3.201   1.00 16.91 ? 94   VAL A CG2 1 
ATOM   781  N N   . ARG A 1 95  ? -5.734  -13.243 0.590   1.00 15.13 ? 95   ARG A N   1 
ATOM   782  C CA  . ARG A 1 95  ? -4.346  -13.002 0.203   1.00 13.77 ? 95   ARG A CA  1 
ATOM   783  C C   . ARG A 1 95  ? -4.235  -11.898 -0.870  1.00 14.74 ? 95   ARG A C   1 
ATOM   784  O O   . ARG A 1 95  ? -3.212  -11.215 -0.967  1.00 13.93 ? 95   ARG A O   1 
ATOM   785  C CB  . ARG A 1 95  ? -3.687  -14.305 -0.260  1.00 13.99 ? 95   ARG A CB  1 
ATOM   786  C CG  . ARG A 1 95  ? -3.512  -15.276 0.885   1.00 12.58 ? 95   ARG A CG  1 
ATOM   787  C CD  . ARG A 1 95  ? -2.757  -16.520 0.388   1.00 13.15 ? 95   ARG A CD  1 
ATOM   788  N NE  . ARG A 1 95  ? -2.411  -17.440 1.466   1.00 12.54 ? 95   ARG A NE  1 
ATOM   789  C CZ  . ARG A 1 95  ? -3.179  -18.450 1.870   1.00 14.43 ? 95   ARG A CZ  1 
ATOM   790  N NH1 . ARG A 1 95  ? -4.365  -18.680 1.290   1.00 13.65 ? 95   ARG A NH1 1 
ATOM   791  N NH2 . ARG A 1 95  ? -2.747  -19.261 2.833   1.00 15.59 ? 95   ARG A NH2 1 
ATOM   792  N N   . ARG A 1 96  ? -5.273  -11.696 -1.679  1.00 13.44 ? 96   ARG A N   1 
ATOM   793  C CA  . ARG A 1 96  ? -5.221  -10.609 -2.660  1.00 13.53 ? 96   ARG A CA  1 
ATOM   794  C C   . ARG A 1 96  ? -5.152  -9.263  -1.924  1.00 14.28 ? 96   ARG A C   1 
ATOM   795  O O   . ARG A 1 96  ? -4.565  -8.303  -2.442  1.00 15.03 ? 96   ARG A O   1 
ATOM   796  C CB  . ARG A 1 96  ? -6.450  -10.636 -3.570  1.00 14.29 ? 96   ARG A CB  1 
ATOM   797  C CG  . ARG A 1 96  ? -6.377  -11.691 -4.654  1.00 14.72 ? 96   ARG A CG  1 
ATOM   798  C CD  . ARG A 1 96  ? -7.618  -11.691 -5.549  1.00 16.65 ? 96   ARG A CD  1 
ATOM   799  N NE  . ARG A 1 96  ? -7.517  -12.761 -6.545  1.00 17.26 ? 96   ARG A NE  1 
ATOM   800  C CZ  . ARG A 1 96  ? -8.537  -13.208 -7.271  1.00 18.56 ? 96   ARG A CZ  1 
ATOM   801  N NH1 . ARG A 1 96  ? -9.738  -12.665 -7.113  1.00 20.91 ? 96   ARG A NH1 1 
ATOM   802  N NH2 . ARG A 1 96  ? -8.367  -14.217 -8.129  1.00 17.54 ? 96   ARG A NH2 1 
ATOM   803  N N   . CYS A 1 97  ? -5.766  -9.193  -0.742  1.00 13.64 ? 97   CYS A N   1 
ATOM   804  C CA  . CYS A 1 97  ? -5.724  -7.960  0.042   1.00 13.78 ? 97   CYS A CA  1 
ATOM   805  C C   . CYS A 1 97  ? -4.285  -7.709  0.487   1.00 13.99 ? 97   CYS A C   1 
ATOM   806  O O   . CYS A 1 97  ? -3.831  -6.563  0.516   1.00 14.86 ? 97   CYS A O   1 
ATOM   807  C CB  . CYS A 1 97  ? -6.634  -8.052  1.266   1.00 13.57 ? 97   CYS A CB  1 
ATOM   808  S SG  . CYS A 1 97  ? -8.396  -7.985  0.838   1.00 15.27 ? 97   CYS A SG  1 
ATOM   809  N N   . ALA A 1 98  ? -3.558  -8.769  0.817   1.00 12.90 ? 98   ALA A N   1 
ATOM   810  C CA  . ALA A 1 98  ? -2.172  -8.585  1.237   1.00 13.15 ? 98   ALA A CA  1 
ATOM   811  C C   . ALA A 1 98  ? -1.365  -8.024  0.060   1.00 13.04 ? 98   ALA A C   1 
ATOM   812  O O   . ALA A 1 98  ? -0.483  -7.175  0.241   1.00 13.38 ? 98   ALA A O   1 
ATOM   813  C CB  . ALA A 1 98  ? -1.574  -9.931  1.704   1.00 12.45 ? 98   ALA A CB  1 
ATOM   814  N N   . ALA A 1 99  ? -1.648  -8.516  -1.144  1.00 12.01 ? 99   ALA A N   1 
ATOM   815  C CA  . ALA A 1 99  ? -0.954  -8.050  -2.332  1.00 12.94 ? 99   ALA A CA  1 
ATOM   816  C C   . ALA A 1 99  ? -1.235  -6.565  -2.598  1.00 13.10 ? 99   ALA A C   1 
ATOM   817  O O   . ALA A 1 99  ? -0.316  -5.794  -2.929  1.00 14.05 ? 99   ALA A O   1 
ATOM   818  C CB  . ALA A 1 99  ? -1.383  -8.906  -3.552  1.00 13.87 ? 99   ALA A CB  1 
ATOM   819  N N   . ILE A 1 100 ? -2.499  -6.168  -2.464  1.00 13.02 ? 100  ILE A N   1 
ATOM   820  C CA  . ILE A 1 100 ? -2.867  -4.766  -2.666  1.00 13.72 ? 100  ILE A CA  1 
ATOM   821  C C   . ILE A 1 100 ? -2.155  -3.897  -1.629  1.00 13.80 ? 100  ILE A C   1 
ATOM   822  O O   . ILE A 1 100 ? -1.617  -2.833  -1.964  1.00 14.54 ? 100  ILE A O   1 
ATOM   823  C CB  . ILE A 1 100 ? -4.388  -4.581  -2.568  1.00 15.57 ? 100  ILE A CB  1 
ATOM   824  C CG1 . ILE A 1 100 ? -5.054  -5.337  -3.726  1.00 14.60 ? 100  ILE A CG1 1 
ATOM   825  C CG2 . ILE A 1 100 ? -4.738  -3.087  -2.609  1.00 14.71 ? 100  ILE A CG2 1 
ATOM   826  C CD1 . ILE A 1 100 ? -6.565  -5.493  -3.564  1.00 18.47 ? 100  ILE A CD1 1 
ATOM   827  N N   . ASN A 1 101 ? -2.138  -4.360  -0.382  1.00 13.14 ? 101  ASN A N   1 
ATOM   828  C CA  . ASN A 1 101 ? -1.488  -3.633  0.703   1.00 12.29 ? 101  ASN A CA  1 
ATOM   829  C C   . ASN A 1 101 ? -0.009  -3.392  0.342   1.00 13.52 ? 101  ASN A C   1 
ATOM   830  O O   . ASN A 1 101 ? 0.473   -2.257  0.418   1.00 13.79 ? 101  ASN A O   1 
ATOM   831  C CB  . ASN A 1 101 ? -1.631  -4.452  2.001   1.00 12.78 ? 101  ASN A CB  1 
ATOM   832  C CG  . ASN A 1 101 ? -1.249  -3.680  3.234   1.00 13.04 ? 101  ASN A CG  1 
ATOM   833  O OD1 . ASN A 1 101 ? -0.159  -3.128  3.306   1.00 14.08 ? 101  ASN A OD1 1 
ATOM   834  N ND2 . ASN A 1 101 ? -2.133  -3.648  4.214   1.00 14.25 ? 101  ASN A ND2 1 
ATOM   835  N N   A GLN A 1 102 ? 0.698   -4.446  -0.058  0.50 13.82 ? 102  GLN A N   1 
ATOM   836  N N   B GLN A 1 102 ? 0.701   -4.450  -0.046  0.50 13.39 ? 102  GLN A N   1 
ATOM   837  C CA  A GLN A 1 102 ? 2.100   -4.310  -0.442  0.50 14.17 ? 102  GLN A CA  1 
ATOM   838  C CA  B GLN A 1 102 ? 2.109   -4.316  -0.396  0.50 13.48 ? 102  GLN A CA  1 
ATOM   839  C C   A GLN A 1 102 ? 2.298   -3.248  -1.514  0.50 14.51 ? 102  GLN A C   1 
ATOM   840  C C   B GLN A 1 102 ? 2.348   -3.310  -1.538  0.50 14.17 ? 102  GLN A C   1 
ATOM   841  O O   A GLN A 1 102 ? 3.123   -2.345  -1.373  0.50 14.22 ? 102  GLN A O   1 
ATOM   842  O O   B GLN A 1 102 ? 3.266   -2.494  -1.457  0.50 14.23 ? 102  GLN A O   1 
ATOM   843  C CB  A GLN A 1 102 ? 2.636   -5.630  -0.989  0.50 15.06 ? 102  GLN A CB  1 
ATOM   844  C CB  B GLN A 1 102 ? 2.685   -5.694  -0.739  0.50 13.11 ? 102  GLN A CB  1 
ATOM   845  C CG  A GLN A 1 102 ? 3.109   -6.597  0.045   0.50 15.10 ? 102  GLN A CG  1 
ATOM   846  C CG  B GLN A 1 102 ? 4.183   -5.680  -0.919  0.50 12.22 ? 102  GLN A CG  1 
ATOM   847  C CD  A GLN A 1 102 ? 4.105   -7.591  -0.529  0.50 15.49 ? 102  GLN A CD  1 
ATOM   848  C CD  B GLN A 1 102 ? 4.731   -7.010  -1.345  0.50 14.30 ? 102  GLN A CD  1 
ATOM   849  O OE1 A GLN A 1 102 ? 3.885   -8.151  -1.598  0.50 14.38 ? 102  GLN A OE1 1 
ATOM   850  O OE1 B GLN A 1 102 ? 4.183   -7.649  -2.232  0.50 15.12 ? 102  GLN A OE1 1 
ATOM   851  N NE2 A GLN A 1 102 ? 5.202   -7.817  0.185   0.50 13.89 ? 102  GLN A NE2 1 
ATOM   852  N NE2 B GLN A 1 102 ? 5.831   -7.432  -0.731  0.50 14.73 ? 102  GLN A NE2 1 
ATOM   853  N N   . VAL A 1 103 ? 1.540   -3.360  -2.598  1.00 14.30 ? 103  VAL A N   1 
ATOM   854  C CA  . VAL A 1 103 ? 1.683   -2.419  -3.706  1.00 15.70 ? 103  VAL A CA  1 
ATOM   855  C C   . VAL A 1 103 ? 1.307   -0.991  -3.284  1.00 15.12 ? 103  VAL A C   1 
ATOM   856  O O   . VAL A 1 103 ? 1.943   -0.021  -3.718  1.00 17.73 ? 103  VAL A O   1 
ATOM   857  C CB  . VAL A 1 103 ? 0.843   -2.881  -4.944  1.00 17.56 ? 103  VAL A CB  1 
ATOM   858  C CG1 . VAL A 1 103 ? 0.763   -1.751  -5.985  1.00 19.80 ? 103  VAL A CG1 1 
ATOM   859  C CG2 . VAL A 1 103 ? 1.519   -4.081  -5.599  1.00 20.32 ? 103  VAL A CG2 1 
ATOM   860  N N   . PHE A 1 104 ? 0.297   -0.856  -2.422  1.00 15.54 ? 104  PHE A N   1 
ATOM   861  C CA  . PHE A 1 104 ? -0.139  0.454   -1.917  1.00 15.54 ? 104  PHE A CA  1 
ATOM   862  C C   . PHE A 1 104 ? 1.032   1.101   -1.160  1.00 15.88 ? 104  PHE A C   1 
ATOM   863  O O   . PHE A 1 104 ? 1.294   2.314   -1.295  1.00 15.55 ? 104  PHE A O   1 
ATOM   864  C CB  . PHE A 1 104 ? -1.335  0.265   -0.969  1.00 15.33 ? 104  PHE A CB  1 
ATOM   865  C CG  . PHE A 1 104 ? -1.969  1.548   -0.510  1.00 14.99 ? 104  PHE A CG  1 
ATOM   866  C CD1 . PHE A 1 104 ? -3.131  2.024   -1.117  1.00 15.29 ? 104  PHE A CD1 1 
ATOM   867  C CD2 . PHE A 1 104 ? -1.432  2.268   0.552   1.00 16.66 ? 104  PHE A CD2 1 
ATOM   868  C CE1 . PHE A 1 104 ? -3.749  3.198   -0.660  1.00 16.52 ? 104  PHE A CE1 1 
ATOM   869  C CE2 . PHE A 1 104 ? -2.044  3.446   1.008   1.00 17.41 ? 104  PHE A CE2 1 
ATOM   870  C CZ  . PHE A 1 104 ? -3.199  3.905   0.404   1.00 17.89 ? 104  PHE A CZ  1 
ATOM   871  N N   . GLN A 1 105 ? 1.757   0.288   -0.395  1.00 14.71 ? 105  GLN A N   1 
ATOM   872  C CA  . GLN A 1 105 ? 2.878   0.814   0.391   1.00 15.59 ? 105  GLN A CA  1 
ATOM   873  C C   . GLN A 1 105 ? 4.169   1.066   -0.377  1.00 18.40 ? 105  GLN A C   1 
ATOM   874  O O   . GLN A 1 105 ? 4.773   2.136   -0.236  1.00 19.17 ? 105  GLN A O   1 
ATOM   875  C CB  . GLN A 1 105 ? 3.213   -0.140  1.561   1.00 15.05 ? 105  GLN A CB  1 
ATOM   876  C CG  . GLN A 1 105 ? 4.394   0.359   2.438   1.00 14.35 ? 105  GLN A CG  1 
ATOM   877  C CD  . GLN A 1 105 ? 4.794   -0.617  3.527   1.00 15.04 ? 105  GLN A CD  1 
ATOM   878  O OE1 . GLN A 1 105 ? 4.244   -1.706  3.639   1.00 14.71 ? 105  GLN A OE1 1 
ATOM   879  N NE2 . GLN A 1 105 ? 5.769   -0.226  4.344   1.00 16.16 ? 105  GLN A NE2 1 
ATOM   880  N N   A MET A 1 106 ? 4.589   0.107   -1.195  0.50 18.70 ? 106  MET A N   1 
ATOM   881  N N   B MET A 1 106 ? 4.589   0.107   -1.195  0.50 18.70 ? 106  MET A N   1 
ATOM   882  C CA  A MET A 1 106 ? 5.883   0.272   -1.903  0.50 19.84 ? 106  MET A CA  1 
ATOM   883  C CA  B MET A 1 106 ? 5.883   0.272   -1.903  0.50 19.84 ? 106  MET A CA  1 
ATOM   884  C C   A MET A 1 106 ? 5.820   0.521   -3.395  0.50 20.29 ? 106  MET A C   1 
ATOM   885  C C   B MET A 1 106 ? 5.820   0.521   -3.395  0.50 20.29 ? 106  MET A C   1 
ATOM   886  O O   A MET A 1 106 ? 6.820   0.862   -4.000  0.50 20.23 ? 106  MET A O   1 
ATOM   887  O O   B MET A 1 106 ? 6.820   0.862   -4.000  0.50 20.23 ? 106  MET A O   1 
ATOM   888  C CB  A MET A 1 106 ? 6.577   -1.168  -1.820  0.50 20.52 ? 106  MET A CB  1 
ATOM   889  C CB  B MET A 1 106 ? 6.743   -0.983  -1.747  0.50 20.52 ? 106  MET A CB  1 
ATOM   890  C CG  A MET A 1 106 ? 6.650   -1.778  -0.428  0.50 23.02 ? 106  MET A CG  1 
ATOM   891  C CG  B MET A 1 106 ? 6.637   -1.642  -0.381  0.50 23.02 ? 106  MET A CG  1 
ATOM   892  S SD  A MET A 1 106 ? 7.538   -3.350  -0.436  0.50 24.99 ? 106  MET A SD  1 
ATOM   893  S SD  B MET A 1 106 ? 7.471   -3.239  -0.312  0.50 24.99 ? 106  MET A SD  1 
ATOM   894  C CE  A MET A 1 106 ? 6.979   -4.036  -1.994  0.50 27.84 ? 106  MET A CE  1 
ATOM   895  C CE  B MET A 1 106 ? 6.738   -4.066  -1.722  0.50 27.84 ? 106  MET A CE  1 
ATOM   896  N N   . GLY A 1 107 ? 4.631   0.464   -3.988  1.00 20.16 ? 107  GLY A N   1 
ATOM   897  C CA  . GLY A 1 107 ? 4.496   0.738   -5.412  1.00 20.88 ? 107  GLY A CA  1 
ATOM   898  C C   . GLY A 1 107 ? 4.874   -0.493  -6.226  1.00 22.45 ? 107  GLY A C   1 
ATOM   899  O O   . GLY A 1 107 ? 5.460   -1.447  -5.708  1.00 22.30 ? 107  GLY A O   1 
ATOM   900  N N   . GLU A 1 108 ? 4.550   -0.493  -7.517  1.00 24.94 ? 108  GLU A N   1 
ATOM   901  C CA  . GLU A 1 108 ? 4.891   -1.636  -8.348  1.00 27.49 ? 108  GLU A CA  1 
ATOM   902  C C   . GLU A 1 108 ? 6.398   -1.821  -8.493  1.00 28.97 ? 108  GLU A C   1 
ATOM   903  O O   . GLU A 1 108 ? 6.882   -2.952  -8.583  1.00 28.84 ? 108  GLU A O   1 
ATOM   904  C CB  . GLU A 1 108 ? 4.237   -1.503  -9.714  1.00 28.07 ? 108  GLU A CB  1 
ATOM   905  C CG  . GLU A 1 108 ? 2.741   -1.679  -9.634  1.00 28.57 ? 108  GLU A CG  1 
ATOM   906  C CD  . GLU A 1 108 ? 2.047   -1.476  -10.971 1.00 29.99 ? 108  GLU A CD  1 
ATOM   907  O OE1 . GLU A 1 108 ? 2.629   -1.840  -12.021 1.00 28.77 ? 108  GLU A OE1 1 
ATOM   908  O OE2 . GLU A 1 108 ? 0.914   -0.959  -10.950 1.00 31.22 ? 108  GLU A OE2 1 
ATOM   909  N N   . THR A 1 109 ? 7.139   -0.715  -8.502  1.00 29.99 ? 109  THR A N   1 
ATOM   910  C CA  . THR A 1 109 ? 8.588   -0.802  -8.608  1.00 31.94 ? 109  THR A CA  1 
ATOM   911  C C   . THR A 1 109 ? 9.129   -1.384  -7.312  1.00 31.83 ? 109  THR A C   1 
ATOM   912  O O   . THR A 1 109 ? 10.139  -2.091  -7.306  1.00 33.11 ? 109  THR A O   1 
ATOM   913  C CB  . THR A 1 109 ? 9.227   0.574   -8.830  1.00 33.50 ? 109  THR A CB  1 
ATOM   914  O OG1 . THR A 1 109 ? 8.996   1.403   -7.683  1.00 35.96 ? 109  THR A OG1 1 
ATOM   915  C CG2 . THR A 1 109 ? 8.627   1.238   -10.069 1.00 33.75 ? 109  THR A CG2 1 
ATOM   916  N N   . GLY A 1 110 ? 8.451   -1.074  -6.211  1.00 31.45 ? 110  GLY A N   1 
ATOM   917  C CA  . GLY A 1 110 ? 8.880   -1.579  -4.921  1.00 31.08 ? 110  GLY A CA  1 
ATOM   918  C C   . GLY A 1 110 ? 8.743   -3.084  -4.844  1.00 31.60 ? 110  GLY A C   1 
ATOM   919  O O   . GLY A 1 110 ? 9.511   -3.745  -4.139  1.00 32.28 ? 110  GLY A O   1 
ATOM   920  N N   . VAL A 1 111 ? 7.775   -3.630  -5.579  1.00 29.58 ? 111  VAL A N   1 
ATOM   921  C CA  . VAL A 1 111 ? 7.521   -5.074  -5.584  1.00 30.37 ? 111  VAL A CA  1 
ATOM   922  C C   . VAL A 1 111 ? 8.357   -5.794  -6.652  1.00 30.11 ? 111  VAL A C   1 
ATOM   923  O O   . VAL A 1 111 ? 8.355   -7.028  -6.737  1.00 28.49 ? 111  VAL A O   1 
ATOM   924  C CB  . VAL A 1 111 ? 6.005   -5.348  -5.818  1.00 30.76 ? 111  VAL A CB  1 
ATOM   925  C CG1 . VAL A 1 111 ? 5.708   -6.825  -5.773  1.00 34.70 ? 111  VAL A CG1 1 
ATOM   926  C CG2 . VAL A 1 111 ? 5.185   -4.642  -4.761  1.00 32.80 ? 111  VAL A CG2 1 
ATOM   927  N N   . ALA A 1 112 ? 9.086   -5.027  -7.458  1.00 29.37 ? 112  ALA A N   1 
ATOM   928  C CA  . ALA A 1 112 ? 9.898   -5.618  -8.519  1.00 28.48 ? 112  ALA A CA  1 
ATOM   929  C C   . ALA A 1 112 ? 10.972  -6.590  -8.028  1.00 27.23 ? 112  ALA A C   1 
ATOM   930  O O   . ALA A 1 112 ? 11.324  -7.535  -8.729  1.00 24.52 ? 112  ALA A O   1 
ATOM   931  C CB  . ALA A 1 112 ? 10.541  -4.514  -9.363  1.00 29.75 ? 112  ALA A CB  1 
ATOM   932  N N   . GLY A 1 113 ? 11.509  -6.359  -6.831  1.00 26.52 ? 113  GLY A N   1 
ATOM   933  C CA  . GLY A 1 113 ? 12.533  -7.257  -6.332  1.00 25.91 ? 113  GLY A CA  1 
ATOM   934  C C   . GLY A 1 113 ? 11.966  -8.493  -5.653  1.00 24.96 ? 113  GLY A C   1 
ATOM   935  O O   . GLY A 1 113 ? 12.716  -9.343  -5.180  1.00 25.55 ? 113  GLY A O   1 
ATOM   936  N N   . PHE A 1 114 ? 10.640  -8.617  -5.635  1.00 22.87 ? 114  PHE A N   1 
ATOM   937  C CA  . PHE A 1 114 ? 10.011  -9.758  -4.975  1.00 22.01 ? 114  PHE A CA  1 
ATOM   938  C C   . PHE A 1 114 ? 9.697   -10.964 -5.860  1.00 21.41 ? 114  PHE A C   1 
ATOM   939  O O   . PHE A 1 114 ? 8.875   -11.807 -5.522  1.00 21.71 ? 114  PHE A O   1 
ATOM   940  C CB  . PHE A 1 114 ? 8.751   -9.291  -4.246  1.00 20.32 ? 114  PHE A CB  1 
ATOM   941  C CG  . PHE A 1 114 ? 9.045   -8.509  -2.997  1.00 19.16 ? 114  PHE A CG  1 
ATOM   942  C CD1 . PHE A 1 114 ? 9.497   -7.196  -3.066  1.00 23.01 ? 114  PHE A CD1 1 
ATOM   943  C CD2 . PHE A 1 114 ? 8.921   -9.110  -1.748  1.00 20.00 ? 114  PHE A CD2 1 
ATOM   944  C CE1 . PHE A 1 114 ? 9.820   -6.499  -1.905  1.00 21.03 ? 114  PHE A CE1 1 
ATOM   945  C CE2 . PHE A 1 114 ? 9.238   -8.428  -0.584  1.00 20.14 ? 114  PHE A CE2 1 
ATOM   946  C CZ  . PHE A 1 114 ? 9.688   -7.118  -0.658  1.00 20.42 ? 114  PHE A CZ  1 
ATOM   947  N N   . THR A 1 115 ? 10.392  -11.068 -6.980  1.00 22.31 ? 115  THR A N   1 
ATOM   948  C CA  . THR A 1 115 ? 10.199  -12.176 -7.909  1.00 22.97 ? 115  THR A CA  1 
ATOM   949  C C   . THR A 1 115 ? 10.161  -13.576 -7.287  1.00 22.67 ? 115  THR A C   1 
ATOM   950  O O   . THR A 1 115 ? 9.291   -14.384 -7.610  1.00 22.39 ? 115  THR A O   1 
ATOM   951  C CB  . THR A 1 115 ? 11.303  -12.140 -8.982  1.00 24.09 ? 115  THR A CB  1 
ATOM   952  O OG1 . THR A 1 115 ? 11.318  -10.837 -9.565  1.00 26.33 ? 115  THR A OG1 1 
ATOM   953  C CG2 . THR A 1 115 ? 11.055  -13.196 -10.063 1.00 25.68 ? 115  THR A CG2 1 
ATOM   954  N N   . ASN A 1 116 ? 11.112  -13.893 -6.413  1.00 20.13 ? 116  ASN A N   1 
ATOM   955  C CA  . ASN A 1 116 ? 11.133  -15.212 -5.804  1.00 20.60 ? 116  ASN A CA  1 
ATOM   956  C C   . ASN A 1 116 ? 9.964   -15.428 -4.844  1.00 18.39 ? 116  ASN A C   1 
ATOM   957  O O   . ASN A 1 116 ? 9.439   -16.521 -4.766  1.00 18.14 ? 116  ASN A O   1 
ATOM   958  C CB  . ASN A 1 116 ? 12.480  -15.440 -5.102  1.00 21.21 ? 116  ASN A CB  1 
ATOM   959  C CG  . ASN A 1 116 ? 13.641  -15.360 -6.079  1.00 24.64 ? 116  ASN A CG  1 
ATOM   960  O OD1 . ASN A 1 116 ? 13.570  -15.931 -7.168  1.00 26.48 ? 116  ASN A OD1 1 
ATOM   961  N ND2 . ASN A 1 116 ? 14.713  -14.657 -5.700  1.00 20.39 ? 116  ASN A ND2 1 
ATOM   962  N N   . SER A 1 117 ? 9.570   -14.387 -4.115  1.00 18.90 ? 117  SER A N   1 
ATOM   963  C CA  . SER A 1 117 ? 8.445   -14.508 -3.179  1.00 16.23 ? 117  SER A CA  1 
ATOM   964  C C   . SER A 1 117 ? 7.188   -14.731 -3.999  1.00 15.73 ? 117  SER A C   1 
ATOM   965  O O   . SER A 1 117 ? 6.344   -15.570 -3.660  1.00 16.43 ? 117  SER A O   1 
ATOM   966  C CB  . SER A 1 117 ? 8.230   -13.226 -2.375  1.00 17.70 ? 117  SER A CB  1 
ATOM   967  O OG  . SER A 1 117 ? 9.376   -12.861 -1.621  1.00 22.87 ? 117  SER A OG  1 
ATOM   968  N N   A LEU A 1 118 ? 7.068   -13.971 -5.084  0.50 16.61 ? 118  LEU A N   1 
ATOM   969  N N   B LEU A 1 118 ? 7.038   -13.954 -5.068  0.50 17.25 ? 118  LEU A N   1 
ATOM   970  C CA  A LEU A 1 118 ? 5.916   -14.081 -5.974  0.50 16.51 ? 118  LEU A CA  1 
ATOM   971  C CA  B LEU A 1 118 ? 5.853   -14.087 -5.908  0.50 17.61 ? 118  LEU A CA  1 
ATOM   972  C C   A LEU A 1 118 ? 5.739   -15.494 -6.508  0.50 16.88 ? 118  LEU A C   1 
ATOM   973  C C   B LEU A 1 118 ? 5.726   -15.494 -6.518  0.50 17.60 ? 118  LEU A C   1 
ATOM   974  O O   A LEU A 1 118 ? 4.625   -16.017 -6.572  0.50 16.15 ? 118  LEU A O   1 
ATOM   975  O O   B LEU A 1 118 ? 4.619   -16.018 -6.641  0.50 16.81 ? 118  LEU A O   1 
ATOM   976  C CB  A LEU A 1 118 ? 6.070   -13.124 -7.158  0.50 16.27 ? 118  LEU A CB  1 
ATOM   977  C CB  B LEU A 1 118 ? 5.844   -13.005 -7.002  0.50 18.80 ? 118  LEU A CB  1 
ATOM   978  C CG  A LEU A 1 118 ? 5.981   -11.660 -6.765  0.50 16.75 ? 118  LEU A CG  1 
ATOM   979  C CG  B LEU A 1 118 ? 5.668   -11.526 -6.604  0.50 21.04 ? 118  LEU A CG  1 
ATOM   980  C CD1 A LEU A 1 118 ? 6.341   -10.776 -7.951  0.50 15.91 ? 118  LEU A CD1 1 
ATOM   981  C CD1 B LEU A 1 118 ? 4.495   -10.958 -7.386  0.50 20.56 ? 118  LEU A CD1 1 
ATOM   982  C CD2 A LEU A 1 118 ? 4.564   -11.373 -6.267  0.50 13.19 ? 118  LEU A CD2 1 
ATOM   983  C CD2 B LEU A 1 118 ? 5.424   -11.336 -5.101  0.50 19.63 ? 118  LEU A CD2 1 
ATOM   984  N N   . ARG A 1 119 ? 6.845   -16.109 -6.896  1.00 17.75 ? 119  ARG A N   1 
ATOM   985  C CA  . ARG A 1 119 ? 6.803   -17.464 -7.444  1.00 18.70 ? 119  ARG A CA  1 
ATOM   986  C C   . ARG A 1 119 ? 6.305   -18.425 -6.361  1.00 17.96 ? 119  ARG A C   1 
ATOM   987  O O   . ARG A 1 119 ? 5.448   -19.273 -6.605  1.00 17.04 ? 119  ARG A O   1 
ATOM   988  C CB  . ARG A 1 119 ? 8.202   -17.891 -7.917  1.00 20.73 ? 119  ARG A CB  1 
ATOM   989  C CG  . ARG A 1 119 ? 8.236   -19.272 -8.545  1.00 23.31 ? 119  ARG A CG  1 
ATOM   990  C CD  . ARG A 1 119 ? 9.627   -19.651 -9.071  1.00 27.96 ? 119  ARG A CD  1 
ATOM   991  N NE  . ARG A 1 119 ? 10.239  -18.607 -9.889  0.00 28.25 ? 119  ARG A NE  1 
ATOM   992  C CZ  . ARG A 1 119 ? 10.991  -17.622 -9.406  0.00 29.16 ? 119  ARG A CZ  1 
ATOM   993  N NH1 . ARG A 1 119 ? 11.229  -17.542 -8.104  0.00 29.48 ? 119  ARG A NH1 1 
ATOM   994  N NH2 . ARG A 1 119 ? 11.506  -16.716 -10.227 0.00 29.48 ? 119  ARG A NH2 1 
ATOM   995  N N   . MET A 1 120 ? 6.840   -18.293 -5.148  1.00 15.23 ? 120  MET A N   1 
ATOM   996  C CA  . MET A 1 120 ? 6.415   -19.157 -4.047  1.00 14.43 ? 120  MET A CA  1 
ATOM   997  C C   . MET A 1 120 ? 4.924   -18.943 -3.716  1.00 13.41 ? 120  MET A C   1 
ATOM   998  O O   . MET A 1 120 ? 4.214   -19.878 -3.349  1.00 14.07 ? 120  MET A O   1 
ATOM   999  C CB  . MET A 1 120 ? 7.269   -18.890 -2.799  1.00 14.83 ? 120  MET A CB  1 
ATOM   1000 C CG  . MET A 1 120 ? 8.702   -19.346 -2.954  1.00 15.96 ? 120  MET A CG  1 
ATOM   1001 S SD  . MET A 1 120 ? 9.655   -18.862 -1.528  1.00 17.37 ? 120  MET A SD  1 
ATOM   1002 C CE  . MET A 1 120 ? 11.317  -18.812 -2.181  1.00 17.59 ? 120  MET A CE  1 
ATOM   1003 N N   . LEU A 1 121 ? 4.450   -17.710 -3.817  1.00 13.89 ? 121  LEU A N   1 
ATOM   1004 C CA  . LEU A 1 121 ? 3.037   -17.439 -3.559  1.00 13.16 ? 121  LEU A CA  1 
ATOM   1005 C C   . LEU A 1 121 ? 2.178   -18.102 -4.635  1.00 14.40 ? 121  LEU A C   1 
ATOM   1006 O O   . LEU A 1 121 ? 1.152   -18.699 -4.305  1.00 14.54 ? 121  LEU A O   1 
ATOM   1007 C CB  . LEU A 1 121 ? 2.761   -15.928 -3.519  1.00 14.69 ? 121  LEU A CB  1 
ATOM   1008 C CG  . LEU A 1 121 ? 3.340   -15.187 -2.306  1.00 13.73 ? 121  LEU A CG  1 
ATOM   1009 C CD1 . LEU A 1 121 ? 3.112   -13.690 -2.496  1.00 14.23 ? 121  LEU A CD1 1 
ATOM   1010 C CD2 . LEU A 1 121 ? 2.674   -15.671 -1.010  1.00 15.60 ? 121  LEU A CD2 1 
ATOM   1011 N N   . GLN A 1 122 ? 2.587   -18.023 -5.904  1.00 13.15 ? 122  GLN A N   1 
ATOM   1012 C CA  . GLN A 1 122 ? 1.798   -18.653 -6.976  1.00 15.40 ? 122  GLN A CA  1 
ATOM   1013 C C   . GLN A 1 122 ? 1.789   -20.174 -6.797  1.00 16.17 ? 122  GLN A C   1 
ATOM   1014 O O   . GLN A 1 122 ? 0.806   -20.842 -7.152  1.00 16.10 ? 122  GLN A O   1 
ATOM   1015 C CB  . GLN A 1 122 ? 2.329   -18.260 -8.367  1.00 17.68 ? 122  GLN A CB  1 
ATOM   1016 C CG  . GLN A 1 122 ? 1.344   -18.606 -9.475  1.00 19.21 ? 122  GLN A CG  1 
ATOM   1017 C CD  . GLN A 1 122 ? 1.789   -18.135 -10.855 1.00 24.85 ? 122  GLN A CD  1 
ATOM   1018 O OE1 . GLN A 1 122 ? 2.750   -17.381 -10.995 1.00 28.60 ? 122  GLN A OE1 1 
ATOM   1019 N NE2 . GLN A 1 122 ? 1.080   -18.588 -11.881 1.00 28.53 ? 122  GLN A NE2 1 
ATOM   1020 N N   . GLN A 1 123 ? 2.882   -20.705 -6.250  1.00 15.01 ? 123  GLN A N   1 
ATOM   1021 C CA  . GLN A 1 123 ? 3.016   -22.151 -6.006  1.00 16.19 ? 123  GLN A CA  1 
ATOM   1022 C C   . GLN A 1 123 ? 2.252   -22.557 -4.736  1.00 15.36 ? 123  GLN A C   1 
ATOM   1023 O O   . GLN A 1 123 ? 2.105   -23.746 -4.443  1.00 16.51 ? 123  GLN A O   1 
ATOM   1024 C CB  . GLN A 1 123 ? 4.487   -22.561 -5.855  1.00 17.08 ? 123  GLN A CB  1 
ATOM   1025 C CG  . GLN A 1 123 ? 5.370   -22.349 -7.067  1.00 19.81 ? 123  GLN A CG  1 
ATOM   1026 C CD  . GLN A 1 123 ? 6.828   -22.701 -6.767  1.00 21.68 ? 123  GLN A CD  1 
ATOM   1027 O OE1 . GLN A 1 123 ? 7.439   -23.558 -7.419  1.00 27.58 ? 123  GLN A OE1 1 
ATOM   1028 N NE2 . GLN A 1 123 ? 7.392   -22.019 -5.787  1.00 20.43 ? 123  GLN A NE2 1 
ATOM   1029 N N   . LYS A 1 124 ? 1.784   -21.565 -3.974  1.00 13.88 ? 124  LYS A N   1 
ATOM   1030 C CA  . LYS A 1 124 ? 1.060   -21.798 -2.724  1.00 14.69 ? 124  LYS A CA  1 
ATOM   1031 C C   . LYS A 1 124 ? 1.942   -22.498 -1.688  1.00 13.08 ? 124  LYS A C   1 
ATOM   1032 O O   . LYS A 1 124 ? 1.476   -23.285 -0.873  1.00 14.59 ? 124  LYS A O   1 
ATOM   1033 C CB  . LYS A 1 124 ? -0.249  -22.585 -2.984  1.00 14.51 ? 124  LYS A CB  1 
ATOM   1034 C CG  . LYS A 1 124 ? -1.201  -21.878 -3.959  1.00 14.39 ? 124  LYS A CG  1 
ATOM   1035 C CD  . LYS A 1 124 ? -2.651  -22.310 -3.797  1.00 15.75 ? 124  LYS A CD  1 
ATOM   1036 C CE  . LYS A 1 124 ? -3.569  -21.562 -4.751  1.00 16.17 ? 124  LYS A CE  1 
ATOM   1037 N NZ  . LYS A 1 124 ? -3.664  -20.118 -4.391  1.00 13.77 ? 124  LYS A NZ  1 
ATOM   1038 N N   . ARG A 1 125 ? 3.217   -22.188 -1.744  1.00 13.83 ? 125  ARG A N   1 
ATOM   1039 C CA  . ARG A 1 125 ? 4.183   -22.674 -0.747  1.00 13.61 ? 125  ARG A CA  1 
ATOM   1040 C C   . ARG A 1 125 ? 4.205   -21.586 0.308   1.00 14.57 ? 125  ARG A C   1 
ATOM   1041 O O   . ARG A 1 125 ? 5.130   -20.786 0.394   1.00 13.80 ? 125  ARG A O   1 
ATOM   1042 C CB  . ARG A 1 125 ? 5.559   -22.942 -1.353  1.00 16.30 ? 125  ARG A CB  1 
ATOM   1043 C CG  . ARG A 1 125 ? 5.502   -23.728 -2.663  1.00 19.07 ? 125  ARG A CG  1 
ATOM   1044 C CD  . ARG A 1 125 ? 6.857   -24.312 -3.046  1.00 21.35 ? 125  ARG A CD  1 
ATOM   1045 N NE  . ARG A 1 125 ? 6.698   -25.457 -3.940  1.00 24.64 ? 125  ARG A NE  1 
ATOM   1046 C CZ  . ARG A 1 125 ? 7.693   -26.043 -4.595  1.00 27.73 ? 125  ARG A CZ  1 
ATOM   1047 N NH1 . ARG A 1 125 ? 8.927   -25.587 -4.454  1.00 28.26 ? 125  ARG A NH1 1 
ATOM   1048 N NH2 . ARG A 1 125 ? 7.447   -27.087 -5.383  1.00 26.64 ? 125  ARG A NH2 1 
ATOM   1049 N N   . TRP A 1 126 ? 3.157   -21.556 1.122   1.00 13.11 ? 126  TRP A N   1 
ATOM   1050 C CA  . TRP A 1 126 ? 2.957   -20.417 2.029   1.00 13.72 ? 126  TRP A CA  1 
ATOM   1051 C C   . TRP A 1 126 ? 4.029   -20.163 3.088   1.00 14.12 ? 126  TRP A C   1 
ATOM   1052 O O   . TRP A 1 126 ? 4.418   -19.009 3.283   1.00 14.75 ? 126  TRP A O   1 
ATOM   1053 C CB  . TRP A 1 126 ? 1.592   -20.562 2.697   1.00 12.39 ? 126  TRP A CB  1 
ATOM   1054 C CG  . TRP A 1 126 ? 0.439   -20.754 1.783   1.00 13.32 ? 126  TRP A CG  1 
ATOM   1055 C CD1 . TRP A 1 126 ? -0.485  -21.768 1.864   1.00 13.61 ? 126  TRP A CD1 1 
ATOM   1056 C CD2 . TRP A 1 126 ? 0.039   -19.940 0.671   1.00 12.71 ? 126  TRP A CD2 1 
ATOM   1057 N NE1 . TRP A 1 126 ? -1.426  -21.627 0.876   1.00 13.03 ? 126  TRP A NE1 1 
ATOM   1058 C CE2 . TRP A 1 126 ? -1.137  -20.516 0.134   1.00 12.93 ? 126  TRP A CE2 1 
ATOM   1059 C CE3 . TRP A 1 126 ? 0.551   -18.785 0.082   1.00 12.58 ? 126  TRP A CE3 1 
ATOM   1060 C CZ2 . TRP A 1 126 ? -1.811  -19.969 -0.963  1.00 13.23 ? 126  TRP A CZ2 1 
ATOM   1061 C CZ3 . TRP A 1 126 ? -0.115  -18.230 -1.015  1.00 13.50 ? 126  TRP A CZ3 1 
ATOM   1062 C CH2 . TRP A 1 126 ? -1.290  -18.821 -1.527  1.00 12.40 ? 126  TRP A CH2 1 
ATOM   1063 N N   . ASP A 1 127 ? 4.527   -21.187 3.761   1.00 13.58 ? 127  ASP A N   1 
ATOM   1064 C CA  . ASP A 1 127 ? 5.524   -20.916 4.793   1.00 13.95 ? 127  ASP A CA  1 
ATOM   1065 C C   . ASP A 1 127 ? 6.813   -20.450 4.163   1.00 14.99 ? 127  ASP A C   1 
ATOM   1066 O O   . ASP A 1 127 ? 7.471   -19.542 4.673   1.00 13.44 ? 127  ASP A O   1 
ATOM   1067 C CB  . ASP A 1 127 ? 5.736   -22.153 5.661   1.00 13.73 ? 127  ASP A CB  1 
ATOM   1068 C CG  . ASP A 1 127 ? 4.645   -22.320 6.718   1.00 17.31 ? 127  ASP A CG  1 
ATOM   1069 O OD1 . ASP A 1 127 ? 3.543   -21.762 6.535   1.00 17.36 ? 127  ASP A OD1 1 
ATOM   1070 O OD2 . ASP A 1 127 ? 4.892   -23.020 7.728   1.00 18.31 ? 127  ASP A OD2 1 
ATOM   1071 N N   . GLU A 1 128 ? 7.187   -21.051 3.044   1.00 14.10 ? 128  GLU A N   1 
ATOM   1072 C CA  . GLU A 1 128 ? 8.409   -20.652 2.352   1.00 13.67 ? 128  GLU A CA  1 
ATOM   1073 C C   . GLU A 1 128 ? 8.290   -19.227 1.811   1.00 14.11 ? 128  GLU A C   1 
ATOM   1074 O O   . GLU A 1 128 ? 9.254   -18.449 1.872   1.00 14.35 ? 128  GLU A O   1 
ATOM   1075 C CB  . GLU A 1 128 ? 8.703   -21.627 1.216   1.00 17.16 ? 128  GLU A CB  1 
ATOM   1076 C CG  . GLU A 1 128 ? 9.160   -22.979 1.712   1.00 18.68 ? 128  GLU A CG  1 
ATOM   1077 C CD  . GLU A 1 128 ? 9.140   -24.010 0.605   1.00 24.34 ? 128  GLU A CD  1 
ATOM   1078 O OE1 . GLU A 1 128 ? 10.176  -24.204 -0.072  1.00 25.10 ? 128  GLU A OE1 1 
ATOM   1079 O OE2 . GLU A 1 128 ? 8.070   -24.611 0.403   1.00 20.87 ? 128  GLU A OE2 1 
ATOM   1080 N N   . ALA A 1 129 ? 7.119   -18.893 1.269   1.00 14.17 ? 129  ALA A N   1 
ATOM   1081 C CA  . ALA A 1 129 ? 6.860   -17.556 0.763   1.00 13.02 ? 129  ALA A CA  1 
ATOM   1082 C C   . ALA A 1 129 ? 7.034   -16.561 1.904   1.00 14.10 ? 129  ALA A C   1 
ATOM   1083 O O   . ALA A 1 129 ? 7.694   -15.539 1.749   1.00 14.39 ? 129  ALA A O   1 
ATOM   1084 C CB  . ALA A 1 129 ? 5.440   -17.475 0.219   1.00 14.32 ? 129  ALA A CB  1 
ATOM   1085 N N   . ALA A 1 130 ? 6.467   -16.886 3.060   1.00 13.31 ? 130  ALA A N   1 
ATOM   1086 C CA  . ALA A 1 130 ? 6.535   -15.982 4.216   1.00 11.96 ? 130  ALA A CA  1 
ATOM   1087 C C   . ALA A 1 130 ? 7.976   -15.758 4.665   1.00 14.42 ? 130  ALA A C   1 
ATOM   1088 O O   . ALA A 1 130 ? 8.372   -14.634 4.991   1.00 14.28 ? 130  ALA A O   1 
ATOM   1089 C CB  . ALA A 1 130 ? 5.690   -16.542 5.355   1.00 12.83 ? 130  ALA A CB  1 
ATOM   1090 N N   . VAL A 1 131 ? 8.766   -16.825 4.682   1.00 12.92 ? 131  VAL A N   1 
ATOM   1091 C CA  . VAL A 1 131 ? 10.174  -16.680 5.049   1.00 12.01 ? 131  VAL A CA  1 
ATOM   1092 C C   . VAL A 1 131 ? 10.893  -15.786 4.033   1.00 12.83 ? 131  VAL A C   1 
ATOM   1093 O O   . VAL A 1 131 ? 11.672  -14.909 4.402   1.00 14.49 ? 131  VAL A O   1 
ATOM   1094 C CB  . VAL A 1 131 ? 10.867  -18.059 5.100   1.00 13.48 ? 131  VAL A CB  1 
ATOM   1095 C CG1 . VAL A 1 131 ? 12.381  -17.909 5.154   1.00 14.67 ? 131  VAL A CG1 1 
ATOM   1096 C CG2 . VAL A 1 131 ? 10.367  -18.811 6.326   1.00 14.63 ? 131  VAL A CG2 1 
ATOM   1097 N N   . ASN A 1 132 ? 10.606  -15.961 2.750   1.00 12.67 ? 132  ASN A N   1 
ATOM   1098 C CA  . ASN A 1 132 ? 11.300  -15.168 1.728   1.00 12.45 ? 132  ASN A CA  1 
ATOM   1099 C C   . ASN A 1 132 ? 10.882  -13.697 1.750   1.00 13.60 ? 132  ASN A C   1 
ATOM   1100 O O   . ASN A 1 132 ? 11.697  -12.802 1.540   1.00 14.55 ? 132  ASN A O   1 
ATOM   1101 C CB  . ASN A 1 132 ? 11.020  -15.788 0.346   1.00 13.81 ? 132  ASN A CB  1 
ATOM   1102 C CG  . ASN A 1 132 ? 11.877  -15.191 -0.755  1.00 13.71 ? 132  ASN A CG  1 
ATOM   1103 O OD1 . ASN A 1 132 ? 11.444  -14.306 -1.480  1.00 17.42 ? 132  ASN A OD1 1 
ATOM   1104 N ND2 . ASN A 1 132 ? 13.111  -15.669 -0.863  1.00 16.74 ? 132  ASN A ND2 1 
ATOM   1105 N N   . LEU A 1 133 ? 9.612   -13.442 2.026   1.00 13.34 ? 133  LEU A N   1 
ATOM   1106 C CA  . LEU A 1 133 ? 9.113   -12.071 2.045   1.00 12.60 ? 133  LEU A CA  1 
ATOM   1107 C C   . LEU A 1 133 ? 9.805   -11.231 3.113   1.00 13.66 ? 133  LEU A C   1 
ATOM   1108 O O   . LEU A 1 133 ? 9.976   -10.024 2.941   1.00 14.18 ? 133  LEU A O   1 
ATOM   1109 C CB  . LEU A 1 133 ? 7.598   -12.081 2.311   1.00 13.12 ? 133  LEU A CB  1 
ATOM   1110 C CG  . LEU A 1 133 ? 6.701   -12.479 1.123   1.00 12.68 ? 133  LEU A CG  1 
ATOM   1111 C CD1 . LEU A 1 133 ? 5.322   -12.901 1.663   1.00 14.63 ? 133  LEU A CD1 1 
ATOM   1112 C CD2 . LEU A 1 133 ? 6.589   -11.329 0.112   1.00 15.15 ? 133  LEU A CD2 1 
ATOM   1113 N N   . ALA A 1 134 ? 10.210  -11.880 4.203   1.00 12.91 ? 134  ALA A N   1 
ATOM   1114 C CA  . ALA A 1 134 ? 10.845  -11.154 5.312   1.00 13.42 ? 134  ALA A CA  1 
ATOM   1115 C C   . ALA A 1 134 ? 12.316  -10.817 5.073   1.00 13.83 ? 134  ALA A C   1 
ATOM   1116 O O   . ALA A 1 134 ? 12.905  -9.999  5.796   1.00 16.09 ? 134  ALA A O   1 
ATOM   1117 C CB  . ALA A 1 134 ? 10.669  -11.943 6.625   1.00 14.50 ? 134  ALA A CB  1 
ATOM   1118 N N   . LYS A 1 135 ? 12.915  -11.413 4.048   1.00 13.49 ? 135  LYS A N   1 
ATOM   1119 C CA  . LYS A 1 135 ? 14.315  -11.140 3.712   1.00 13.44 ? 135  LYS A CA  1 
ATOM   1120 C C   . LYS A 1 135 ? 14.280  -9.950  2.768   1.00 13.59 ? 135  LYS A C   1 
ATOM   1121 O O   . LYS A 1 135 ? 14.588  -10.051 1.586   1.00 14.45 ? 135  LYS A O   1 
ATOM   1122 C CB  . LYS A 1 135 ? 14.908  -12.379 3.054   1.00 15.87 ? 135  LYS A CB  1 
ATOM   1123 C CG  . LYS A 1 135 ? 14.944  -13.568 4.025   1.00 20.25 ? 135  LYS A CG  1 
ATOM   1124 C CD  . LYS A 1 135 ? 15.919  -14.634 3.576   1.00 25.48 ? 135  LYS A CD  1 
ATOM   1125 C CE  . LYS A 1 135 ? 15.713  -14.997 2.127   1.00 30.19 ? 135  LYS A CE  1 
ATOM   1126 N NZ  . LYS A 1 135 ? 14.575  -15.934 2.007   1.00 35.49 ? 135  LYS A NZ  1 
ATOM   1127 N N   . SER A 1 136 ? 13.919  -8.798  3.320   1.00 11.90 ? 136  SER A N   1 
ATOM   1128 C CA  . SER A 1 136 ? 13.734  -7.630  2.477   1.00 12.70 ? 136  SER A CA  1 
ATOM   1129 C C   . SER A 1 136 ? 13.908  -6.317  3.210   1.00 12.32 ? 136  SER A C   1 
ATOM   1130 O O   . SER A 1 136 ? 13.750  -6.247  4.433   1.00 11.86 ? 136  SER A O   1 
ATOM   1131 C CB  . SER A 1 136 ? 12.307  -7.660  1.916   1.00 13.01 ? 136  SER A CB  1 
ATOM   1132 O OG  . SER A 1 136 ? 11.368  -7.651  3.002   1.00 12.46 ? 136  SER A OG  1 
ATOM   1133 N N   . ARG A 1 137 ? 14.232  -5.276  2.443   1.00 11.93 ? 137  ARG A N   1 
ATOM   1134 C CA  . ARG A 1 137 ? 14.324  -3.947  3.044   1.00 12.87 ? 137  ARG A CA  1 
ATOM   1135 C C   . ARG A 1 137 ? 12.954  -3.623  3.650   1.00 14.32 ? 137  ARG A C   1 
ATOM   1136 O O   . ARG A 1 137 ? 12.870  -3.062  4.728   1.00 14.11 ? 137  ARG A O   1 
ATOM   1137 C CB  . ARG A 1 137 ? 14.678  -2.879  1.999   1.00 13.50 ? 137  ARG A CB  1 
ATOM   1138 C CG  . ARG A 1 137 ? 14.628  -1.470  2.600   1.00 13.62 ? 137  ARG A CG  1 
ATOM   1139 C CD  . ARG A 1 137 ? 14.922  -0.400  1.591   1.00 18.26 ? 137  ARG A CD  1 
ATOM   1140 N NE  . ARG A 1 137 ? 15.052  0.882   2.278   1.00 19.54 ? 137  ARG A NE  1 
ATOM   1141 C CZ  . ARG A 1 137 ? 14.037  1.680   2.584   1.00 20.41 ? 137  ARG A CZ  1 
ATOM   1142 N NH1 . ARG A 1 137 ? 12.797  1.345   2.255   1.00 20.10 ? 137  ARG A NH1 1 
ATOM   1143 N NH2 . ARG A 1 137 ? 14.263  2.808   3.256   1.00 20.26 ? 137  ARG A NH2 1 
ATOM   1144 N N   . TRP A 1 138 ? 11.884  -3.994  2.949   1.00 13.47 ? 138  TRP A N   1 
ATOM   1145 C CA  . TRP A 1 138 ? 10.509  -3.771  3.395   1.00 13.65 ? 138  TRP A CA  1 
ATOM   1146 C C   . TRP A 1 138 ? 10.288  -4.234  4.839   1.00 13.65 ? 138  TRP A C   1 
ATOM   1147 O O   . TRP A 1 138 ? 9.836   -3.479  5.697   1.00 14.00 ? 138  TRP A O   1 
ATOM   1148 C CB  . TRP A 1 138 ? 9.584   -4.541  2.449   1.00 12.92 ? 138  TRP A CB  1 
ATOM   1149 C CG  . TRP A 1 138 ? 8.154   -4.597  2.890   1.00 14.01 ? 138  TRP A CG  1 
ATOM   1150 C CD1 . TRP A 1 138 ? 7.343   -3.531  3.190   1.00 13.88 ? 138  TRP A CD1 1 
ATOM   1151 C CD2 . TRP A 1 138 ? 7.321   -5.766  2.958   1.00 13.88 ? 138  TRP A CD2 1 
ATOM   1152 N NE1 . TRP A 1 138 ? 6.051   -3.967  3.433   1.00 14.90 ? 138  TRP A NE1 1 
ATOM   1153 C CE2 . TRP A 1 138 ? 6.019   -5.332  3.298   1.00 14.12 ? 138  TRP A CE2 1 
ATOM   1154 C CE3 . TRP A 1 138 ? 7.551   -7.135  2.764   1.00 14.01 ? 138  TRP A CE3 1 
ATOM   1155 C CZ2 . TRP A 1 138 ? 4.942   -6.215  3.442   1.00 15.08 ? 138  TRP A CZ2 1 
ATOM   1156 C CZ3 . TRP A 1 138 ? 6.477   -8.023  2.913   1.00 14.80 ? 138  TRP A CZ3 1 
ATOM   1157 C CH2 . TRP A 1 138 ? 5.181   -7.549  3.250   1.00 14.11 ? 138  TRP A CH2 1 
ATOM   1158 N N   . TYR A 1 139 ? 10.613  -5.485  5.111   1.00 13.78 ? 139  TYR A N   1 
ATOM   1159 C CA  . TYR A 1 139 ? 10.449  -6.037  6.452   1.00 13.36 ? 139  TYR A CA  1 
ATOM   1160 C C   . TYR A 1 139 ? 11.336  -5.349  7.476   1.00 15.21 ? 139  TYR A C   1 
ATOM   1161 O O   . TYR A 1 139 ? 10.895  -5.037  8.582   1.00 15.22 ? 139  TYR A O   1 
ATOM   1162 C CB  . TYR A 1 139 ? 10.774  -7.535  6.422   1.00 15.14 ? 139  TYR A CB  1 
ATOM   1163 C CG  . TYR A 1 139 ? 10.730  -8.209  7.771   1.00 19.78 ? 139  TYR A CG  1 
ATOM   1164 C CD1 . TYR A 1 139 ? 9.534   -8.734  8.263   1.00 21.20 ? 139  TYR A CD1 1 
ATOM   1165 C CD2 . TYR A 1 139 ? 11.878  -8.319  8.549   1.00 22.32 ? 139  TYR A CD2 1 
ATOM   1166 C CE1 . TYR A 1 139 ? 9.486   -9.355  9.505   1.00 25.53 ? 139  TYR A CE1 1 
ATOM   1167 C CE2 . TYR A 1 139 ? 11.844  -8.943  9.799   1.00 24.93 ? 139  TYR A CE2 1 
ATOM   1168 C CZ  . TYR A 1 139 ? 10.643  -9.460  10.263  1.00 27.38 ? 139  TYR A CZ  1 
ATOM   1169 O OH  . TYR A 1 139 ? 10.621  -10.121 11.473  1.00 30.99 ? 139  TYR A OH  1 
ATOM   1170 N N   . ASN A 1 140 ? 12.588  -5.094  7.109   1.00 13.59 ? 140  ASN A N   1 
ATOM   1171 C CA  . ASN A 1 140 ? 13.499  -4.462  8.055   1.00 12.33 ? 140  ASN A CA  1 
ATOM   1172 C C   . ASN A 1 140 ? 13.115  -3.022  8.404   1.00 12.73 ? 140  ASN A C   1 
ATOM   1173 O O   . ASN A 1 140 ? 13.279  -2.611  9.551   1.00 13.88 ? 140  ASN A O   1 
ATOM   1174 C CB  . ASN A 1 140 ? 14.930  -4.506  7.516   1.00 13.12 ? 140  ASN A CB  1 
ATOM   1175 C CG  . ASN A 1 140 ? 15.590  -5.846  7.746   1.00 17.91 ? 140  ASN A CG  1 
ATOM   1176 O OD1 . ASN A 1 140 ? 16.052  -6.140  8.855   1.00 21.11 ? 140  ASN A OD1 1 
ATOM   1177 N ND2 . ASN A 1 140 ? 15.621  -6.677  6.713   1.00 16.36 ? 140  ASN A ND2 1 
ATOM   1178 N N   . GLN A 1 141 ? 12.604  -2.253  7.444   1.00 12.65 ? 141  GLN A N   1 
ATOM   1179 C CA  . GLN A 1 141 ? 12.231  -0.858  7.726   1.00 12.19 ? 141  GLN A CA  1 
ATOM   1180 C C   . GLN A 1 141 ? 10.839  -0.701  8.376   1.00 13.05 ? 141  GLN A C   1 
ATOM   1181 O O   . GLN A 1 141 ? 10.626  0.230   9.144   1.00 14.82 ? 141  GLN A O   1 
ATOM   1182 C CB  . GLN A 1 141 ? 12.312  -0.009  6.452   1.00 13.26 ? 141  GLN A CB  1 
ATOM   1183 C CG  . GLN A 1 141 ? 13.668  -0.077  5.739   1.00 14.19 ? 141  GLN A CG  1 
ATOM   1184 C CD  . GLN A 1 141 ? 14.802  0.451   6.580   1.00 14.75 ? 141  GLN A CD  1 
ATOM   1185 O OE1 . GLN A 1 141 ? 15.870  -0.148  6.640   1.00 16.04 ? 141  GLN A OE1 1 
ATOM   1186 N NE2 . GLN A 1 141 ? 14.577  1.596   7.228   1.00 15.17 ? 141  GLN A NE2 1 
ATOM   1187 N N   . THR A 1 142 ? 9.894   -1.589  8.059   1.00 12.67 ? 142  THR A N   1 
ATOM   1188 C CA  . THR A 1 142 ? 8.551   -1.544  8.666   1.00 13.88 ? 142  THR A CA  1 
ATOM   1189 C C   . THR A 1 142 ? 8.199   -2.962  9.092   1.00 14.11 ? 142  THR A C   1 
ATOM   1190 O O   . THR A 1 142 ? 7.281   -3.596  8.539   1.00 12.83 ? 142  THR A O   1 
ATOM   1191 C CB  . THR A 1 142 ? 7.472   -0.969  7.682   1.00 13.01 ? 142  THR A CB  1 
ATOM   1192 O OG1 . THR A 1 142 ? 7.511   -1.667  6.432   1.00 14.84 ? 142  THR A OG1 1 
ATOM   1193 C CG2 . THR A 1 142 ? 7.765   0.515   7.397   1.00 12.76 ? 142  THR A CG2 1 
ATOM   1194 N N   . PRO A 1 143 ? 8.885   -3.478  10.125  1.00 12.78 ? 143  PRO A N   1 
ATOM   1195 C CA  . PRO A 1 143 ? 8.623   -4.846  10.578  1.00 12.89 ? 143  PRO A CA  1 
ATOM   1196 C C   . PRO A 1 143 ? 7.259   -5.139  11.143  1.00 14.28 ? 143  PRO A C   1 
ATOM   1197 O O   . PRO A 1 143 ? 6.712   -6.190  10.870  1.00 14.42 ? 143  PRO A O   1 
ATOM   1198 C CB  . PRO A 1 143 ? 9.739   -5.116  11.604  1.00 12.71 ? 143  PRO A CB  1 
ATOM   1199 C CG  . PRO A 1 143 ? 10.071  -3.730  12.104  1.00 12.58 ? 143  PRO A CG  1 
ATOM   1200 C CD  . PRO A 1 143 ? 10.000  -2.869  10.873  1.00 15.00 ? 143  PRO A CD  1 
ATOM   1201 N N   . ASN A 1 144 ? 6.689   -4.240  11.922  1.00 13.18 ? 144  ASN A N   1 
ATOM   1202 C CA  . ASN A 1 144 ? 5.399   -4.593  12.485  1.00 15.21 ? 144  ASN A CA  1 
ATOM   1203 C C   . ASN A 1 144 ? 4.330   -4.714  11.406  1.00 14.34 ? 144  ASN A C   1 
ATOM   1204 O O   . ASN A 1 144 ? 3.514   -5.648  11.440  1.00 14.89 ? 144  ASN A O   1 
ATOM   1205 C CB  . ASN A 1 144 ? 5.001   -3.589  13.569  1.00 16.61 ? 144  ASN A CB  1 
ATOM   1206 C CG  . ASN A 1 144 ? 5.900   -3.700  14.810  1.00 20.90 ? 144  ASN A CG  1 
ATOM   1207 O OD1 . ASN A 1 144 ? 6.558   -4.713  15.027  1.00 24.99 ? 144  ASN A OD1 1 
ATOM   1208 N ND2 . ASN A 1 144 ? 5.905   -2.675  15.619  1.00 24.03 ? 144  ASN A ND2 1 
ATOM   1209 N N   . ARG A 1 145 ? 4.344   -3.792  10.448  1.00 13.52 ? 145  ARG A N   1 
ATOM   1210 C CA  . ARG A 1 145 ? 3.366   -3.845  9.381   1.00 12.42 ? 145  ARG A CA  1 
ATOM   1211 C C   . ARG A 1 145 ? 3.664   -5.009  8.458   1.00 13.22 ? 145  ARG A C   1 
ATOM   1212 O O   . ARG A 1 145 ? 2.748   -5.742  8.081   1.00 13.06 ? 145  ARG A O   1 
ATOM   1213 C CB  . ARG A 1 145 ? 3.354   -2.542  8.589   1.00 13.51 ? 145  ARG A CB  1 
ATOM   1214 C CG  . ARG A 1 145 ? 2.220   -2.539  7.553   1.00 16.08 ? 145  ARG A CG  1 
ATOM   1215 C CD  . ARG A 1 145 ? 2.642   -1.774  6.373   1.00 16.10 ? 145  ARG A CD  1 
ATOM   1216 N NE  . ARG A 1 145 ? 1.593   -1.624  5.363   1.00 14.70 ? 145  ARG A NE  1 
ATOM   1217 C CZ  . ARG A 1 145 ? 1.278   -0.442  4.845   1.00 16.09 ? 145  ARG A CZ  1 
ATOM   1218 N NH1 . ARG A 1 145 ? 1.915   0.663   5.257   1.00 15.24 ? 145  ARG A NH1 1 
ATOM   1219 N NH2 . ARG A 1 145 ? 0.366   -0.358  3.884   1.00 14.53 ? 145  ARG A NH2 1 
ATOM   1220 N N   . ALA A 1 146 ? 4.931   -5.204  8.109   1.00 12.63 ? 146  ALA A N   1 
ATOM   1221 C CA  . ALA A 1 146 ? 5.271   -6.314  7.227   1.00 13.06 ? 146  ALA A CA  1 
ATOM   1222 C C   . ALA A 1 146 ? 4.886   -7.626  7.868   1.00 15.50 ? 146  ALA A C   1 
ATOM   1223 O O   . ALA A 1 146 ? 4.406   -8.525  7.168   1.00 15.47 ? 146  ALA A O   1 
ATOM   1224 C CB  . ALA A 1 146 ? 6.756   -6.310  6.879   1.00 15.85 ? 146  ALA A CB  1 
ATOM   1225 N N   . LYS A 1 147 ? 5.061   -7.757  9.183   1.00 14.55 ? 147  LYS A N   1 
ATOM   1226 C CA  . LYS A 1 147 ? 4.693   -9.017  9.837   1.00 13.94 ? 147  LYS A CA  1 
ATOM   1227 C C   . LYS A 1 147 ? 3.192   -9.274  9.670   1.00 14.08 ? 147  LYS A C   1 
ATOM   1228 O O   . LYS A 1 147 ? 2.789   -10.419 9.478   1.00 13.40 ? 147  LYS A O   1 
ATOM   1229 C CB  . LYS A 1 147 ? 5.053   -9.003  11.333  1.00 16.82 ? 147  LYS A CB  1 
ATOM   1230 C CG  . LYS A 1 147 ? 6.532   -9.215  11.623  1.00 21.47 ? 147  LYS A CG  1 
ATOM   1231 C CD  . LYS A 1 147 ? 6.806   -9.064  13.125  1.00 21.74 ? 147  LYS A CD  1 
ATOM   1232 C CE  . LYS A 1 147 ? 8.289   -9.141  13.430  1.00 25.17 ? 147  LYS A CE  1 
ATOM   1233 N NZ  . LYS A 1 147 ? 8.825   -10.509 13.205  0.00 24.13 ? 147  LYS A NZ  1 
ATOM   1234 N N   . ARG A 1 148 ? 2.366   -8.229  9.768   1.00 12.57 ? 148  ARG A N   1 
ATOM   1235 C CA  . ARG A 1 148 ? 0.923   -8.408  9.594   1.00 13.80 ? 148  ARG A CA  1 
ATOM   1236 C C   . ARG A 1 148 ? 0.602   -8.827  8.181   1.00 13.07 ? 148  ARG A C   1 
ATOM   1237 O O   . ARG A 1 148 ? -0.193  -9.739  7.965   1.00 13.06 ? 148  ARG A O   1 
ATOM   1238 C CB  . ARG A 1 148 ? 0.164   -7.125  9.895   1.00 13.29 ? 148  ARG A CB  1 
ATOM   1239 C CG  . ARG A 1 148 ? 0.093   -6.780  11.375  1.00 13.01 ? 148  ARG A CG  1 
ATOM   1240 C CD  . ARG A 1 148 ? -0.926  -5.658  11.633  1.00 13.37 ? 148  ARG A CD  1 
ATOM   1241 N NE  . ARG A 1 148 ? -0.548  -4.340  11.121  1.00 15.28 ? 148  ARG A NE  1 
ATOM   1242 C CZ  . ARG A 1 148 ? 0.252   -3.480  11.758  1.00 16.15 ? 148  ARG A CZ  1 
ATOM   1243 N NH1 . ARG A 1 148 ? 0.780   -3.784  12.946  1.00 15.85 ? 148  ARG A NH1 1 
ATOM   1244 N NH2 . ARG A 1 148 ? 0.512   -2.309  11.212  1.00 15.88 ? 148  ARG A NH2 1 
ATOM   1245 N N   . VAL A 1 149 ? 1.219   -8.173  7.207   1.00 12.87 ? 149  VAL A N   1 
ATOM   1246 C CA  . VAL A 1 149 ? 0.930   -8.490  5.804   1.00 12.66 ? 149  VAL A CA  1 
ATOM   1247 C C   . VAL A 1 149 ? 1.424   -9.904  5.462   1.00 14.18 ? 149  VAL A C   1 
ATOM   1248 O O   . VAL A 1 149 ? 0.726   -10.671 4.779   1.00 13.61 ? 149  VAL A O   1 
ATOM   1249 C CB  . VAL A 1 149 ? 1.583   -7.433  4.876   1.00 11.29 ? 149  VAL A CB  1 
ATOM   1250 C CG1 . VAL A 1 149 ? 1.414   -7.846  3.397   1.00 13.55 ? 149  VAL A CG1 1 
ATOM   1251 C CG2 . VAL A 1 149 ? 0.925   -6.061  5.140   1.00 11.70 ? 149  VAL A CG2 1 
ATOM   1252 N N   . ILE A 1 150 ? 2.608   -10.258 5.954   1.00 14.47 ? 150  ILE A N   1 
ATOM   1253 C CA  . ILE A 1 150 ? 3.154   -11.585 5.709   1.00 13.93 ? 150  ILE A CA  1 
ATOM   1254 C C   . ILE A 1 150 ? 2.273   -12.660 6.334   1.00 14.73 ? 150  ILE A C   1 
ATOM   1255 O O   . ILE A 1 150 ? 2.052   -13.691 5.725   1.00 14.59 ? 150  ILE A O   1 
ATOM   1256 C CB  . ILE A 1 150 ? 4.582   -11.695 6.245   1.00 14.57 ? 150  ILE A CB  1 
ATOM   1257 C CG1 . ILE A 1 150 ? 5.498   -10.852 5.357   1.00 13.63 ? 150  ILE A CG1 1 
ATOM   1258 C CG2 . ILE A 1 150 ? 5.034   -13.151 6.244   1.00 14.40 ? 150  ILE A CG2 1 
ATOM   1259 C CD1 . ILE A 1 150 ? 6.935   -10.744 5.891   1.00 15.52 ? 150  ILE A CD1 1 
ATOM   1260 N N   . THR A 1 151 ? 1.778   -12.425 7.549   1.00 13.88 ? 151  THR A N   1 
ATOM   1261 C CA  . THR A 1 151 ? 0.904   -13.406 8.198   1.00 14.24 ? 151  THR A CA  1 
ATOM   1262 C C   . THR A 1 151 ? -0.349  -13.617 7.348   1.00 13.67 ? 151  THR A C   1 
ATOM   1263 O O   . THR A 1 151 ? -0.871  -14.749 7.262   1.00 13.94 ? 151  THR A O   1 
ATOM   1264 C CB  . THR A 1 151 ? 0.499   -12.938 9.591   1.00 13.51 ? 151  THR A CB  1 
ATOM   1265 O OG1 . THR A 1 151 ? 1.629   -13.080 10.452  1.00 16.50 ? 151  THR A OG1 1 
ATOM   1266 C CG2 . THR A 1 151 ? -0.679  -13.778 10.156  1.00 14.13 ? 151  THR A CG2 1 
ATOM   1267 N N   . THR A 1 152 ? -0.825  -12.541 6.724   1.00 11.89 ? 152  THR A N   1 
ATOM   1268 C CA  . THR A 1 152 ? -2.015  -12.612 5.876   1.00 12.77 ? 152  THR A CA  1 
ATOM   1269 C C   . THR A 1 152 ? -1.698  -13.478 4.644   1.00 14.33 ? 152  THR A C   1 
ATOM   1270 O O   . THR A 1 152 ? -2.499  -14.323 4.255   1.00 14.31 ? 152  THR A O   1 
ATOM   1271 C CB  . THR A 1 152 ? -2.493  -11.181 5.486   1.00 13.09 ? 152  THR A CB  1 
ATOM   1272 O OG1 . THR A 1 152 ? -2.650  -10.407 6.688   1.00 14.25 ? 152  THR A OG1 1 
ATOM   1273 C CG2 . THR A 1 152 ? -3.851  -11.226 4.767   1.00 12.82 ? 152  THR A CG2 1 
ATOM   1274 N N   . PHE A 1 153 ? -0.529  -13.276 4.044   1.00 14.27 ? 153  PHE A N   1 
ATOM   1275 C CA  . PHE A 1 153 ? -0.105  -14.098 2.894   1.00 13.45 ? 153  PHE A CA  1 
ATOM   1276 C C   . PHE A 1 153 ? 0.108   -15.548 3.325   1.00 16.17 ? 153  PHE A C   1 
ATOM   1277 O O   . PHE A 1 153 ? -0.175  -16.477 2.571   1.00 16.50 ? 153  PHE A O   1 
ATOM   1278 C CB  . PHE A 1 153 ? 1.241   -13.614 2.336   1.00 13.39 ? 153  PHE A CB  1 
ATOM   1279 C CG  . PHE A 1 153 ? 1.155   -12.483 1.333   1.00 13.92 ? 153  PHE A CG  1 
ATOM   1280 C CD1 . PHE A 1 153 ? 1.941   -11.352 1.505   1.00 14.96 ? 153  PHE A CD1 1 
ATOM   1281 C CD2 . PHE A 1 153 ? 0.373   -12.580 0.178   1.00 13.81 ? 153  PHE A CD2 1 
ATOM   1282 C CE1 . PHE A 1 153 ? 1.960   -10.336 0.548   1.00 15.10 ? 153  PHE A CE1 1 
ATOM   1283 C CE2 . PHE A 1 153 ? 0.390   -11.565 -0.784  1.00 15.24 ? 153  PHE A CE2 1 
ATOM   1284 C CZ  . PHE A 1 153 ? 1.180   -10.451 -0.600  1.00 15.47 ? 153  PHE A CZ  1 
ATOM   1285 N N   . ARG A 1 154 ? 0.628   -15.763 4.528   1.00 15.41 ? 154  ARG A N   1 
ATOM   1286 C CA  . ARG A 1 154 ? 0.911   -17.122 4.985   1.00 15.18 ? 154  ARG A CA  1 
ATOM   1287 C C   . ARG A 1 154 ? -0.335  -17.955 5.290   1.00 14.95 ? 154  ARG A C   1 
ATOM   1288 O O   . ARG A 1 154 ? -0.395  -19.154 4.950   1.00 14.85 ? 154  ARG A O   1 
ATOM   1289 C CB  . ARG A 1 154 ? 1.785   -17.087 6.243   1.00 15.97 ? 154  ARG A CB  1 
ATOM   1290 C CG  . ARG A 1 154 ? 2.243   -18.475 6.736   1.00 19.30 ? 154  ARG A CG  1 
ATOM   1291 C CD  . ARG A 1 154 ? 3.111   -18.408 8.010   1.00 21.03 ? 154  ARG A CD  1 
ATOM   1292 N NE  . ARG A 1 154 ? 2.480   -17.716 9.140   1.00 25.73 ? 154  ARG A NE  1 
ATOM   1293 C CZ  . ARG A 1 154 ? 1.621   -18.263 10.012  1.00 29.09 ? 154  ARG A CZ  1 
ATOM   1294 N NH1 . ARG A 1 154 ? 1.261   -19.540 9.910   1.00 30.47 ? 154  ARG A NH1 1 
ATOM   1295 N NH2 . ARG A 1 154 ? 1.119   -17.524 11.005  1.00 29.70 ? 154  ARG A NH2 1 
ATOM   1296 N N   . THR A 1 155 ? -1.342  -17.288 5.896   1.00 14.47 ? 155  THR A N   1 
ATOM   1297 C CA  . THR A 1 155 ? -2.541  -17.992 6.369   1.00 16.16 ? 155  THR A CA  1 
ATOM   1298 C C   . THR A 1 155 ? -3.823  -17.830 5.559   1.00 15.49 ? 155  THR A C   1 
ATOM   1299 O O   . THR A 1 155 ? -4.679  -18.711 5.595   1.00 16.99 ? 155  THR A O   1 
ATOM   1300 C CB  . THR A 1 155 ? -2.892  -17.572 7.798   1.00 15.91 ? 155  THR A CB  1 
ATOM   1301 O OG1 . THR A 1 155 ? -3.232  -16.173 7.799   1.00 15.58 ? 155  THR A OG1 1 
ATOM   1302 C CG2 . THR A 1 155 ? -1.719  -17.832 8.726   1.00 17.99 ? 155  THR A CG2 1 
ATOM   1303 N N   . GLY A 1 156 ? -3.961  -16.739 4.837   1.00 14.93 ? 156  GLY A N   1 
ATOM   1304 C CA  . GLY A 1 156 ? -5.203  -16.537 4.118   1.00 14.92 ? 156  GLY A CA  1 
ATOM   1305 C C   . GLY A 1 156 ? -6.310  -16.169 5.100   1.00 15.61 ? 156  GLY A C   1 
ATOM   1306 O O   . GLY A 1 156 ? -7.498  -16.317 4.791   1.00 16.03 ? 156  GLY A O   1 
ATOM   1307 N N   . THR A 1 157 ? -5.931  -15.701 6.290   1.00 14.60 ? 157  THR A N   1 
ATOM   1308 C CA  . THR A 1 157 ? -6.902  -15.280 7.291   1.00 14.49 ? 157  THR A CA  1 
ATOM   1309 C C   . THR A 1 157 ? -6.577  -13.850 7.706   1.00 15.06 ? 157  THR A C   1 
ATOM   1310 O O   . THR A 1 157 ? -5.541  -13.305 7.328   1.00 15.95 ? 157  THR A O   1 
ATOM   1311 C CB  . THR A 1 157 ? -6.848  -16.115 8.595   1.00 16.40 ? 157  THR A CB  1 
ATOM   1312 O OG1 . THR A 1 157 ? -5.661  -15.780 9.335   1.00 17.15 ? 157  THR A OG1 1 
ATOM   1313 C CG2 . THR A 1 157 ? -6.860  -17.600 8.296   1.00 18.14 ? 157  THR A CG2 1 
ATOM   1314 N N   . TRP A 1 158 ? -7.463  -13.265 8.504   1.00 15.52 ? 158  TRP A N   1 
ATOM   1315 C CA  . TRP A 1 158 ? -7.282  -11.899 8.995   1.00 15.43 ? 158  TRP A CA  1 
ATOM   1316 C C   . TRP A 1 158 ? -6.783  -11.891 10.428  1.00 16.68 ? 158  TRP A C   1 
ATOM   1317 O O   . TRP A 1 158 ? -6.951  -10.888 11.143  1.00 16.66 ? 158  TRP A O   1 
ATOM   1318 C CB  . TRP A 1 158 ? -8.618  -11.168 8.956   1.00 15.04 ? 158  TRP A CB  1 
ATOM   1319 C CG  . TRP A 1 158 ? -9.084  -10.899 7.595   1.00 15.81 ? 158  TRP A CG  1 
ATOM   1320 C CD1 . TRP A 1 158 ? -10.175 -11.438 6.958   1.00 14.35 ? 158  TRP A CD1 1 
ATOM   1321 C CD2 . TRP A 1 158 ? -8.521  -9.949  6.696   1.00 15.22 ? 158  TRP A CD2 1 
ATOM   1322 N NE1 . TRP A 1 158 ? -10.323 -10.868 5.715   1.00 16.38 ? 158  TRP A NE1 1 
ATOM   1323 C CE2 . TRP A 1 158 ? -9.319  -9.944  5.529   1.00 14.06 ? 158  TRP A CE2 1 
ATOM   1324 C CE3 . TRP A 1 158 ? -7.415  -9.092  6.764   1.00 15.04 ? 158  TRP A CE3 1 
ATOM   1325 C CZ2 . TRP A 1 158 ? -9.048  -9.109  4.440   1.00 16.00 ? 158  TRP A CZ2 1 
ATOM   1326 C CZ3 . TRP A 1 158 ? -7.147  -8.259  5.677   1.00 15.80 ? 158  TRP A CZ3 1 
ATOM   1327 C CH2 . TRP A 1 158 ? -7.962  -8.273  4.533   1.00 17.35 ? 158  TRP A CH2 1 
ATOM   1328 N N   . ASP A 1 159 ? -6.189  -12.995 10.868  1.00 17.56 ? 159  ASP A N   1 
ATOM   1329 C CA  . ASP A 1 159 ? -5.723  -13.077 12.253  1.00 18.14 ? 159  ASP A CA  1 
ATOM   1330 C C   . ASP A 1 159 ? -4.818  -11.931 12.702  1.00 17.69 ? 159  ASP A C   1 
ATOM   1331 O O   . ASP A 1 159 ? -4.870  -11.521 13.870  1.00 18.54 ? 159  ASP A O   1 
ATOM   1332 C CB  . ASP A 1 159 ? -4.991  -14.396 12.515  1.00 20.28 ? 159  ASP A CB  1 
ATOM   1333 C CG  . ASP A 1 159 ? -5.900  -15.618 12.449  1.00 24.96 ? 159  ASP A CG  1 
ATOM   1334 O OD1 . ASP A 1 159 ? -7.136  -15.476 12.357  1.00 26.83 ? 159  ASP A OD1 1 
ATOM   1335 O OD2 . ASP A 1 159 ? -5.346  -16.736 12.501  1.00 30.42 ? 159  ASP A OD2 1 
ATOM   1336 N N   . ALA A 1 160 ? -3.987  -11.403 11.803  1.00 15.59 ? 160  ALA A N   1 
ATOM   1337 C CA  . ALA A 1 160 ? -3.088  -10.322 12.215  1.00 15.21 ? 160  ALA A CA  1 
ATOM   1338 C C   . ALA A 1 160 ? -3.760  -8.965  12.364  1.00 16.71 ? 160  ALA A C   1 
ATOM   1339 O O   . ALA A 1 160 ? -3.124  -8.034  12.862  1.00 17.69 ? 160  ALA A O   1 
ATOM   1340 C CB  . ALA A 1 160 ? -1.916  -10.202 11.235  1.00 15.18 ? 160  ALA A CB  1 
ATOM   1341 N N   . TYR A 1 161 ? -5.024  -8.844  11.964  1.00 17.34 ? 161  TYR A N   1 
ATOM   1342 C CA  . TYR A 1 161 ? -5.723  -7.565  12.059  1.00 19.18 ? 161  TYR A CA  1 
ATOM   1343 C C   . TYR A 1 161 ? -6.927  -7.611  13.014  1.00 23.92 ? 161  TYR A C   1 
ATOM   1344 O O   . TYR A 1 161 ? -7.523  -6.582  13.327  1.00 23.36 ? 161  TYR A O   1 
ATOM   1345 C CB  . TYR A 1 161 ? -6.174  -7.096  10.664  1.00 17.81 ? 161  TYR A CB  1 
ATOM   1346 C CG  . TYR A 1 161 ? -5.043  -6.681  9.733   1.00 15.24 ? 161  TYR A CG  1 
ATOM   1347 C CD1 . TYR A 1 161 ? -4.350  -7.631  8.977   1.00 15.05 ? 161  TYR A CD1 1 
ATOM   1348 C CD2 . TYR A 1 161 ? -4.612  -5.346  9.666   1.00 14.61 ? 161  TYR A CD2 1 
ATOM   1349 C CE1 . TYR A 1 161 ? -3.266  -7.283  8.189   1.00 15.16 ? 161  TYR A CE1 1 
ATOM   1350 C CE2 . TYR A 1 161 ? -3.521  -4.987  8.883   1.00 13.70 ? 161  TYR A CE2 1 
ATOM   1351 C CZ  . TYR A 1 161 ? -2.852  -5.958  8.149   1.00 15.47 ? 161  TYR A CZ  1 
ATOM   1352 O OH  . TYR A 1 161 ? -1.782  -5.642  7.368   1.00 15.66 ? 161  TYR A OH  1 
ATOM   1353 N N   . LYS A 1 162 ? -7.268  -8.810  13.469  1.00 29.72 ? 162  LYS A N   1 
ATOM   1354 C CA  . LYS A 1 162 ? -8.382  -9.025  14.394  1.00 33.93 ? 162  LYS A CA  1 
ATOM   1355 C C   . LYS A 1 162 ? -9.553  -8.083  14.134  1.00 35.70 ? 162  LYS A C   1 
ATOM   1356 O O   . LYS A 1 162 ? -10.318 -7.754  15.050  1.00 37.01 ? 162  LYS A O   1 
ATOM   1357 C CB  . LYS A 1 162 ? -7.906  -8.869  15.844  1.00 35.27 ? 162  LYS A CB  1 
ATOM   1358 C CG  . LYS A 1 162 ? -7.669  -7.438  16.278  1.00 39.27 ? 162  LYS A CG  1 
ATOM   1359 C CD  . LYS A 1 162 ? -7.248  -7.365  17.735  1.00 41.90 ? 162  LYS A CD  1 
ATOM   1360 C CE  . LYS A 1 162 ? -7.351  -5.940  18.241  1.00 43.39 ? 162  LYS A CE  1 
ATOM   1361 N NZ  . LYS A 1 162 ? -6.523  -5.011  17.426  1.00 45.03 ? 162  LYS A NZ  1 
HETATM 1362 P P   . PO4 B 2 .   ? 6.329   13.153  10.651  1.00 17.51 ? 608  PO4 A P   1 
HETATM 1363 O O1  . PO4 B 2 .   ? 5.552   11.883  10.384  1.00 18.15 ? 608  PO4 A O1  1 
HETATM 1364 O O2  . PO4 B 2 .   ? 6.314   13.419  12.146  1.00 18.85 ? 608  PO4 A O2  1 
HETATM 1365 O O3  . PO4 B 2 .   ? 7.733   12.997  10.194  1.00 16.45 ? 608  PO4 A O3  1 
HETATM 1366 O O4  . PO4 B 2 .   ? 5.680   14.303  9.911   1.00 18.22 ? 608  PO4 A O4  1 
HETATM 1367 C C1  A CAQ C 3 .   ? 0.540   -9.113  -6.797  0.50 18.61 ? 606  CAQ A C1  1 
HETATM 1368 C C1  B CAQ C 3 .   ? 0.742   -10.879 -6.021  0.50 18.42 ? 606  CAQ A C1  1 
HETATM 1369 C C2  A CAQ C 3 .   ? 1.257   -8.042  -6.198  0.50 19.67 ? 606  CAQ A C2  1 
HETATM 1370 C C2  B CAQ C 3 .   ? 0.677   -9.540  -6.523  0.50 18.54 ? 606  CAQ A C2  1 
HETATM 1371 C C3  A CAQ C 3 .   ? 1.870   -8.236  -4.926  0.50 19.16 ? 606  CAQ A C3  1 
HETATM 1372 C C3  B CAQ C 3 .   ? 1.357   -8.492  -5.842  0.50 19.98 ? 606  CAQ A C3  1 
HETATM 1373 O O3  A CAQ C 3 .   ? 2.339   -7.168  -4.217  0.50 21.37 ? 606  CAQ A O3  1 
HETATM 1374 O O3  B CAQ C 3 .   ? 1.250   -7.192  -6.275  0.50 20.07 ? 606  CAQ A O3  1 
HETATM 1375 C C4  A CAQ C 3 .   ? 1.978   -9.548  -4.385  0.50 17.04 ? 606  CAQ A C4  1 
HETATM 1376 C C4  B CAQ C 3 .   ? 2.146   -8.797  -4.696  0.50 18.50 ? 606  CAQ A C4  1 
HETATM 1377 O O4  A CAQ C 3 .   ? 2.677   -9.746  -3.237  0.50 18.37 ? 606  CAQ A O4  1 
HETATM 1378 O O4  B CAQ C 3 .   ? 2.875   -7.813  -4.103  0.50 19.21 ? 606  CAQ A O4  1 
HETATM 1379 C C5  A CAQ C 3 .   ? 1.349   -10.645 -5.037  0.50 18.04 ? 606  CAQ A C5  1 
HETATM 1380 C C5  B CAQ C 3 .   ? 2.181   -10.119 -4.170  0.50 17.94 ? 606  CAQ A C5  1 
HETATM 1381 C C6  A CAQ C 3 .   ? 0.639   -10.429 -6.253  0.50 17.96 ? 606  CAQ A C6  1 
HETATM 1382 C C6  B CAQ C 3 .   ? 1.445   -11.161 -4.807  0.50 16.92 ? 606  CAQ A C6  1 
HETATM 1383 C C1  . BME D 4 .   ? -10.819 -2.427  -4.281  1.00 65.39 ? 610  BME A C1  1 
HETATM 1384 C C2  . BME D 4 .   ? -10.666 -1.575  -5.525  1.00 65.67 ? 610  BME A C2  1 
HETATM 1385 O O1  . BME D 4 .   ? -10.258 -3.568  -4.365  1.00 65.48 ? 610  BME A O1  1 
HETATM 1386 S S2  . BME D 4 .   ? -11.969 -0.316  -5.647  1.00 67.97 ? 610  BME A S2  1 
HETATM 1387 O O   . HOH E 5 .   ? -5.044  7.316   0.372   1.00 14.56 ? 1000 HOH A O   1 
HETATM 1388 O O   . HOH E 5 .   ? -7.306  12.999  -7.352  1.00 13.72 ? 1001 HOH A O   1 
HETATM 1389 O O   . HOH E 5 .   ? 5.764   -1.247  10.658  1.00 15.57 ? 1002 HOH A O   1 
HETATM 1390 O O   . HOH E 5 .   ? -1.418  -18.625 -5.238  1.00 15.03 ? 1003 HOH A O   1 
HETATM 1391 O O   . HOH E 5 .   ? -7.192  18.707  -10.652 1.00 13.82 ? 1004 HOH A O   1 
HETATM 1392 O O   . HOH E 5 .   ? 3.014   -7.104  13.752  1.00 16.71 ? 1005 HOH A O   1 
HETATM 1393 O O   . HOH E 5 .   ? -5.109  -19.555 -2.137  1.00 17.28 ? 1006 HOH A O   1 
HETATM 1394 O O   . HOH E 5 .   ? 3.059   6.583   8.747   1.00 32.83 ? 1007 HOH A O   1 
HETATM 1395 O O   . HOH E 5 .   ? 11.351  19.810  3.682   1.00 17.69 ? 1008 HOH A O   1 
HETATM 1396 O O   . HOH E 5 .   ? -11.065 13.175  -7.859  1.00 13.92 ? 1009 HOH A O   1 
HETATM 1397 O O   . HOH E 5 .   ? 13.755  -4.104  11.829  1.00 15.50 ? 1010 HOH A O   1 
HETATM 1398 O O   . HOH E 5 .   ? -10.200 -16.713 5.341   1.00 21.18 ? 1011 HOH A O   1 
HETATM 1399 O O   . HOH E 5 .   ? 0.573   -6.049  14.740  1.00 19.81 ? 1012 HOH A O   1 
HETATM 1400 O O   . HOH E 5 .   ? -14.822 1.856   -2.524  1.00 18.08 ? 1013 HOH A O   1 
HETATM 1401 O O   . HOH E 5 .   ? 3.188   7.693   1.905   1.00 16.85 ? 1014 HOH A O   1 
HETATM 1402 O O   . HOH E 5 .   ? 12.781  7.511   7.172   1.00 18.20 ? 1015 HOH A O   1 
HETATM 1403 O O   . HOH E 5 .   ? -6.191  9.513   1.798   1.00 14.98 ? 1016 HOH A O   1 
HETATM 1404 O O   . HOH E 5 .   ? -4.476  -20.728 -7.904  1.00 18.10 ? 1017 HOH A O   1 
HETATM 1405 O O   . HOH E 5 .   ? 4.557   -12.749 10.040  1.00 19.61 ? 1018 HOH A O   1 
HETATM 1406 O O   . HOH E 5 .   ? 12.969  -14.826 6.919   1.00 18.54 ? 1019 HOH A O   1 
HETATM 1407 O O   . HOH E 5 .   ? 2.016   6.449   4.189   1.00 19.27 ? 1020 HOH A O   1 
HETATM 1408 O O   . HOH E 5 .   ? 1.208   -23.100 5.438   1.00 17.34 ? 1021 HOH A O   1 
HETATM 1409 O O   . HOH E 5 .   ? 8.303   -14.514 7.858   1.00 18.76 ? 1022 HOH A O   1 
HETATM 1410 O O   . HOH E 5 .   ? -8.300  23.375  3.568   1.00 19.14 ? 1023 HOH A O   1 
HETATM 1411 O O   . HOH E 5 .   ? 2.563   -3.806  2.825   1.00 15.57 ? 1024 HOH A O   1 
HETATM 1412 O O   . HOH E 5 .   ? 8.607   10.717  9.140   1.00 18.00 ? 1025 HOH A O   1 
HETATM 1413 O O   . HOH E 5 .   ? -1.161  -21.686 5.599   1.00 18.54 ? 1026 HOH A O   1 
HETATM 1414 O O   . HOH E 5 .   ? -10.300 14.562  -5.597  1.00 21.10 ? 1027 HOH A O   1 
HETATM 1415 O O   . HOH E 5 .   ? -15.710 -1.690  6.008   1.00 18.48 ? 1028 HOH A O   1 
HETATM 1416 O O   . HOH E 5 .   ? -1.705  -21.268 -8.103  1.00 18.93 ? 1029 HOH A O   1 
HETATM 1417 O O   . HOH E 5 .   ? -15.425 -6.020  7.570   1.00 23.81 ? 1030 HOH A O   1 
HETATM 1418 O O   . HOH E 5 .   ? -10.015 -14.633 8.955   1.00 18.82 ? 1031 HOH A O   1 
HETATM 1419 O O   . HOH E 5 .   ? 1.824   -26.044 -0.755  1.00 16.90 ? 1032 HOH A O   1 
HETATM 1420 O O   . HOH E 5 .   ? -16.382 -6.137  5.013   1.00 21.06 ? 1033 HOH A O   1 
HETATM 1421 O O   . HOH E 5 .   ? 11.853  -19.640 1.709   1.00 18.22 ? 1034 HOH A O   1 
HETATM 1422 O O   . HOH E 5 .   ? 10.262  15.088  2.186   1.00 24.98 ? 1035 HOH A O   1 
HETATM 1423 O O   . HOH E 5 .   ? 2.366   25.276  -3.300  1.00 24.97 ? 1036 HOH A O   1 
HETATM 1424 O O   . HOH E 5 .   ? -8.351  -17.304 2.236   1.00 18.87 ? 1037 HOH A O   1 
HETATM 1425 O O   . HOH E 5 .   ? 1.661   0.466   9.996   1.00 22.32 ? 1038 HOH A O   1 
HETATM 1426 O O   . HOH E 5 .   ? -15.357 10.489  0.411   1.00 18.27 ? 1039 HOH A O   1 
HETATM 1427 O O   . HOH E 5 .   ? -6.648  22.748  -7.684  1.00 25.11 ? 1040 HOH A O   1 
HETATM 1428 O O   . HOH E 5 .   ? -6.000  9.823   -5.371  1.00 18.48 ? 1041 HOH A O   1 
HETATM 1429 O O   . HOH E 5 .   ? 8.377   14.362  0.125   1.00 19.20 ? 1042 HOH A O   1 
HETATM 1430 O O   . HOH E 5 .   ? -9.781  -0.321  10.159  1.00 21.56 ? 1043 HOH A O   1 
HETATM 1431 O O   . HOH E 5 .   ? -16.436 9.202   2.536   1.00 23.77 ? 1044 HOH A O   1 
HETATM 1432 O O   . HOH E 5 .   ? -1.046  -8.223  14.701  1.00 22.20 ? 1045 HOH A O   1 
HETATM 1433 O O   . HOH E 5 .   ? 6.799   -19.133 7.528   1.00 22.13 ? 1046 HOH A O   1 
HETATM 1434 O O   . HOH E 5 .   ? -2.069  22.498  -0.103  1.00 16.69 ? 1047 HOH A O   1 
HETATM 1435 O O   . HOH E 5 .   ? 1.308   -11.963 12.804  1.00 26.96 ? 1048 HOH A O   1 
HETATM 1436 O O   . HOH E 5 .   ? -13.527 18.743  -1.960  1.00 21.72 ? 1049 HOH A O   1 
HETATM 1437 O O   . HOH E 5 .   ? 2.226   3.809   2.404   1.00 20.95 ? 1050 HOH A O   1 
HETATM 1438 O O   . HOH E 5 .   ? 3.931   1.450   7.075   1.00 24.67 ? 1051 HOH A O   1 
HETATM 1439 O O   . HOH E 5 .   ? -12.604 5.287   1.063   1.00 25.65 ? 1052 HOH A O   1 
HETATM 1440 O O   . HOH E 5 .   ? -13.228 16.254  8.535   1.00 22.72 ? 1053 HOH A O   1 
HETATM 1441 O O   . HOH E 5 .   ? 10.172  22.667  2.213   1.00 28.31 ? 1054 HOH A O   1 
HETATM 1442 O O   . HOH E 5 .   ? -15.378 15.306  6.161   1.00 26.14 ? 1055 HOH A O   1 
HETATM 1443 O O   . HOH E 5 .   ? 8.719   -12.336 11.316  1.00 23.84 ? 1056 HOH A O   1 
HETATM 1444 O O   . HOH E 5 .   ? 2.957   1.616   -8.536  1.00 27.30 ? 1057 HOH A O   1 
HETATM 1445 O O   . HOH E 5 .   ? -15.161 18.024  2.574   1.00 24.95 ? 1058 HOH A O   1 
HETATM 1446 O O   . HOH E 5 .   ? 12.241  14.104  5.183   1.00 27.13 ? 1059 HOH A O   1 
HETATM 1447 O O   . HOH E 5 .   ? -4.895  -20.849 7.590   1.00 23.47 ? 1060 HOH A O   1 
HETATM 1448 O O   . HOH E 5 .   ? -3.086  -17.112 -12.353 1.00 24.03 ? 1061 HOH A O   1 
HETATM 1449 O O   . HOH E 5 .   ? -9.392  19.197  8.452   1.00 25.27 ? 1062 HOH A O   1 
HETATM 1450 O O   . HOH E 5 .   ? 6.519   5.901   0.761   1.00 26.21 ? 1063 HOH A O   1 
HETATM 1451 O O   . HOH E 5 .   ? -2.993  25.551  -5.853  1.00 24.83 ? 1064 HOH A O   1 
HETATM 1452 O O   . HOH E 5 .   ? 3.945   -15.398 8.959   1.00 24.14 ? 1065 HOH A O   1 
HETATM 1453 O O   . HOH E 5 .   ? 3.760   -25.947 -4.821  1.00 25.73 ? 1066 HOH A O   1 
HETATM 1454 O O   . HOH E 5 .   ? -4.064  -14.108 -14.900 1.00 40.98 ? 1067 HOH A O   1 
HETATM 1455 O O   . HOH E 5 .   ? 13.823  -17.978 1.080   1.00 26.16 ? 1068 HOH A O   1 
HETATM 1456 O O   . HOH E 5 .   ? -2.180  25.452  -0.981  1.00 32.14 ? 1069 HOH A O   1 
HETATM 1457 O O   . HOH E 5 .   ? -13.218 8.150   -4.239  1.00 26.24 ? 1070 HOH A O   1 
HETATM 1458 O O   . HOH E 5 .   ? -3.848  7.770   12.469  1.00 25.53 ? 1071 HOH A O   1 
HETATM 1459 O O   . HOH E 5 .   ? -14.176 2.530   -6.798  1.00 28.37 ? 1072 HOH A O   1 
HETATM 1460 O O   . HOH E 5 .   ? 4.947   -13.701 -12.472 1.00 34.22 ? 1073 HOH A O   1 
HETATM 1461 O O   . HOH E 5 .   ? -0.195  -25.515 -5.328  1.00 34.05 ? 1074 HOH A O   1 
HETATM 1462 O O   . HOH E 5 .   ? 11.280  -12.921 10.416  1.00 38.29 ? 1075 HOH A O   1 
HETATM 1463 O O   . HOH E 5 .   ? -18.259 15.896  1.634   1.00 33.09 ? 1076 HOH A O   1 
HETATM 1464 O O   . HOH E 5 .   ? -12.089 21.385  -8.676  1.00 26.85 ? 1077 HOH A O   1 
HETATM 1465 O O   . HOH E 5 .   ? 0.885   -1.674  -14.060 1.00 28.73 ? 1078 HOH A O   1 
HETATM 1466 O O   . HOH E 5 .   ? -10.282 25.729  -0.459  1.00 30.44 ? 1079 HOH A O   1 
HETATM 1467 O O   . HOH E 5 .   ? -9.648  27.074  -4.008  1.00 32.85 ? 1080 HOH A O   1 
HETATM 1468 O O   . HOH E 5 .   ? -0.620  15.386  10.134  1.00 27.41 ? 1081 HOH A O   1 
HETATM 1469 O O   . HOH E 5 .   ? -19.707 12.595  1.973   1.00 33.39 ? 1082 HOH A O   1 
HETATM 1470 O O   . HOH E 5 .   ? -16.447 10.359  6.294   1.00 37.49 ? 1083 HOH A O   1 
HETATM 1471 O O   . HOH E 5 .   ? 2.361   9.484   10.454  1.00 26.02 ? 1084 HOH A O   1 
HETATM 1472 O O   . HOH E 5 .   ? 11.600  19.365  6.335   1.00 27.80 ? 1085 HOH A O   1 
HETATM 1473 O O   . HOH E 5 .   ? 1.438   16.884  10.500  1.00 33.69 ? 1086 HOH A O   1 
HETATM 1474 O O   . HOH E 5 .   ? -0.445  -0.750  -8.724  1.00 34.91 ? 1087 HOH A O   1 
HETATM 1475 O O   . HOH E 5 .   ? -0.317  25.254  -3.864  1.00 29.75 ? 1088 HOH A O   1 
HETATM 1476 O O   . HOH E 5 .   ? 8.073   20.491  6.398   1.00 32.89 ? 1089 HOH A O   1 
HETATM 1477 O O   . HOH E 5 .   ? -12.050 5.874   7.145   1.00 35.91 ? 1090 HOH A O   1 
HETATM 1478 O O   . HOH E 5 .   ? 6.938   -24.656 8.079   1.00 29.32 ? 1091 HOH A O   1 
HETATM 1479 O O   . HOH E 5 .   ? -3.821  -11.786 8.951   1.00 15.65 ? 1092 HOH A O   1 
HETATM 1480 O O   . HOH E 5 .   ? -11.915 1.346   9.342   1.00 23.16 ? 1093 HOH A O   1 
HETATM 1481 O O   . HOH E 5 .   ? 10.808  -15.030 8.843   1.00 23.21 ? 1094 HOH A O   1 
HETATM 1482 O O   . HOH E 5 .   ? 6.657   -16.473 8.710   1.00 21.11 ? 1095 HOH A O   1 
HETATM 1483 O O   . HOH E 5 .   ? -4.827  11.642  -7.035  1.00 21.68 ? 1096 HOH A O   1 
HETATM 1484 O O   . HOH E 5 .   ? -13.748 16.151  -2.818  1.00 24.14 ? 1097 HOH A O   1 
HETATM 1485 O O   . HOH E 5 .   ? -13.674 20.761  1.614   1.00 23.76 ? 1098 HOH A O   1 
HETATM 1486 O O   . HOH E 5 .   ? 16.475  -4.318  10.958  1.00 20.38 ? 1099 HOH A O   1 
HETATM 1487 O O   . HOH E 5 .   ? 4.905   3.811   2.386   1.00 25.09 ? 1100 HOH A O   1 
HETATM 1488 O O   . HOH E 5 .   ? 11.944  -21.491 4.027   1.00 26.91 ? 1101 HOH A O   1 
HETATM 1489 O O   . HOH E 5 .   ? -18.423 -2.387  5.731   1.00 22.33 ? 1102 HOH A O   1 
HETATM 1490 O O   . HOH E 5 .   ? 12.627  -12.254 -4.738  1.00 24.23 ? 1103 HOH A O   1 
HETATM 1491 O O   . HOH E 5 .   ? 1.096   19.926  8.223   1.00 23.39 ? 1104 HOH A O   1 
HETATM 1492 O O   . HOH E 5 .   ? -18.920 10.135  3.147   1.00 25.99 ? 1105 HOH A O   1 
HETATM 1493 O O   . HOH E 5 .   ? -11.400 6.119   9.707   1.00 30.38 ? 1106 HOH A O   1 
HETATM 1494 O O   . HOH E 5 .   ? -11.812 -0.586  -10.655 1.00 31.98 ? 1107 HOH A O   1 
HETATM 1495 O O   . HOH E 5 .   ? -8.970  1.495   12.254  1.00 34.21 ? 1108 HOH A O   1 
HETATM 1496 O O   . HOH E 5 .   ? -10.240 21.892  7.760   1.00 23.73 ? 1109 HOH A O   1 
HETATM 1497 O O   . HOH E 5 .   ? 9.394   1.562   -3.012  1.00 30.98 ? 1110 HOH A O   1 
HETATM 1498 O O   . HOH E 5 .   ? -6.321  -2.822  -14.957 1.00 28.76 ? 1111 HOH A O   1 
HETATM 1499 O O   . HOH E 5 .   ? -7.260  -17.654 -11.359 1.00 30.01 ? 1112 HOH A O   1 
HETATM 1500 O O   . HOH E 5 .   ? -13.473 9.696   -6.546  1.00 23.04 ? 1113 HOH A O   1 
HETATM 1501 O O   . HOH E 5 .   ? 2.135   -1.739  15.152  1.00 38.49 ? 1114 HOH A O   1 
HETATM 1502 O O   . HOH E 5 .   ? -10.121 21.794  4.993   1.00 25.77 ? 1115 HOH A O   1 
HETATM 1503 O O   . HOH E 5 .   ? 4.756   -7.078  15.687  1.00 24.93 ? 1116 HOH A O   1 
HETATM 1504 O O   . HOH E 5 .   ? -0.526  7.104   -2.476  1.00 26.27 ? 1117 HOH A O   1 
HETATM 1505 O O   . HOH E 5 .   ? -0.894  21.389  7.183   1.00 31.26 ? 1118 HOH A O   1 
HETATM 1506 O O   . HOH E 5 .   ? 5.639   2.863   4.779   1.00 28.20 ? 1119 HOH A O   1 
HETATM 1507 O O   . HOH E 5 .   ? -1.659  -17.854 -14.739 1.00 35.84 ? 1120 HOH A O   1 
HETATM 1508 O O   . HOH E 5 .   ? -1.049  -12.735 13.876  1.00 31.44 ? 1121 HOH A O   1 
HETATM 1509 O O   . HOH E 5 .   ? 16.376  -9.445  6.587   1.00 27.73 ? 1122 HOH A O   1 
HETATM 1510 O O   . HOH E 5 .   ? 3.938   5.944   6.370   1.00 33.04 ? 1123 HOH A O   1 
HETATM 1511 O O   . HOH E 5 .   ? 0.748   13.679  -6.326  1.00 27.24 ? 1124 HOH A O   1 
HETATM 1512 O O   . HOH E 5 .   ? -2.126  8.668   8.294   1.00 24.13 ? 1125 HOH A O   1 
HETATM 1513 O O   . HOH E 5 .   ? 17.283  -8.208  10.114  1.00 34.50 ? 1126 HOH A O   1 
HETATM 1514 O O   . HOH E 5 .   ? 12.293  -21.526 -0.194  1.00 34.74 ? 1127 HOH A O   1 
HETATM 1515 O O   . HOH E 5 .   ? -5.197  7.410   -7.430  1.00 28.49 ? 1128 HOH A O   1 
HETATM 1516 O O   . HOH E 5 .   ? -3.639  3.223   12.474  1.00 30.48 ? 1129 HOH A O   1 
HETATM 1517 O O   . HOH E 5 .   ? -16.638 17.593  4.877   1.00 38.67 ? 1130 HOH A O   1 
HETATM 1518 O O   . HOH E 5 .   ? 7.868   -14.653 -10.090 1.00 33.28 ? 1131 HOH A O   1 
HETATM 1519 O O   . HOH E 5 .   ? 13.826  -9.211  -9.352  1.00 36.37 ? 1132 HOH A O   1 
HETATM 1520 O O   . HOH E 5 .   ? 13.667  7.127   2.798   1.00 34.59 ? 1133 HOH A O   1 
HETATM 1521 O O   . HOH E 5 .   ? 0.454   1.302   -7.665  1.00 35.55 ? 1134 HOH A O   1 
HETATM 1522 O O   . HOH E 5 .   ? -13.065 14.544  10.853  1.00 35.95 ? 1135 HOH A O   1 
HETATM 1523 O O   . HOH E 5 .   ? -12.171 16.233  -4.889  1.00 34.22 ? 1136 HOH A O   1 
HETATM 1524 O O   . HOH E 5 .   ? 16.595  5.457   6.074   1.00 28.07 ? 1137 HOH A O   1 
HETATM 1525 O O   . HOH E 5 .   ? 5.375   -15.755 -10.157 1.00 35.77 ? 1138 HOH A O   1 
HETATM 1526 O O   . HOH E 5 .   ? 2.581   -28.105 -6.434  1.00 47.93 ? 1139 HOH A O   1 
HETATM 1527 O O   . HOH E 5 .   ? 10.336  2.982   7.838   1.00 27.82 ? 1140 HOH A O   1 
HETATM 1528 O O   . HOH E 5 .   ? -7.283  19.610  10.515  1.00 34.91 ? 1141 HOH A O   1 
HETATM 1529 O O   . HOH E 5 .   ? -7.183  9.771   12.907  1.00 40.67 ? 1142 HOH A O   1 
HETATM 1530 O O   . HOH E 5 .   ? 14.332  -16.906 8.134   1.00 40.56 ? 1143 HOH A O   1 
HETATM 1531 O O   . HOH E 5 .   ? 8.393   -20.343 9.235   1.00 33.93 ? 1144 HOH A O   1 
HETATM 1532 O O   . HOH E 5 .   ? -1.353  13.970  -4.802  1.00 34.36 ? 1145 HOH A O   1 
HETATM 1533 O O   . HOH E 5 .   ? -14.065 -4.629  11.393  1.00 41.88 ? 1146 HOH A O   1 
HETATM 1534 O O   . HOH E 5 .   ? 11.345  -7.704  -11.610 1.00 44.15 ? 1147 HOH A O   1 
HETATM 1535 O O   . HOH E 5 .   ? -0.340  1.108   12.076  1.00 33.86 ? 1148 HOH A O   1 
HETATM 1536 O O   . HOH E 5 .   ? 4.839   17.760  7.294   1.00 32.59 ? 1149 HOH A O   1 
HETATM 1537 O O   . HOH E 5 .   ? -7.668  -2.261  15.350  1.00 39.32 ? 1150 HOH A O   1 
HETATM 1538 O O   . HOH E 5 .   ? -4.759  -19.561 10.564  1.00 41.64 ? 1151 HOH A O   1 
HETATM 1539 O O   . HOH E 5 .   ? 4.798   -21.106 10.055  1.00 40.37 ? 1152 HOH A O   1 
HETATM 1540 O O   . HOH E 5 .   ? -12.541 24.455  -6.211  1.00 42.49 ? 1153 HOH A O   1 
HETATM 1541 O O   . HOH E 5 .   ? 10.349  -24.678 -7.626  1.00 48.50 ? 1154 HOH A O   1 
HETATM 1542 O O   . HOH E 5 .   ? 11.787  -10.882 14.664  1.00 49.41 ? 1155 HOH A O   1 
HETATM 1543 O O   . HOH E 5 .   ? 13.397  12.507  -2.825  1.00 41.11 ? 1156 HOH A O   1 
HETATM 1544 O O   . HOH E 5 .   ? 3.428   -16.333 -13.492 1.00 43.53 ? 1157 HOH A O   1 
HETATM 1545 O O   . HOH E 5 .   ? 8.627   -26.494 2.972   1.00 28.47 ? 1158 HOH A O   1 
HETATM 1546 O O   . HOH E 5 .   ? 9.750   -22.391 5.223   1.00 26.87 ? 1159 HOH A O   1 
HETATM 1547 O O   . HOH E 5 .   ? 9.666   -24.977 4.996   1.00 30.47 ? 1160 HOH A O   1 
HETATM 1548 O O   . HOH E 5 .   ? 9.313   -22.165 7.807   1.00 36.83 ? 1161 HOH A O   1 
HETATM 1549 O O   . HOH E 5 .   ? -12.456 22.425  3.826   1.00 24.34 ? 1162 HOH A O   1 
HETATM 1550 O O   . HOH E 5 .   ? -14.358 22.173  5.961   1.00 35.12 ? 1163 HOH A O   1 
HETATM 1551 O O   . HOH E 5 .   ? 9.602   2.503   5.297   1.00 26.60 ? 1164 HOH A O   1 
HETATM 1552 O O   . HOH E 5 .   ? 9.332   -0.503  4.300   1.00 26.05 ? 1165 HOH A O   1 
HETATM 1553 O O   . HOH E 5 .   ? -1.490  15.165  -6.851  1.00 27.13 ? 1166 HOH A O   1 
HETATM 1554 O O   . HOH E 5 .   ? -2.174  12.109  -6.598  1.00 32.34 ? 1167 HOH A O   1 
HETATM 1555 O O   . HOH E 5 .   ? -3.012  6.843   -6.830  1.00 30.47 ? 1168 HOH A O   1 
HETATM 1556 O O   . HOH E 5 .   ? -6.403  2.171   13.460  1.00 41.62 ? 1169 HOH A O   1 
HETATM 1557 O O   . HOH E 5 .   ? -5.475  14.986  11.648  1.00 30.98 ? 1170 HOH A O   1 
HETATM 1558 O O   . HOH E 5 .   ? 13.247  -19.589 8.685   1.00 42.51 ? 1171 HOH A O   1 
HETATM 1559 O O   . HOH E 5 .   ? 4.381   0.998   9.709   1.00 22.57 ? 1172 HOH A O   1 
HETATM 1560 O O   . HOH E 5 .   ? 1.569   -9.390  13.640  1.00 26.13 ? 1173 HOH A O   1 
HETATM 1561 O O   . HOH E 5 .   ? 11.720  17.118  3.557   1.00 24.27 ? 1174 HOH A O   1 
HETATM 1562 O O   . HOH E 5 .   ? 13.436  -6.689  11.842  1.00 37.21 ? 1175 HOH A O   1 
HETATM 1563 O O   . HOH E 5 .   ? -11.812 -14.958 6.764   1.00 22.73 ? 1176 HOH A O   1 
HETATM 1564 O O   . HOH E 5 .   ? -11.122 -18.820 6.759   1.00 35.47 ? 1177 HOH A O   1 
HETATM 1565 O O   . HOH E 5 .   ? -13.844 -16.835 7.548   1.00 26.84 ? 1178 HOH A O   1 
HETATM 1566 O O   . HOH E 5 .   ? 0.777   -4.438  16.971  1.00 36.92 ? 1179 HOH A O   1 
HETATM 1567 O O   . HOH E 5 .   ? 12.921  3.905   7.326   1.00 24.91 ? 1180 HOH A O   1 
HETATM 1568 O O   . HOH E 5 .   ? 13.979  5.910   5.375   1.00 26.13 ? 1181 HOH A O   1 
HETATM 1569 O O   . HOH E 5 .   ? 7.103   -12.337 9.120   1.00 19.32 ? 1182 HOH A O   1 
HETATM 1570 O O   . HOH E 5 .   ? 5.068   -13.546 12.535  1.00 38.23 ? 1183 HOH A O   1 
HETATM 1571 O O   . HOH E 5 .   ? -2.371  -22.105 7.974   1.00 35.04 ? 1184 HOH A O   1 
HETATM 1572 O O   . HOH E 5 .   ? -18.843 -5.099  5.710   1.00 25.47 ? 1185 HOH A O   1 
HETATM 1573 O O   . HOH E 5 .   ? -16.222 16.611  0.415   1.00 32.92 ? 1186 HOH A O   1 
HETATM 1574 O O   . HOH E 5 .   ? -5.744  24.996  -6.279  1.00 35.84 ? 1187 HOH A O   1 
HETATM 1575 O O   . HOH E 5 .   ? -5.456  22.853  -9.762  1.00 31.60 ? 1188 HOH A O   1 
HETATM 1576 O O   . HOH E 5 .   ? -11.288 -2.759  11.336  1.00 30.36 ? 1189 HOH A O   1 
HETATM 1577 O O   . HOH E 5 .   ? -12.600 19.887  -4.355  1.00 26.09 ? 1190 HOH A O   1 
HETATM 1578 O O   . HOH E 5 .   ? -16.217 18.921  -1.588  1.00 35.33 ? 1191 HOH A O   1 
HETATM 1579 O O   . HOH E 5 .   ? -4.729  -16.498 -14.393 1.00 30.98 ? 1192 HOH A O   1 
HETATM 1580 O O   . HOH E 5 .   ? 3.925   -29.320 -3.972  1.00 32.53 ? 1193 HOH A O   1 
HETATM 1581 O O   . HOH E 5 .   ? -0.684  28.194  -3.569  1.00 35.73 ? 1194 HOH A O   1 
HETATM 1582 O O   . HOH E 5 .   ? -3.624  9.984   13.977  1.00 36.99 ? 1195 HOH A O   1 
HETATM 1583 O O   . HOH E 5 .   ? 7.246   -12.090 -11.189 1.00 52.01 ? 1196 HOH A O   1 
HETATM 1584 O O   . HOH E 5 .   ? 5.520   20.133  7.505   1.00 34.39 ? 1197 HOH A O   1 
HETATM 1585 O O   . HOH E 5 .   ? -0.174  26.882  -0.176  1.00 42.32 ? 1198 HOH A O   1 
HETATM 1586 O O   . HOH E 5 .   ? 6.771   -25.994 6.003   1.00 32.20 ? 1199 HOH A O   1 
HETATM 1587 O O   . HOH E 5 .   ? 10.559  -17.149 10.379  1.00 41.13 ? 1200 HOH A O   1 
HETATM 1588 O O   . HOH E 5 .   ? 0.936   6.501   6.935   1.00 18.22 ? 1201 HOH A O   1 
HETATM 1589 O O   . HOH E 5 .   ? 4.288   4.775   -0.783  1.00 31.39 ? 1202 HOH A O   1 
HETATM 1590 O O   . HOH E 5 .   ? -12.259 3.692   10.880  1.00 36.03 ? 1203 HOH A O   1 
HETATM 1591 O O   . HOH E 5 .   ? -10.701 3.261   12.741  1.00 40.03 ? 1204 HOH A O   1 
HETATM 1592 O O   . HOH E 5 .   ? -11.372 18.297  9.795   1.00 41.11 ? 1205 HOH A O   1 
HETATM 1593 O O   . HOH E 5 .   ? 11.428  -0.931  0.764   1.00 48.55 ? 1206 HOH A O   1 
HETATM 1594 O O   . HOH E 5 .   ? 3.615   -5.678  -17.811 1.00 41.62 ? 1207 HOH A O   1 
HETATM 1595 O O   . HOH E 5 .   ? -5.908  5.941   13.902  1.00 42.46 ? 1208 HOH A O   1 
HETATM 1596 O O   . HOH E 5 .   ? -14.512 0.552   -5.232  1.00 39.74 ? 1209 HOH A O   1 
HETATM 1597 O O   . HOH E 5 .   ? -19.494 15.446  -0.999  1.00 31.61 ? 1210 HOH A O   1 
HETATM 1598 O O   . HOH E 5 .   ? 2.158   -21.369 -13.297 1.00 43.05 ? 1211 HOH A O   1 
HETATM 1599 O O   . HOH E 5 .   ? 4.343   -1.086  15.959  1.00 36.17 ? 1212 HOH A O   1 
HETATM 1600 O O   . HOH E 5 .   ? -12.961 21.929  8.169   1.00 35.88 ? 1213 HOH A O   1 
HETATM 1601 O O   . HOH E 5 .   ? -14.856 22.873  0.036   1.00 43.12 ? 1214 HOH A O   1 
HETATM 1602 O O   . HOH E 5 .   ? -8.859  25.905  3.754   1.00 41.82 ? 1215 HOH A O   1 
HETATM 1603 O O   . HOH E 5 .   ? 3.321   -6.252  17.946  1.00 41.96 ? 1216 HOH A O   1 
HETATM 1604 O O   . HOH E 5 .   ? 2.866   21.375  6.571   1.00 37.56 ? 1217 HOH A O   1 
HETATM 1605 O O   . HOH E 5 .   ? 8.302   2.014   1.314   1.00 38.14 ? 1218 HOH A O   1 
HETATM 1606 O O   . HOH E 5 .   ? -5.266  -13.051 16.120  1.00 40.92 ? 1219 HOH A O   1 
HETATM 1607 O O   . HOH E 5 .   ? 13.573  -10.863 8.545   1.00 46.25 ? 1220 HOH A O   1 
HETATM 1608 O O   . HOH E 5 .   ? 14.789  -12.886 7.659   1.00 36.88 ? 1221 HOH A O   1 
HETATM 1609 O O   . HOH E 5 .   ? 18.736  -12.930 4.917   1.00 29.18 ? 1222 HOH A O   1 
HETATM 1610 O O   . HOH E 5 .   ? 17.359  -13.906 6.749   1.00 46.74 ? 1223 HOH A O   1 
HETATM 1611 O O   . HOH E 5 .   ? 7.010   13.371  -7.583  1.00 35.22 ? 1224 HOH A O   1 
HETATM 1612 O O   . HOH E 5 .   ? 5.629   16.571  -8.425  1.00 26.72 ? 1225 HOH A O   1 
HETATM 1613 O O   . HOH E 5 .   ? 7.983   17.931  -9.627  1.00 36.28 ? 1226 HOH A O   1 
HETATM 1614 O O   . HOH E 5 .   ? 10.164  -21.443 -5.512  1.00 36.41 ? 1227 HOH A O   1 
HETATM 1615 O O   . HOH E 5 .   ? 18.040  -6.418  12.278  1.00 29.99 ? 1228 HOH A O   1 
HETATM 1616 O O   . HOH E 5 .   ? 13.524  -21.432 6.091   1.00 36.64 ? 1229 HOH A O   1 
HETATM 1617 O O   . HOH E 5 .   ? 8.727   -9.852  -10.476 1.00 39.23 ? 1230 HOH A O   1 
HETATM 1618 O O   . HOH E 5 .   ? 13.624  -5.937  -11.620 1.00 35.61 ? 1231 HOH A O   1 
HETATM 1619 O O   . HOH E 5 .   ? 7.769   -7.765  -9.422  1.00 37.27 ? 1232 HOH A O   1 
HETATM 1620 O O   . HOH E 5 .   ? -3.037  15.548  11.563  1.00 36.63 ? 1233 HOH A O   1 
HETATM 1621 O O   . HOH E 5 .   ? -2.838  13.616  13.125  1.00 40.90 ? 1234 HOH A O   1 
HETATM 1622 O O   . HOH E 5 .   ? 19.777  -19.937 3.986   1.00 43.41 ? 1235 HOH A O   1 
HETATM 1623 O O   . HOH E 5 .   ? -18.039 -4.658  11.954  1.00 50.24 ? 1236 HOH A O   1 
HETATM 1624 O O   . HOH E 5 .   ? -16.258 -6.406  10.984  1.00 36.35 ? 1237 HOH A O   1 
HETATM 1625 O O   . HOH E 5 .   ? -5.879  -4.180  15.304  1.00 45.54 ? 1238 HOH A O   1 
HETATM 1626 O O   . HOH E 5 .   ? -3.673  -4.667  14.455  1.00 32.59 ? 1239 HOH A O   1 
HETATM 1627 O O   . HOH E 5 .   ? 1.637   -21.742 8.491   1.00 29.75 ? 1240 HOH A O   1 
HETATM 1628 O O   . HOH E 5 .   ? -12.613 -12.044 4.475   1.00 39.71 ? 1241 HOH A O   1 
HETATM 1629 O O   . HOH E 5 .   ? -8.316  -14.506 -13.732 1.00 39.23 ? 1242 HOH A O   1 
HETATM 1630 O O   . HOH E 5 .   ? 2.066   4.737   -1.898  1.00 29.59 ? 1243 HOH A O   1 
HETATM 1631 O O   . HOH E 5 .   ? 1.708   5.657   0.621   1.00 21.80 ? 1244 HOH A O   1 
HETATM 1632 O O   . HOH E 5 .   ? -0.602  4.592   -1.745  1.00 37.74 ? 1245 HOH A O   1 
HETATM 1633 O O   . HOH E 5 .   ? -1.315  3.423   -4.129  1.00 34.01 ? 1246 HOH A O   1 
HETATM 1634 O O   . HOH E 5 .   ? -1.520  -21.343 10.583  1.00 40.59 ? 1247 HOH A O   1 
HETATM 1635 O O   . HOH E 5 .   ? -9.849  -20.257 4.134   1.00 36.75 ? 1248 HOH A O   1 
HETATM 1636 O O   . HOH E 5 .   ? 14.566  16.584  3.768   1.00 44.29 ? 1249 HOH A O   1 
HETATM 1637 O O   . HOH E 5 .   ? 5.273   -28.549 -6.104  1.00 33.19 ? 1250 HOH A O   1 
HETATM 1638 O O   . HOH E 5 .   ? 2.483   27.005  -1.134  1.00 43.73 ? 1251 HOH A O   1 
HETATM 1639 O O   . HOH E 5 .   ? 2.935   3.712   6.315   1.00 34.56 ? 1252 HOH A O   1 
HETATM 1640 O O   . HOH E 5 .   ? 1.495   4.126   9.361   1.00 38.69 ? 1253 HOH A O   1 
HETATM 1641 O O   . HOH E 5 .   ? 11.859  13.810  0.465   1.00 39.13 ? 1254 HOH A O   1 
HETATM 1642 O O   . HOH E 5 .   ? -18.350 7.462   5.973   1.00 40.77 ? 1255 HOH A O   1 
HETATM 1643 O O   . HOH E 5 .   ? -13.406 22.389  -4.548  1.00 41.76 ? 1256 HOH A O   1 
HETATM 1644 O O   . HOH E 5 .   ? -6.702  17.240  12.187  1.00 33.85 ? 1257 HOH A O   1 
HETATM 1645 O O   . HOH E 5 .   ? -10.565 16.921  12.407  1.00 52.04 ? 1258 HOH A O   1 
HETATM 1646 O O   . HOH E 5 .   ? -8.781  13.139  12.102  1.00 42.33 ? 1259 HOH A O   1 
HETATM 1647 O O   . HOH E 5 .   ? 7.654   -13.182 13.420  1.00 43.04 ? 1260 HOH A O   1 
HETATM 1648 O O   . HOH E 5 .   ? -3.199  2.369   -11.694 1.00 35.68 ? 1261 HOH A O   1 
HETATM 1649 O O   . HOH E 5 .   ? -0.820  0.702   -14.728 1.00 38.60 ? 1262 HOH A O   1 
HETATM 1650 O O   . HOH E 5 .   ? -3.466  1.219   -14.351 1.00 36.58 ? 1263 HOH A O   1 
HETATM 1651 O O   . HOH E 5 .   ? -2.687  3.916   -5.948  1.00 32.11 ? 1264 HOH A O   1 
HETATM 1652 O O   . HOH E 5 .   ? -21.816 16.638  -0.814  1.00 36.37 ? 1265 HOH A O   1 
HETATM 1653 O O   . HOH E 5 .   ? 9.224   -0.449  1.780   1.00 38.37 ? 1266 HOH A O   1 
HETATM 1654 O O   . HOH E 5 .   ? -8.705  -11.476 -16.974 1.00 42.59 ? 1267 HOH A O   1 
HETATM 1655 O O   . HOH E 5 .   ? 16.046  -17.598 3.425   1.00 37.02 ? 1268 HOH A O   1 
HETATM 1656 O O   . HOH E 5 .   ? -15.686 22.356  -10.575 1.00 45.51 ? 1269 HOH A O   1 
HETATM 1657 O O   . HOH E 5 .   ? -7.704  26.811  -7.570  1.00 38.47 ? 1270 HOH A O   1 
HETATM 1658 O O   A HOH E 5 .   ? -5.341  26.033  6.138   0.50 29.61 ? 1271 HOH A O   1 
HETATM 1659 O O   B HOH E 5 .   ? -4.045  27.287  6.175   0.50 31.08 ? 1271 HOH A O   1 
HETATM 1660 O O   . HOH E 5 .   ? -1.213  -7.782  -17.464 1.00 40.88 ? 1272 HOH A O   1 
HETATM 1661 O O   . HOH E 5 .   ? 0.702   -11.962 -17.673 1.00 42.48 ? 1273 HOH A O   1 
HETATM 1662 O O   . HOH E 5 .   ? -2.411  -13.190 -16.713 1.00 40.78 ? 1274 HOH A O   1 
HETATM 1663 O O   . HOH E 5 .   ? 11.401  -3.071  -2.059  1.00 34.99 ? 1275 HOH A O   1 
# 
